data_2XSZ
#
_entry.id   2XSZ
#
_cell.length_a   111.824
_cell.length_b   187.925
_cell.length_c   244.889
_cell.angle_alpha   90.00
_cell.angle_beta   90.00
_cell.angle_gamma   90.00
#
_symmetry.space_group_name_H-M   'C 2 2 21'
#
loop_
_entity.id
_entity.type
_entity.pdbx_description
1 polymer 'RUVB-LIKE 1'
2 polymer 'RUVB-LIKE 2'
3 non-polymer "ADENOSINE-5'-TRIPHOSPHATE"
#
loop_
_entity_poly.entity_id
_entity_poly.type
_entity_poly.pdbx_seq_one_letter_code
_entity_poly.pdbx_strand_id
1 'polypeptide(L)'
;(MSE)VHHHHHHLLVPRGSKIEEVKSTTKTQRIASHSHVKGLGLDESGLAKQAASGLVGQENAREACGVIVELIKSKK
(MSE)AGRAVLLAGPPGTGKTALALAIAQELGSKVPFCP(MSE)VGSEVYSTEIKKTEVL(MSE)ENFRRAIGLRIKEGP
PGIIQDVTLHDLDVANARPQGGQDILS(MSE)(MSE)GQL(MSE)KPKKTEITDKLRGEINKVVNKYIDQGIAELVPGVL
FVDEVH(MSE)LDIECFTYLHRALESSIAPIVIFASNRGNCVIRGTEDITSPHGIPLDLLDRV(MSE)IIRT(MSE)LYT
PQE(MSE)KQIIKIRAQTEGINISEEALNHLGEIGTKTTLRYSVQLLTPANLLAKINGKDSIEKEHVEEISELFYDAKSS
AKILADQQDKY(MSE)K
;
A,B,C
2 'polypeptide(L)'
;(MSE)DYKDDDDKENLYFQGATVTATTKVPEIRDVTRIERIGAHSHIRGLGLDDALEPRQASQG(MSE)VGQLAARRAAG
VVLE(MSE)IREGKIAGRAVLIAGQPGTGKTAIA(MSE)G(MSE)AQALGPDTPFTAIAGSEIFSLE(MSE)SKTEALTQ
AFRRSIGVRIKEGPPGVVHTVSLHEIDVINSRTQGFLALFSGDTGEIKSEVREQINAKVAEWREEGKAEIIPGVLFIDEV
H(MSE)LDIESFSFLNRALESD(MSE)APVLI(MSE)ATNRGITRIRGTSYQSPHGIPIDLLDRLLIVSTTPYSEKDTKQ
ILRIRCEEEDVE(MSE)SEDAYTVLTRIGLETSLRYAIQLITAASLVCRKRKGTEVQVDDIKRVYSLFLDESRSTQY
(MSE)KEYQDAFLFNELKGET(MSE)DTS
;
D,E,F
#
loop_
_chem_comp.id
_chem_comp.type
_chem_comp.name
_chem_comp.formula
ATP non-polymer ADENOSINE-5'-TRIPHOSPHATE 'C10 H16 N5 O13 P3'
#
# COMPACT_ATOMS: atom_id res chain seq x y z
N GLU A 19 -42.59 23.45 12.51
CA GLU A 19 -43.29 22.82 11.39
C GLU A 19 -42.93 21.34 11.19
N VAL A 20 -41.62 20.98 11.40
CA VAL A 20 -40.96 19.64 11.27
C VAL A 20 -41.08 19.00 9.85
N LYS A 21 -40.17 18.06 9.53
CA LYS A 21 -40.19 17.31 8.27
C LYS A 21 -39.89 15.82 8.49
N SER A 22 -39.05 15.49 9.51
CA SER A 22 -38.60 14.14 9.90
C SER A 22 -37.76 13.42 8.84
N THR A 23 -36.43 13.43 9.05
CA THR A 23 -35.40 12.82 8.20
C THR A 23 -35.33 11.30 8.35
N THR A 24 -35.81 10.79 9.51
CA THR A 24 -35.86 9.40 9.94
C THR A 24 -35.91 8.38 8.80
N LYS A 25 -34.93 7.45 8.78
CA LYS A 25 -34.84 6.38 7.77
C LYS A 25 -35.71 5.23 8.28
N THR A 26 -37.02 5.31 7.98
CA THR A 26 -38.04 4.37 8.43
C THR A 26 -37.85 2.92 8.01
N GLN A 27 -37.25 2.68 6.80
CA GLN A 27 -36.98 1.33 6.28
C GLN A 27 -36.17 0.48 7.27
N ARG A 28 -35.27 1.13 8.03
CA ARG A 28 -34.39 0.54 9.04
C ARG A 28 -35.17 -0.02 10.22
N ILE A 29 -35.81 0.87 11.00
CA ILE A 29 -36.62 0.57 12.18
C ILE A 29 -37.93 -0.20 11.89
N ALA A 30 -38.27 -0.38 10.59
CA ALA A 30 -39.50 -1.04 10.12
C ALA A 30 -39.65 -2.46 10.61
N SER A 31 -38.53 -3.18 10.74
CA SER A 31 -38.50 -4.56 11.19
C SER A 31 -38.77 -4.69 12.70
N HIS A 32 -38.69 -3.55 13.43
CA HIS A 32 -38.87 -3.50 14.89
C HIS A 32 -40.09 -2.70 15.32
N SER A 33 -41.03 -2.43 14.39
CA SER A 33 -42.28 -1.71 14.66
C SER A 33 -43.02 -2.20 15.93
N HIS A 34 -42.84 -3.49 16.28
CA HIS A 34 -43.44 -4.17 17.42
C HIS A 34 -42.75 -3.92 18.77
N VAL A 35 -41.46 -3.50 18.76
CA VAL A 35 -40.63 -3.26 19.97
C VAL A 35 -41.05 -1.94 20.58
N LYS A 36 -41.73 -1.99 21.74
CA LYS A 36 -42.29 -0.82 22.44
C LYS A 36 -41.63 -0.46 23.76
N GLY A 37 -40.68 -1.30 24.17
CA GLY A 37 -39.90 -1.15 25.40
C GLY A 37 -39.22 -2.44 25.79
N LEU A 38 -38.63 -2.48 27.00
CA LEU A 38 -37.92 -3.66 27.50
C LEU A 38 -38.79 -4.74 28.17
N GLY A 39 -40.03 -4.38 28.54
CA GLY A 39 -40.97 -5.29 29.15
C GLY A 39 -40.50 -5.85 30.48
N LEU A 40 -39.94 -4.98 31.33
CA LEU A 40 -39.45 -5.37 32.64
C LEU A 40 -40.50 -5.08 33.68
N ASP A 41 -40.46 -5.83 34.80
CA ASP A 41 -41.42 -5.60 35.88
C ASP A 41 -40.92 -4.49 36.79
N GLU A 42 -41.78 -4.04 37.72
CA GLU A 42 -41.53 -2.98 38.70
C GLU A 42 -40.13 -3.04 39.32
N SER A 43 -39.68 -4.26 39.69
CA SER A 43 -38.36 -4.52 40.28
C SER A 43 -37.20 -4.33 39.27
N GLY A 44 -37.40 -4.83 38.06
CA GLY A 44 -36.42 -4.73 36.99
C GLY A 44 -36.13 -6.06 36.32
N LEU A 45 -36.96 -7.07 36.60
CA LEU A 45 -36.81 -8.39 35.99
C LEU A 45 -37.64 -8.48 34.73
N ALA A 46 -37.15 -9.21 33.72
CA ALA A 46 -37.85 -9.35 32.46
C ALA A 46 -38.97 -10.38 32.53
N LYS A 47 -40.02 -10.17 31.72
CA LYS A 47 -41.17 -11.09 31.59
C LYS A 47 -40.95 -11.86 30.29
N GLN A 48 -41.34 -13.17 30.21
CA GLN A 48 -41.16 -13.99 28.99
C GLN A 48 -41.48 -13.18 27.72
N ALA A 49 -42.67 -12.60 27.66
CA ALA A 49 -43.11 -11.76 26.58
C ALA A 49 -43.81 -10.53 27.17
N ALA A 50 -43.29 -9.34 26.83
CA ALA A 50 -43.80 -8.04 27.27
C ALA A 50 -43.16 -6.91 26.45
N SER A 51 -43.93 -5.83 26.20
CA SER A 51 -43.56 -4.63 25.43
C SER A 51 -43.08 -4.93 23.98
N GLY A 52 -43.43 -6.11 23.48
CA GLY A 52 -43.04 -6.55 22.14
C GLY A 52 -41.89 -7.52 22.14
N LEU A 53 -41.13 -7.55 23.24
CA LEU A 53 -39.97 -8.42 23.41
C LEU A 53 -40.33 -9.79 23.96
N VAL A 54 -39.71 -10.84 23.38
CA VAL A 54 -39.85 -12.24 23.75
C VAL A 54 -38.48 -12.77 24.17
N GLY A 55 -38.44 -13.52 25.26
CA GLY A 55 -37.22 -14.12 25.78
C GLY A 55 -36.11 -13.11 25.95
N GLN A 56 -34.83 -13.53 25.74
CA GLN A 56 -33.66 -12.64 25.86
C GLN A 56 -33.74 -11.85 27.18
N GLU A 57 -34.18 -12.53 28.25
CA GLU A 57 -34.44 -11.97 29.57
C GLU A 57 -33.24 -11.32 30.22
N ASN A 58 -32.08 -11.99 30.16
CA ASN A 58 -30.91 -11.46 30.82
C ASN A 58 -30.37 -10.19 30.16
N ALA A 59 -30.33 -10.19 28.83
CA ALA A 59 -29.87 -9.01 28.10
C ALA A 59 -30.83 -7.85 28.36
N ARG A 60 -32.15 -8.15 28.42
CA ARG A 60 -33.20 -7.16 28.69
C ARG A 60 -33.02 -6.54 30.07
N GLU A 61 -32.74 -7.37 31.09
CA GLU A 61 -32.52 -6.92 32.47
C GLU A 61 -31.29 -5.98 32.56
N ALA A 62 -30.22 -6.33 31.82
CA ALA A 62 -28.96 -5.58 31.73
C ALA A 62 -29.20 -4.22 31.06
N CYS A 63 -30.08 -4.17 30.05
CA CYS A 63 -30.45 -2.94 29.36
C CYS A 63 -31.23 -2.04 30.32
N GLY A 64 -32.01 -2.66 31.19
CA GLY A 64 -32.78 -1.98 32.22
C GLY A 64 -31.90 -1.15 33.14
N VAL A 65 -30.76 -1.74 33.57
CA VAL A 65 -29.75 -1.10 34.40
C VAL A 65 -29.16 0.06 33.59
N ILE A 66 -28.76 -0.19 32.32
CA ILE A 66 -28.25 0.85 31.42
C ILE A 66 -29.23 2.03 31.36
N VAL A 67 -30.54 1.75 31.23
CA VAL A 67 -31.59 2.78 31.18
C VAL A 67 -31.58 3.64 32.44
N GLU A 68 -31.57 3.00 33.63
CA GLU A 68 -31.52 3.71 34.91
C GLU A 68 -30.24 4.51 35.08
N LEU A 69 -29.09 3.97 34.61
CA LEU A 69 -27.80 4.66 34.67
C LEU A 69 -27.80 5.93 33.79
N ILE A 70 -28.44 5.87 32.60
CA ILE A 70 -28.56 7.00 31.69
C ILE A 70 -29.42 8.08 32.37
N LYS A 71 -30.55 7.67 32.96
CA LYS A 71 -31.50 8.51 33.67
C LYS A 71 -30.92 9.10 34.96
N SER A 72 -29.99 8.38 35.61
CA SER A 72 -29.33 8.81 36.85
C SER A 72 -28.04 9.58 36.59
N LYS A 73 -27.76 9.89 35.31
CA LYS A 73 -26.57 10.60 34.81
C LYS A 73 -25.24 9.89 35.18
N LYS A 74 -25.31 8.55 35.40
CA LYS A 74 -24.19 7.70 35.79
C LYS A 74 -23.47 7.03 34.61
N MSE A 75 -23.92 7.31 33.36
CA MSE A 75 -23.29 6.80 32.14
C MSE A 75 -22.21 7.80 31.69
O MSE A 75 -21.99 8.00 30.49
CB MSE A 75 -24.32 6.54 31.02
CG MSE A 75 -25.08 5.23 31.18
SE MSE A 75 -23.96 3.62 31.23
CE MSE A 75 -23.56 3.49 29.36
N ALA A 76 -21.54 8.41 32.67
CA ALA A 76 -20.50 9.40 32.48
C ALA A 76 -19.38 8.85 31.61
N GLY A 77 -19.40 9.27 30.34
CA GLY A 77 -18.44 8.86 29.32
C GLY A 77 -18.48 7.41 28.90
N ARG A 78 -19.44 6.62 29.45
CA ARG A 78 -19.57 5.20 29.15
C ARG A 78 -20.40 4.91 27.92
N ALA A 79 -20.07 3.83 27.20
CA ALA A 79 -20.82 3.36 26.02
C ALA A 79 -21.27 1.91 26.28
N VAL A 80 -22.03 1.29 25.34
CA VAL A 80 -22.54 -0.07 25.51
C VAL A 80 -22.19 -0.93 24.29
N LEU A 81 -21.91 -2.21 24.52
CA LEU A 81 -21.70 -3.16 23.44
C LEU A 81 -22.60 -4.38 23.65
N LEU A 82 -23.46 -4.64 22.67
CA LEU A 82 -24.30 -5.81 22.69
C LEU A 82 -23.56 -6.82 21.84
N ALA A 83 -22.96 -7.84 22.49
CA ALA A 83 -22.16 -8.87 21.83
C ALA A 83 -23.01 -10.12 21.69
N GLY A 84 -23.31 -10.53 20.46
CA GLY A 84 -24.13 -11.70 20.24
C GLY A 84 -24.25 -12.14 18.79
N PRO A 85 -24.77 -13.37 18.51
CA PRO A 85 -24.87 -13.83 17.11
C PRO A 85 -25.91 -13.06 16.32
N PRO A 86 -25.81 -13.02 14.96
CA PRO A 86 -26.82 -12.27 14.19
C PRO A 86 -28.23 -12.80 14.37
N GLY A 87 -29.18 -11.88 14.43
CA GLY A 87 -30.60 -12.19 14.59
C GLY A 87 -30.93 -12.62 16.00
N THR A 88 -30.32 -11.94 17.02
CA THR A 88 -30.55 -12.17 18.46
C THR A 88 -31.08 -10.90 19.16
N GLY A 89 -31.63 -9.99 18.37
CA GLY A 89 -32.22 -8.75 18.85
C GLY A 89 -31.29 -7.72 19.43
N LYS A 90 -30.04 -7.64 18.95
CA LYS A 90 -29.11 -6.60 19.44
C LYS A 90 -29.67 -5.21 19.10
N THR A 91 -30.20 -5.07 17.83
CA THR A 91 -30.82 -3.85 17.30
C THR A 91 -32.13 -3.60 18.02
N ALA A 92 -32.98 -4.66 18.15
CA ALA A 92 -34.27 -4.60 18.82
C ALA A 92 -34.10 -4.07 20.25
N LEU A 93 -33.05 -4.54 20.98
CA LEU A 93 -32.72 -4.09 22.34
C LEU A 93 -32.29 -2.64 22.38
N ALA A 94 -31.42 -2.22 21.43
CA ALA A 94 -30.94 -0.84 21.32
C ALA A 94 -32.10 0.12 21.04
N LEU A 95 -33.12 -0.35 20.29
CA LEU A 95 -34.31 0.43 19.99
C LEU A 95 -35.18 0.50 21.26
N ALA A 96 -35.28 -0.63 22.00
CA ALA A 96 -36.06 -0.74 23.24
C ALA A 96 -35.47 0.18 24.32
N ILE A 97 -34.14 0.34 24.34
CA ILE A 97 -33.44 1.25 25.26
C ILE A 97 -33.94 2.66 24.96
N ALA A 98 -33.97 3.06 23.69
CA ALA A 98 -34.46 4.37 23.25
C ALA A 98 -35.94 4.57 23.62
N GLN A 99 -36.75 3.49 23.51
CA GLN A 99 -38.18 3.48 23.85
C GLN A 99 -38.40 3.74 25.33
N GLU A 100 -37.60 3.06 26.18
CA GLU A 100 -37.60 3.15 27.63
C GLU A 100 -37.08 4.48 28.15
N LEU A 101 -36.27 5.20 27.35
CA LEU A 101 -35.77 6.52 27.76
C LEU A 101 -36.86 7.60 27.71
N GLY A 102 -38.00 7.21 27.14
CA GLY A 102 -39.20 8.01 26.92
C GLY A 102 -39.52 7.95 25.44
N SER A 103 -40.82 7.78 25.07
CA SER A 103 -41.15 7.75 23.64
C SER A 103 -41.07 9.17 23.05
N LYS A 104 -40.34 9.26 21.91
CA LYS A 104 -39.93 10.40 21.08
C LYS A 104 -38.46 10.79 21.35
N VAL A 105 -37.68 9.82 21.86
CA VAL A 105 -36.23 9.91 22.09
C VAL A 105 -35.60 9.36 20.80
N PRO A 106 -34.67 10.11 20.15
CA PRO A 106 -34.12 9.64 18.86
C PRO A 106 -33.38 8.33 18.94
N PHE A 107 -33.46 7.55 17.88
CA PHE A 107 -32.75 6.30 17.74
C PHE A 107 -32.21 6.29 16.34
N CYS A 108 -30.88 6.24 16.21
CA CYS A 108 -30.21 6.26 14.93
C CYS A 108 -29.39 5.00 14.67
N PRO A 109 -29.99 4.00 13.98
CA PRO A 109 -29.25 2.77 13.67
C PRO A 109 -28.37 2.95 12.44
N MSE A 110 -27.12 2.51 12.55
CA MSE A 110 -26.15 2.63 11.47
C MSE A 110 -25.24 1.42 11.43
O MSE A 110 -25.20 0.64 12.38
CB MSE A 110 -25.36 3.94 11.58
CG MSE A 110 -24.36 3.95 12.73
SE MSE A 110 -22.89 5.21 12.45
CE MSE A 110 -22.00 4.47 10.83
N VAL A 111 -24.51 1.26 10.30
CA VAL A 111 -23.57 0.17 10.08
C VAL A 111 -22.18 0.78 9.92
N GLY A 112 -21.19 0.23 10.64
CA GLY A 112 -19.80 0.65 10.58
C GLY A 112 -19.27 0.93 9.18
N SER A 113 -19.70 0.14 8.18
CA SER A 113 -19.30 0.32 6.79
C SER A 113 -19.85 1.59 6.10
N GLU A 114 -20.83 2.29 6.71
CA GLU A 114 -21.44 3.52 6.19
C GLU A 114 -20.44 4.64 6.03
N VAL A 115 -19.39 4.66 6.87
CA VAL A 115 -18.35 5.68 6.86
C VAL A 115 -17.52 5.66 5.58
N TYR A 116 -17.43 4.47 4.93
CA TYR A 116 -16.70 4.28 3.68
C TYR A 116 -17.52 4.61 2.46
N SER A 117 -17.43 5.89 2.04
CA SER A 117 -18.11 6.42 0.86
C SER A 117 -17.10 7.21 0.06
N THR A 118 -17.23 7.20 -1.27
CA THR A 118 -16.29 7.95 -2.10
C THR A 118 -16.64 9.45 -2.14
N GLU A 119 -17.94 9.78 -2.21
CA GLU A 119 -18.36 11.17 -2.27
C GLU A 119 -18.55 11.88 -0.93
N ILE A 120 -18.67 11.14 0.18
CA ILE A 120 -18.85 11.75 1.52
C ILE A 120 -17.78 11.34 2.56
N LYS A 121 -17.12 12.36 3.20
CA LYS A 121 -16.08 12.21 4.24
C LYS A 121 -16.57 11.42 5.45
N LYS A 122 -15.68 10.62 6.08
CA LYS A 122 -15.98 9.78 7.26
C LYS A 122 -16.64 10.61 8.36
N THR A 123 -16.07 11.80 8.65
CA THR A 123 -16.51 12.76 9.67
C THR A 123 -17.93 13.21 9.40
N GLU A 124 -18.28 13.41 8.11
CA GLU A 124 -19.61 13.86 7.69
C GLU A 124 -20.69 12.80 7.87
N VAL A 125 -20.32 11.50 7.70
CA VAL A 125 -21.22 10.36 7.88
C VAL A 125 -21.54 10.28 9.37
N LEU A 126 -20.50 10.42 10.21
CA LEU A 126 -20.58 10.34 11.67
C LEU A 126 -21.28 11.54 12.29
N MSE A 127 -20.96 12.77 11.84
CA MSE A 127 -21.59 13.98 12.35
C MSE A 127 -23.09 13.93 12.06
O MSE A 127 -23.86 14.17 12.99
CB MSE A 127 -20.91 15.25 11.79
CG MSE A 127 -21.44 16.58 12.37
SE MSE A 127 -21.50 16.74 14.35
CE MSE A 127 -21.88 18.73 14.52
N GLU A 128 -23.50 13.53 10.84
CA GLU A 128 -24.93 13.40 10.50
C GLU A 128 -25.65 12.41 11.44
N ASN A 129 -25.10 11.20 11.62
CA ASN A 129 -25.67 10.17 12.49
C ASN A 129 -25.74 10.59 13.97
N PHE A 130 -24.79 11.41 14.44
CA PHE A 130 -24.79 11.94 15.80
C PHE A 130 -25.91 12.96 15.94
N ARG A 131 -26.04 13.87 14.94
CA ARG A 131 -27.08 14.91 14.85
C ARG A 131 -28.47 14.26 14.72
N ARG A 132 -28.53 13.09 14.05
CA ARG A 132 -29.74 12.28 13.88
C ARG A 132 -30.13 11.62 15.22
N ALA A 133 -29.17 11.50 16.16
CA ALA A 133 -29.37 10.88 17.47
C ALA A 133 -29.60 11.88 18.62
N ILE A 134 -29.49 13.19 18.38
CA ILE A 134 -29.77 14.19 19.42
C ILE A 134 -30.98 15.02 19.00
N GLY A 135 -32.02 14.96 19.84
CA GLY A 135 -33.28 15.63 19.56
C GLY A 135 -33.59 16.86 20.39
N LEU A 136 -34.73 17.49 20.07
CA LEU A 136 -35.26 18.69 20.71
C LEU A 136 -36.76 18.55 20.97
N ARG A 137 -37.22 19.05 22.12
CA ARG A 137 -38.62 19.06 22.51
C ARG A 137 -39.02 20.53 22.63
N ILE A 138 -39.91 21.03 21.74
CA ILE A 138 -40.33 22.43 21.78
C ILE A 138 -41.69 22.57 22.47
N ILE A 146 -46.63 19.69 21.57
CA ILE A 146 -45.18 19.62 21.76
C ILE A 146 -44.49 19.05 20.52
N GLN A 147 -43.61 19.85 19.88
CA GLN A 147 -42.87 19.46 18.68
C GLN A 147 -41.61 18.68 19.05
N ASP A 148 -41.44 17.51 18.42
CA ASP A 148 -40.29 16.63 18.63
C ASP A 148 -39.45 16.53 17.35
N VAL A 149 -38.34 17.28 17.34
CA VAL A 149 -37.42 17.43 16.22
C VAL A 149 -36.03 16.91 16.61
N THR A 150 -35.27 16.37 15.64
CA THR A 150 -33.87 15.95 15.87
C THR A 150 -32.99 17.06 15.30
N LEU A 151 -31.73 17.15 15.76
CA LEU A 151 -30.79 18.17 15.27
C LEU A 151 -30.54 18.08 13.77
N HIS A 152 -30.70 16.88 13.18
CA HIS A 152 -30.55 16.68 11.75
C HIS A 152 -31.76 17.16 10.94
N ASP A 153 -32.99 17.04 11.49
CA ASP A 153 -34.23 17.52 10.84
C ASP A 153 -34.12 19.03 10.64
N LEU A 154 -33.50 19.74 11.62
CA LEU A 154 -33.26 21.18 11.61
C LEU A 154 -32.22 21.54 10.54
N ASP A 155 -31.24 20.65 10.31
CA ASP A 155 -30.18 20.86 9.31
C ASP A 155 -30.75 20.88 7.91
N VAL A 156 -31.65 19.92 7.59
CA VAL A 156 -32.28 19.82 6.26
C VAL A 156 -33.33 20.91 6.02
N ALA A 157 -34.03 21.34 7.09
CA ALA A 157 -35.05 22.39 7.06
C ALA A 157 -34.44 23.69 6.58
N ASN A 158 -33.19 23.99 7.02
CA ASN A 158 -32.42 25.17 6.62
C ASN A 158 -31.85 25.02 5.20
N ALA A 159 -31.81 23.78 4.68
CA ALA A 159 -31.30 23.45 3.33
C ALA A 159 -32.40 23.15 2.27
N ARG A 160 -33.70 23.10 2.68
CA ARG A 160 -34.82 22.79 1.79
C ARG A 160 -35.89 23.87 1.73
N THR A 180 -28.60 24.81 -0.19
CA THR A 180 -27.63 24.18 -1.10
C THR A 180 -27.21 22.80 -0.57
N GLU A 181 -26.25 22.76 0.38
CA GLU A 181 -25.77 21.53 1.03
C GLU A 181 -25.42 21.77 2.50
N ILE A 182 -25.66 20.75 3.36
CA ILE A 182 -25.43 20.81 4.81
C ILE A 182 -23.95 20.96 5.17
N THR A 183 -23.50 22.22 5.16
CA THR A 183 -22.13 22.62 5.49
C THR A 183 -21.99 22.76 7.01
N ASP A 184 -20.75 22.78 7.52
CA ASP A 184 -20.51 22.97 8.96
C ASP A 184 -20.74 24.43 9.39
N LYS A 185 -20.86 25.34 8.40
CA LYS A 185 -21.17 26.76 8.59
C LYS A 185 -22.68 26.86 8.90
N LEU A 186 -23.50 26.01 8.24
CA LEU A 186 -24.95 25.94 8.44
C LEU A 186 -25.24 25.34 9.82
N ARG A 187 -24.39 24.37 10.24
CA ARG A 187 -24.45 23.68 11.54
C ARG A 187 -24.23 24.65 12.72
N GLY A 188 -23.32 25.61 12.51
CA GLY A 188 -23.00 26.65 13.49
C GLY A 188 -24.17 27.59 13.76
N GLU A 189 -24.98 27.86 12.70
CA GLU A 189 -26.18 28.72 12.75
C GLU A 189 -27.28 28.06 13.60
N ILE A 190 -27.58 26.77 13.32
CA ILE A 190 -28.57 25.95 14.04
C ILE A 190 -28.17 25.83 15.51
N ASN A 191 -26.88 25.51 15.79
CA ASN A 191 -26.32 25.37 17.14
C ASN A 191 -26.48 26.61 18.00
N LYS A 192 -26.37 27.81 17.39
CA LYS A 192 -26.55 29.09 18.09
C LYS A 192 -28.05 29.31 18.38
N VAL A 193 -28.92 29.02 17.38
CA VAL A 193 -30.38 29.13 17.46
C VAL A 193 -30.91 28.21 18.57
N VAL A 194 -30.54 26.90 18.52
CA VAL A 194 -30.91 25.85 19.48
C VAL A 194 -30.48 26.23 20.92
N ASN A 195 -29.22 26.70 21.11
CA ASN A 195 -28.69 27.09 22.42
C ASN A 195 -29.42 28.27 23.06
N LYS A 196 -29.96 29.19 22.23
CA LYS A 196 -30.72 30.35 22.72
C LYS A 196 -32.13 29.93 23.15
N TYR A 197 -32.73 28.94 22.44
CA TYR A 197 -34.07 28.38 22.72
C TYR A 197 -34.08 27.64 24.08
N ILE A 198 -32.99 26.89 24.38
CA ILE A 198 -32.79 26.13 25.63
C ILE A 198 -32.73 27.07 26.83
N ASP A 199 -31.83 28.08 26.76
CA ASP A 199 -31.62 29.10 27.80
C ASP A 199 -32.88 29.93 28.07
N GLN A 200 -33.71 30.14 27.02
CA GLN A 200 -34.99 30.86 27.12
C GLN A 200 -36.04 29.97 27.78
N GLY A 201 -36.03 28.69 27.43
CA GLY A 201 -36.95 27.68 27.97
C GLY A 201 -38.07 27.27 27.04
N ILE A 202 -37.98 27.63 25.74
CA ILE A 202 -38.99 27.28 24.74
C ILE A 202 -38.78 25.83 24.30
N ALA A 203 -37.51 25.40 24.19
CA ALA A 203 -37.15 24.04 23.77
C ALA A 203 -36.15 23.37 24.72
N GLU A 204 -36.25 22.03 24.86
CA GLU A 204 -35.36 21.22 25.71
C GLU A 204 -34.65 20.15 24.87
N LEU A 205 -33.35 19.95 25.12
CA LEU A 205 -32.54 18.97 24.39
C LEU A 205 -32.67 17.56 24.94
N VAL A 206 -33.03 16.60 24.05
CA VAL A 206 -33.20 15.19 24.37
C VAL A 206 -32.18 14.30 23.63
N PRO A 207 -31.06 13.92 24.30
CA PRO A 207 -30.06 13.06 23.63
C PRO A 207 -30.56 11.62 23.57
N GLY A 208 -30.54 11.04 22.37
CA GLY A 208 -31.06 9.71 22.14
C GLY A 208 -30.04 8.60 22.17
N VAL A 209 -30.21 7.64 21.27
CA VAL A 209 -29.38 6.44 21.15
C VAL A 209 -28.78 6.36 19.75
N LEU A 210 -27.45 6.24 19.65
CA LEU A 210 -26.78 6.04 18.36
C LEU A 210 -26.31 4.59 18.32
N PHE A 211 -26.99 3.76 17.50
CA PHE A 211 -26.67 2.35 17.38
C PHE A 211 -25.72 2.09 16.21
N VAL A 212 -24.52 1.58 16.50
CA VAL A 212 -23.50 1.28 15.51
C VAL A 212 -23.31 -0.23 15.40
N ASP A 213 -23.90 -0.83 14.35
CA ASP A 213 -23.76 -2.26 14.07
C ASP A 213 -22.46 -2.47 13.26
N GLU A 214 -21.99 -3.74 13.18
CA GLU A 214 -20.78 -4.14 12.47
C GLU A 214 -19.67 -3.22 12.88
N VAL A 215 -19.43 -3.14 14.21
CA VAL A 215 -18.44 -2.26 14.81
C VAL A 215 -16.99 -2.49 14.28
N HIS A 216 -16.61 -3.76 14.03
CA HIS A 216 -15.30 -4.17 13.53
C HIS A 216 -14.94 -3.52 12.20
N MSE A 217 -15.93 -2.86 11.59
CA MSE A 217 -15.81 -2.17 10.32
C MSE A 217 -15.33 -0.73 10.46
O MSE A 217 -14.79 -0.21 9.51
CB MSE A 217 -17.08 -2.29 9.48
CG MSE A 217 -16.79 -2.48 8.00
SE MSE A 217 -15.71 -4.09 7.55
CE MSE A 217 -17.26 -5.40 7.39
N LEU A 218 -15.50 -0.11 11.64
CA LEU A 218 -15.00 1.25 11.87
C LEU A 218 -13.46 1.23 11.98
N ASP A 219 -12.81 2.29 11.46
CA ASP A 219 -11.36 2.36 11.54
C ASP A 219 -10.91 3.15 12.73
N ILE A 220 -9.66 2.93 13.16
CA ILE A 220 -9.01 3.60 14.31
C ILE A 220 -9.37 5.08 14.44
N GLU A 221 -9.43 5.81 13.30
CA GLU A 221 -9.75 7.23 13.26
C GLU A 221 -11.19 7.54 13.60
N CYS A 222 -12.12 6.63 13.26
CA CYS A 222 -13.55 6.75 13.56
C CYS A 222 -13.79 6.57 15.05
N PHE A 223 -13.09 5.59 15.65
CA PHE A 223 -13.21 5.31 17.07
C PHE A 223 -12.75 6.51 17.86
N THR A 224 -11.69 7.19 17.38
CA THR A 224 -11.14 8.41 17.97
C THR A 224 -12.20 9.54 17.88
N TYR A 225 -12.96 9.59 16.77
CA TYR A 225 -14.03 10.56 16.57
C TYR A 225 -15.20 10.27 17.53
N LEU A 226 -15.50 8.97 17.77
CA LEU A 226 -16.60 8.57 18.67
C LEU A 226 -16.25 8.84 20.10
N HIS A 227 -15.08 8.36 20.54
CA HIS A 227 -14.55 8.51 21.90
C HIS A 227 -14.61 9.97 22.33
N ARG A 228 -14.15 10.87 21.47
CA ARG A 228 -14.12 12.31 21.67
C ARG A 228 -15.55 12.85 21.80
N ALA A 229 -16.47 12.38 20.96
CA ALA A 229 -17.86 12.81 21.00
C ALA A 229 -18.57 12.28 22.26
N LEU A 230 -18.25 11.05 22.65
CA LEU A 230 -18.75 10.33 23.84
C LEU A 230 -18.38 11.06 25.16
N GLU A 231 -17.30 11.90 25.13
CA GLU A 231 -16.83 12.73 26.26
C GLU A 231 -17.75 13.97 26.47
N SER A 232 -18.50 14.39 25.42
CA SER A 232 -19.42 15.54 25.51
C SER A 232 -20.61 15.28 26.43
N SER A 233 -21.13 16.37 27.01
CA SER A 233 -22.26 16.38 27.93
C SER A 233 -23.59 16.14 27.22
N ILE A 234 -23.75 16.75 26.03
CA ILE A 234 -24.97 16.67 25.21
C ILE A 234 -24.95 15.55 24.15
N ALA A 235 -24.12 14.51 24.38
CA ALA A 235 -23.95 13.37 23.48
C ALA A 235 -25.04 12.29 23.62
N PRO A 236 -25.35 11.52 22.54
CA PRO A 236 -26.31 10.41 22.71
C PRO A 236 -25.62 9.21 23.36
N ILE A 237 -26.38 8.18 23.72
CA ILE A 237 -25.78 6.97 24.28
C ILE A 237 -25.39 6.10 23.11
N VAL A 238 -24.07 5.90 22.93
CA VAL A 238 -23.54 5.08 21.84
C VAL A 238 -23.66 3.58 22.17
N ILE A 239 -24.34 2.85 21.27
CA ILE A 239 -24.53 1.42 21.45
C ILE A 239 -23.90 0.66 20.30
N PHE A 240 -22.84 -0.09 20.60
CA PHE A 240 -22.16 -0.92 19.61
C PHE A 240 -22.80 -2.30 19.56
N ALA A 241 -22.54 -3.05 18.47
CA ALA A 241 -23.01 -4.43 18.26
C ALA A 241 -21.92 -5.30 17.60
N SER A 242 -21.70 -6.52 18.10
CA SER A 242 -20.69 -7.42 17.54
C SER A 242 -21.04 -8.88 17.65
N ASN A 243 -20.80 -9.64 16.56
CA ASN A 243 -20.97 -11.10 16.45
C ASN A 243 -19.62 -11.75 16.26
N ARG A 244 -18.55 -10.93 16.33
CA ARG A 244 -17.15 -11.32 16.14
C ARG A 244 -16.45 -11.33 17.46
N GLY A 245 -15.30 -11.97 17.51
CA GLY A 245 -14.47 -12.04 18.72
C GLY A 245 -13.34 -11.03 18.59
N ASN A 246 -12.09 -11.49 18.69
CA ASN A 246 -10.95 -10.60 18.52
C ASN A 246 -10.76 -10.29 17.04
N CYS A 247 -10.57 -9.00 16.72
CA CYS A 247 -10.38 -8.54 15.34
C CYS A 247 -9.24 -7.59 15.26
N VAL A 248 -8.66 -7.49 14.08
CA VAL A 248 -7.66 -6.49 13.79
C VAL A 248 -8.42 -5.15 13.73
N ILE A 249 -7.88 -4.12 14.39
CA ILE A 249 -8.49 -2.79 14.39
C ILE A 249 -8.19 -2.21 13.01
N ARG A 250 -9.24 -1.80 12.27
CA ARG A 250 -9.13 -1.28 10.91
C ARG A 250 -8.23 -0.03 10.90
N GLY A 251 -7.20 -0.07 10.07
CA GLY A 251 -6.24 1.03 10.00
C GLY A 251 -4.97 0.69 10.75
N THR A 252 -4.90 -0.50 11.39
CA THR A 252 -3.71 -0.94 12.13
C THR A 252 -2.97 -2.11 11.46
N GLU A 253 -3.72 -2.96 10.71
CA GLU A 253 -3.22 -4.14 9.99
C GLU A 253 -2.69 -5.32 10.84
N ASP A 254 -2.01 -5.02 11.94
CA ASP A 254 -1.41 -6.01 12.83
C ASP A 254 -2.21 -6.20 14.12
N ILE A 255 -2.76 -5.09 14.69
CA ILE A 255 -3.40 -5.00 16.01
C ILE A 255 -4.80 -5.59 16.21
N THR A 256 -4.86 -6.73 16.93
CA THR A 256 -6.07 -7.46 17.28
C THR A 256 -6.54 -7.03 18.65
N SER A 257 -7.82 -6.69 18.78
CA SER A 257 -8.45 -6.34 20.06
C SER A 257 -9.89 -6.88 20.07
N PRO A 258 -10.52 -7.06 21.25
CA PRO A 258 -11.89 -7.60 21.27
C PRO A 258 -12.90 -6.78 20.46
N HIS A 259 -13.63 -7.47 19.59
CA HIS A 259 -14.68 -6.91 18.73
C HIS A 259 -14.16 -5.86 17.73
N GLY A 260 -12.83 -5.74 17.61
CA GLY A 260 -12.13 -4.80 16.76
C GLY A 260 -12.13 -3.38 17.29
N ILE A 261 -12.49 -3.21 18.59
CA ILE A 261 -12.60 -1.92 19.28
C ILE A 261 -11.31 -1.61 20.02
N PRO A 262 -10.70 -0.42 19.79
CA PRO A 262 -9.48 -0.06 20.53
C PRO A 262 -9.69 -0.16 22.03
N LEU A 263 -8.70 -0.71 22.74
CA LEU A 263 -8.76 -0.92 24.19
C LEU A 263 -9.06 0.34 24.98
N ASP A 264 -8.62 1.50 24.50
CA ASP A 264 -8.91 2.80 25.12
C ASP A 264 -10.43 3.02 25.19
N LEU A 265 -11.15 2.75 24.10
CA LEU A 265 -12.60 2.90 24.02
C LEU A 265 -13.32 1.74 24.73
N LEU A 266 -12.80 0.51 24.57
CA LEU A 266 -13.34 -0.72 25.14
C LEU A 266 -13.34 -0.73 26.68
N ASP A 267 -12.48 0.06 27.30
CA ASP A 267 -12.39 0.18 28.74
C ASP A 267 -13.57 1.00 29.26
N ARG A 268 -14.13 1.87 28.39
CA ARG A 268 -15.28 2.72 28.69
C ARG A 268 -16.60 2.08 28.27
N VAL A 269 -16.54 0.85 27.71
CA VAL A 269 -17.67 0.08 27.19
C VAL A 269 -18.14 -0.96 28.18
N MSE A 270 -19.47 -1.17 28.22
CA MSE A 270 -20.14 -2.16 29.07
C MSE A 270 -20.77 -3.18 28.16
O MSE A 270 -21.55 -2.83 27.26
CB MSE A 270 -21.18 -1.49 29.95
CG MSE A 270 -20.57 -0.46 30.87
SE MSE A 270 -21.82 0.11 32.20
CE MSE A 270 -21.58 -1.35 33.58
N ILE A 271 -20.36 -4.44 28.32
CA ILE A 271 -20.77 -5.54 27.44
C ILE A 271 -22.01 -6.27 27.91
N ILE A 272 -22.99 -6.39 27.03
CA ILE A 272 -24.23 -7.12 27.24
C ILE A 272 -24.27 -8.23 26.17
N ARG A 273 -24.41 -9.48 26.60
CA ARG A 273 -24.47 -10.64 25.71
C ARG A 273 -25.92 -10.95 25.32
N THR A 274 -26.15 -11.17 24.02
CA THR A 274 -27.45 -11.59 23.50
C THR A 274 -27.24 -13.02 23.03
N MSE A 275 -28.25 -13.86 23.25
CA MSE A 275 -28.16 -15.27 22.89
C MSE A 275 -29.18 -15.71 21.89
O MSE A 275 -30.17 -15.02 21.66
CB MSE A 275 -28.31 -16.13 24.13
CG MSE A 275 -27.24 -15.90 25.13
SE MSE A 275 -27.83 -16.71 26.78
CE MSE A 275 -29.25 -15.41 27.30
N LEU A 276 -28.94 -16.90 21.31
CA LEU A 276 -29.78 -17.52 20.30
C LEU A 276 -31.09 -17.94 20.89
N TYR A 277 -32.19 -17.74 20.13
CA TYR A 277 -33.52 -18.09 20.59
C TYR A 277 -33.82 -19.55 20.36
N THR A 278 -34.67 -20.12 21.22
CA THR A 278 -35.12 -21.50 21.06
C THR A 278 -36.20 -21.46 19.96
N PRO A 279 -36.57 -22.59 19.28
CA PRO A 279 -37.61 -22.50 18.23
C PRO A 279 -38.92 -21.87 18.70
N GLN A 280 -39.23 -21.94 20.03
CA GLN A 280 -40.46 -21.34 20.57
C GLN A 280 -40.35 -19.82 20.68
N GLU A 281 -39.25 -19.29 21.22
CA GLU A 281 -39.05 -17.84 21.30
C GLU A 281 -39.12 -17.31 19.86
N MSE A 282 -38.45 -18.02 18.94
CA MSE A 282 -38.40 -17.80 17.50
C MSE A 282 -39.83 -17.61 16.97
O MSE A 282 -40.18 -16.51 16.54
CB MSE A 282 -37.76 -19.05 16.87
CG MSE A 282 -37.20 -18.83 15.51
SE MSE A 282 -35.30 -18.47 15.59
CE MSE A 282 -34.62 -20.10 16.40
N LYS A 283 -40.67 -18.68 17.08
CA LYS A 283 -42.07 -18.73 16.64
C LYS A 283 -42.87 -17.56 17.19
N GLN A 284 -42.66 -17.20 18.49
CA GLN A 284 -43.33 -16.10 19.18
C GLN A 284 -43.02 -14.76 18.52
N ILE A 285 -41.74 -14.51 18.21
CA ILE A 285 -41.28 -13.29 17.54
C ILE A 285 -41.92 -13.21 16.13
N ILE A 286 -41.83 -14.32 15.35
CA ILE A 286 -42.41 -14.45 14.01
C ILE A 286 -43.92 -14.17 14.07
N LYS A 287 -44.63 -14.77 15.06
CA LYS A 287 -46.05 -14.52 15.27
C LYS A 287 -46.32 -13.03 15.50
N ILE A 288 -45.50 -12.35 16.32
CA ILE A 288 -45.65 -10.91 16.60
C ILE A 288 -45.49 -10.16 15.28
N ARG A 289 -44.44 -10.50 14.50
CA ARG A 289 -44.17 -9.86 13.21
C ARG A 289 -45.32 -10.01 12.25
N ALA A 290 -45.81 -11.26 12.07
CA ALA A 290 -46.96 -11.59 11.24
C ALA A 290 -48.15 -10.70 11.67
N GLN A 291 -48.50 -10.71 12.96
CA GLN A 291 -49.59 -9.90 13.53
C GLN A 291 -49.42 -8.41 13.20
N THR A 292 -48.21 -7.87 13.46
CA THR A 292 -47.84 -6.47 13.25
C THR A 292 -48.13 -6.05 11.82
N GLU A 293 -47.60 -6.85 10.87
CA GLU A 293 -47.71 -6.67 9.43
C GLU A 293 -49.13 -6.97 8.92
N GLY A 294 -49.95 -7.60 9.76
CA GLY A 294 -51.32 -7.99 9.43
C GLY A 294 -51.35 -9.14 8.45
N ILE A 295 -50.58 -10.19 8.75
CA ILE A 295 -50.46 -11.40 7.92
C ILE A 295 -50.99 -12.58 8.73
N ASN A 296 -51.89 -13.38 8.13
CA ASN A 296 -52.45 -14.55 8.80
C ASN A 296 -51.55 -15.76 8.51
N ILE A 297 -51.20 -16.52 9.56
CA ILE A 297 -50.33 -17.68 9.41
C ILE A 297 -50.81 -18.81 10.29
N SER A 298 -50.92 -20.02 9.70
CA SER A 298 -51.32 -21.22 10.40
C SER A 298 -50.22 -21.59 11.40
N GLU A 299 -50.62 -22.10 12.57
CA GLU A 299 -49.66 -22.46 13.61
C GLU A 299 -48.60 -23.47 13.08
N GLU A 300 -49.04 -24.40 12.18
CA GLU A 300 -48.22 -25.44 11.54
C GLU A 300 -47.13 -24.80 10.68
N ALA A 301 -47.51 -23.75 9.90
CA ALA A 301 -46.62 -22.97 9.05
C ALA A 301 -45.62 -22.20 9.91
N LEU A 302 -46.10 -21.62 11.02
CA LEU A 302 -45.31 -20.86 11.99
C LEU A 302 -44.30 -21.79 12.68
N ASN A 303 -44.69 -23.04 12.97
CA ASN A 303 -43.80 -24.01 13.60
C ASN A 303 -42.63 -24.31 12.65
N HIS A 304 -42.92 -24.50 11.36
CA HIS A 304 -41.92 -24.76 10.32
C HIS A 304 -41.04 -23.53 10.13
N LEU A 305 -41.66 -22.33 10.14
CA LEU A 305 -40.96 -21.06 10.01
C LEU A 305 -40.05 -20.79 11.22
N GLY A 306 -40.38 -21.33 12.38
CA GLY A 306 -39.54 -21.24 13.57
C GLY A 306 -38.31 -22.12 13.43
N GLU A 307 -38.49 -23.36 12.94
CA GLU A 307 -37.36 -24.27 12.74
C GLU A 307 -36.42 -23.87 11.60
N ILE A 308 -36.93 -23.09 10.61
CA ILE A 308 -36.12 -22.51 9.52
C ILE A 308 -35.13 -21.54 10.19
N GLY A 309 -35.63 -20.80 11.21
CA GLY A 309 -34.87 -19.84 12.01
C GLY A 309 -33.71 -20.47 12.72
N THR A 310 -33.93 -21.63 13.37
CA THR A 310 -32.92 -22.43 14.06
C THR A 310 -31.80 -22.83 13.08
N LYS A 311 -32.19 -23.25 11.86
CA LYS A 311 -31.30 -23.66 10.78
C LYS A 311 -30.53 -22.47 10.20
N THR A 312 -31.21 -21.32 10.00
CA THR A 312 -30.58 -20.11 9.46
C THR A 312 -30.44 -19.05 10.56
N THR A 313 -31.19 -17.94 10.49
CA THR A 313 -31.30 -16.92 11.54
C THR A 313 -32.78 -16.54 11.68
N LEU A 314 -33.15 -15.86 12.80
CA LEU A 314 -34.51 -15.37 13.04
C LEU A 314 -34.86 -14.33 11.95
N ARG A 315 -33.89 -13.46 11.58
CA ARG A 315 -34.06 -12.45 10.53
C ARG A 315 -34.48 -13.12 9.22
N TYR A 316 -33.84 -14.24 8.82
CA TYR A 316 -34.17 -14.95 7.58
C TYR A 316 -35.62 -15.41 7.59
N SER A 317 -36.04 -16.07 8.70
CA SER A 317 -37.40 -16.59 8.93
C SER A 317 -38.46 -15.53 8.83
N VAL A 318 -38.25 -14.39 9.52
CA VAL A 318 -39.16 -13.24 9.51
C VAL A 318 -39.33 -12.71 8.06
N GLN A 319 -38.23 -12.64 7.33
CA GLN A 319 -38.24 -12.16 5.96
C GLN A 319 -39.00 -13.03 4.95
N LEU A 320 -39.18 -14.34 5.28
CA LEU A 320 -39.92 -15.27 4.43
C LEU A 320 -41.41 -15.00 4.46
N LEU A 321 -41.91 -14.28 5.49
CA LEU A 321 -43.33 -13.97 5.65
C LEU A 321 -43.97 -13.28 4.44
N THR A 322 -43.36 -12.18 3.94
CA THR A 322 -43.88 -11.48 2.77
C THR A 322 -43.98 -12.39 1.52
N PRO A 323 -42.89 -12.99 0.97
CA PRO A 323 -43.05 -13.91 -0.18
C PRO A 323 -44.05 -15.04 0.08
N ALA A 324 -44.05 -15.66 1.28
CA ALA A 324 -44.97 -16.75 1.66
C ALA A 324 -46.42 -16.30 1.61
N ASN A 325 -46.68 -15.03 2.00
CA ASN A 325 -48.00 -14.43 1.99
C ASN A 325 -48.48 -14.22 0.55
N LEU A 326 -47.62 -13.66 -0.32
CA LEU A 326 -47.90 -13.42 -1.74
C LEU A 326 -48.20 -14.71 -2.50
N LEU A 327 -47.46 -15.80 -2.17
CA LEU A 327 -47.67 -17.14 -2.73
C LEU A 327 -49.08 -17.63 -2.35
N ALA A 328 -49.48 -17.42 -1.08
CA ALA A 328 -50.82 -17.77 -0.58
C ALA A 328 -51.88 -16.98 -1.32
N LYS A 329 -51.67 -15.65 -1.47
CA LYS A 329 -52.57 -14.73 -2.20
C LYS A 329 -52.72 -15.16 -3.66
N ILE A 330 -51.62 -15.63 -4.29
CA ILE A 330 -51.60 -16.15 -5.67
C ILE A 330 -52.45 -17.43 -5.74
N ASN A 331 -52.31 -18.30 -4.74
CA ASN A 331 -53.04 -19.55 -4.60
C ASN A 331 -54.46 -19.32 -4.07
N GLY A 332 -54.87 -18.05 -3.95
CA GLY A 332 -56.18 -17.62 -3.46
C GLY A 332 -56.46 -18.10 -2.05
N LYS A 333 -55.49 -17.90 -1.16
CA LYS A 333 -55.58 -18.33 0.22
C LYS A 333 -55.53 -17.16 1.20
N ASP A 334 -56.41 -17.22 2.22
CA ASP A 334 -56.57 -16.22 3.27
C ASP A 334 -55.31 -16.11 4.12
N SER A 335 -54.72 -17.26 4.50
CA SER A 335 -53.52 -17.31 5.34
C SER A 335 -52.36 -18.07 4.70
N ILE A 336 -51.20 -18.00 5.35
CA ILE A 336 -49.99 -18.74 4.97
C ILE A 336 -50.13 -20.12 5.60
N GLU A 337 -49.97 -21.16 4.81
CA GLU A 337 -50.01 -22.53 5.29
C GLU A 337 -48.61 -23.13 5.19
N LYS A 338 -48.39 -24.35 5.71
CA LYS A 338 -47.09 -25.02 5.70
C LYS A 338 -46.51 -25.12 4.28
N GLU A 339 -47.33 -25.52 3.27
CA GLU A 339 -46.93 -25.65 1.86
C GLU A 339 -46.27 -24.39 1.33
N HIS A 340 -46.89 -23.21 1.61
CA HIS A 340 -46.42 -21.90 1.16
C HIS A 340 -45.04 -21.59 1.69
N VAL A 341 -44.84 -21.82 2.99
CA VAL A 341 -43.57 -21.61 3.70
C VAL A 341 -42.50 -22.54 3.14
N GLU A 342 -42.84 -23.83 2.99
CA GLU A 342 -41.98 -24.87 2.44
C GLU A 342 -41.54 -24.50 1.03
N GLU A 343 -42.49 -24.04 0.18
CA GLU A 343 -42.19 -23.63 -1.19
C GLU A 343 -41.25 -22.42 -1.22
N ILE A 344 -41.55 -21.36 -0.45
CA ILE A 344 -40.71 -20.17 -0.40
C ILE A 344 -39.30 -20.49 0.10
N SER A 345 -39.20 -21.37 1.13
CA SER A 345 -37.92 -21.80 1.70
C SER A 345 -37.08 -22.61 0.72
N GLU A 346 -37.73 -23.23 -0.28
CA GLU A 346 -37.05 -24.01 -1.31
C GLU A 346 -36.59 -23.13 -2.48
N LEU A 347 -37.42 -22.12 -2.87
CA LEU A 347 -37.15 -21.20 -3.98
C LEU A 347 -36.08 -20.17 -3.65
N PHE A 348 -36.12 -19.65 -2.42
CA PHE A 348 -35.18 -18.65 -1.93
C PHE A 348 -34.20 -19.29 -0.96
N TYR A 349 -32.97 -18.73 -0.86
CA TYR A 349 -31.88 -19.23 -0.05
C TYR A 349 -31.39 -18.18 0.91
N ASP A 350 -30.61 -18.63 1.90
CA ASP A 350 -29.92 -17.79 2.87
C ASP A 350 -28.48 -17.75 2.41
N ALA A 351 -27.83 -16.58 2.55
CA ALA A 351 -26.46 -16.38 2.06
C ALA A 351 -25.52 -17.56 2.31
N LYS A 352 -25.55 -18.11 3.52
CA LYS A 352 -24.69 -19.21 3.91
C LYS A 352 -24.92 -20.43 3.03
N SER A 353 -26.18 -20.89 2.91
CA SER A 353 -26.49 -22.06 2.08
C SER A 353 -26.36 -21.84 0.58
N SER A 354 -26.58 -20.59 0.09
CA SER A 354 -26.44 -20.30 -1.33
C SER A 354 -24.97 -20.27 -1.73
N ALA A 355 -24.10 -19.80 -0.81
CA ALA A 355 -22.67 -19.77 -1.03
C ALA A 355 -22.10 -21.19 -0.95
N LYS A 356 -22.67 -22.03 -0.04
CA LYS A 356 -22.24 -23.42 0.11
C LYS A 356 -22.53 -24.18 -1.16
N ILE A 357 -23.74 -24.03 -1.75
CA ILE A 357 -24.18 -24.65 -3.01
C ILE A 357 -23.08 -24.45 -4.04
N LEU A 358 -22.61 -23.19 -4.17
CA LEU A 358 -21.57 -22.78 -5.11
C LEU A 358 -20.27 -23.50 -4.87
N ALA A 359 -19.73 -23.43 -3.64
CA ALA A 359 -18.48 -24.07 -3.21
C ALA A 359 -18.47 -25.59 -3.44
N ASP A 360 -19.65 -26.24 -3.27
CA ASP A 360 -19.85 -27.68 -3.47
C ASP A 360 -19.84 -28.02 -4.97
N GLN A 361 -20.49 -27.18 -5.81
CA GLN A 361 -20.51 -27.32 -7.28
C GLN A 361 -19.08 -27.15 -7.84
N GLN A 362 -18.30 -26.24 -7.21
CA GLN A 362 -16.91 -25.88 -7.50
C GLN A 362 -15.95 -27.00 -7.08
N GLU B 19 28.43 38.05 14.92
CA GLU B 19 27.73 38.11 16.20
C GLU B 19 27.46 36.72 16.81
N VAL B 20 27.09 35.71 15.96
CA VAL B 20 26.77 34.29 16.25
C VAL B 20 25.60 34.06 17.25
N LYS B 21 25.11 32.79 17.37
CA LYS B 21 24.05 32.34 18.28
C LYS B 21 24.24 30.87 18.74
N SER B 22 24.80 30.01 17.86
CA SER B 22 25.03 28.55 18.02
C SER B 22 23.75 27.72 18.22
N THR B 23 23.31 27.07 17.11
CA THR B 23 22.13 26.22 17.00
C THR B 23 22.32 24.84 17.65
N THR B 24 23.60 24.41 17.78
CA THR B 24 24.10 23.14 18.34
C THR B 24 23.18 22.49 19.38
N LYS B 25 22.78 21.24 19.14
CA LYS B 25 21.91 20.46 20.01
C LYS B 25 22.81 19.79 21.07
N THR B 26 23.12 20.55 22.13
CA THR B 26 24.02 20.15 23.21
C THR B 26 23.62 18.89 23.99
N GLN B 27 22.31 18.65 24.16
CA GLN B 27 21.78 17.47 24.87
C GLN B 27 22.32 16.15 24.30
N ARG B 28 22.56 16.13 22.97
CA ARG B 28 23.08 14.98 22.21
C ARG B 28 24.53 14.64 22.62
N ILE B 29 25.46 15.56 22.30
CA ILE B 29 26.90 15.47 22.59
C ILE B 29 27.26 15.49 24.11
N ALA B 30 26.25 15.74 24.98
CA ALA B 30 26.41 15.83 26.43
C ALA B 30 27.02 14.58 27.08
N SER B 31 26.69 13.40 26.54
CA SER B 31 27.18 12.12 27.06
C SER B 31 28.65 11.89 26.70
N HIS B 32 29.19 12.70 25.76
CA HIS B 32 30.57 12.58 25.27
C HIS B 32 31.44 13.79 25.62
N SER B 33 31.01 14.62 26.58
CA SER B 33 31.74 15.81 27.06
C SER B 33 33.23 15.53 27.36
N HIS B 34 33.54 14.28 27.73
CA HIS B 34 34.89 13.79 28.07
C HIS B 34 35.78 13.46 26.86
N VAL B 35 35.16 13.20 25.67
CA VAL B 35 35.87 12.82 24.42
C VAL B 35 36.50 14.09 23.82
N LYS B 36 37.85 14.17 23.88
CA LYS B 36 38.61 15.33 23.43
C LYS B 36 39.48 15.09 22.18
N GLY B 37 39.56 13.83 21.75
CA GLY B 37 40.32 13.40 20.59
C GLY B 37 40.47 11.89 20.57
N LEU B 38 41.22 11.37 19.59
CA LEU B 38 41.42 9.93 19.45
C LEU B 38 42.48 9.32 20.38
N GLY B 39 43.31 10.17 20.97
CA GLY B 39 44.35 9.74 21.89
C GLY B 39 45.38 8.82 21.26
N LEU B 40 45.82 9.19 20.07
CA LEU B 40 46.82 8.41 19.35
C LEU B 40 48.19 9.01 19.56
N ASP B 41 49.24 8.18 19.45
CA ASP B 41 50.59 8.68 19.59
C ASP B 41 51.10 9.25 18.26
N GLU B 42 52.29 9.90 18.30
CA GLU B 42 52.98 10.54 17.17
C GLU B 42 52.93 9.69 15.90
N SER B 43 53.16 8.36 16.04
CA SER B 43 53.13 7.40 14.94
C SER B 43 51.71 7.17 14.38
N GLY B 44 50.74 7.04 15.28
CA GLY B 44 49.35 6.82 14.93
C GLY B 44 48.73 5.64 15.64
N LEU B 45 49.42 5.12 16.68
CA LEU B 45 48.91 4.02 17.49
C LEU B 45 48.16 4.54 18.70
N ALA B 46 47.11 3.83 19.10
CA ALA B 46 46.29 4.23 20.23
C ALA B 46 46.94 3.88 21.56
N LYS B 47 46.66 4.69 22.59
CA LYS B 47 47.11 4.48 23.98
C LYS B 47 45.91 3.91 24.73
N GLN B 48 46.12 2.99 25.72
CA GLN B 48 45.02 2.39 26.50
C GLN B 48 43.95 3.43 26.87
N ALA B 49 44.37 4.52 27.51
CA ALA B 49 43.51 5.63 27.86
C ALA B 49 44.25 6.93 27.52
N ALA B 50 43.63 7.76 26.67
CA ALA B 50 44.14 9.06 26.21
C ALA B 50 43.05 9.85 25.50
N SER B 51 43.09 11.19 25.62
CA SER B 51 42.14 12.16 25.07
C SER B 51 40.65 11.91 25.46
N GLY B 52 40.44 11.15 26.56
CA GLY B 52 39.12 10.79 27.04
C GLY B 52 38.69 9.39 26.66
N LEU B 53 39.34 8.82 25.63
CA LEU B 53 39.04 7.49 25.11
C LEU B 53 39.79 6.38 25.83
N VAL B 54 39.08 5.28 26.12
CA VAL B 54 39.59 4.08 26.78
C VAL B 54 39.42 2.89 25.85
N GLY B 55 40.44 2.06 25.74
CA GLY B 55 40.42 0.88 24.89
C GLY B 55 39.99 1.19 23.48
N GLN B 56 39.28 0.24 22.81
CA GLN B 56 38.81 0.38 21.43
C GLN B 56 39.96 0.89 20.55
N GLU B 57 41.17 0.35 20.78
CA GLU B 57 42.41 0.77 20.16
C GLU B 57 42.42 0.63 18.64
N ASN B 58 41.92 -0.51 18.13
CA ASN B 58 41.96 -0.72 16.69
C ASN B 58 41.03 0.22 15.92
N ALA B 59 39.82 0.42 16.42
CA ALA B 59 38.88 1.32 15.79
C ALA B 59 39.44 2.75 15.83
N ARG B 60 40.08 3.13 16.96
CA ARG B 60 40.71 4.43 17.14
C ARG B 60 41.82 4.66 16.13
N GLU B 61 42.68 3.64 15.92
CA GLU B 61 43.79 3.70 14.95
C GLU B 61 43.25 3.88 13.52
N ALA B 62 42.16 3.17 13.18
CA ALA B 62 41.47 3.23 11.89
C ALA B 62 40.86 4.62 11.64
N CYS B 63 40.35 5.26 12.71
CA CYS B 63 39.80 6.61 12.65
C CYS B 63 40.94 7.61 12.39
N GLY B 64 42.12 7.29 12.91
CA GLY B 64 43.32 8.08 12.72
C GLY B 64 43.69 8.19 11.25
N VAL B 65 43.58 7.07 10.52
CA VAL B 65 43.83 6.98 9.09
C VAL B 65 42.78 7.84 8.40
N ILE B 66 41.51 7.67 8.75
CA ILE B 66 40.40 8.46 8.20
C ILE B 66 40.70 9.95 8.35
N VAL B 67 41.19 10.38 9.55
CA VAL B 67 41.53 11.77 9.83
C VAL B 67 42.59 12.28 8.87
N GLU B 68 43.70 11.52 8.70
CA GLU B 68 44.78 11.88 7.77
C GLU B 68 44.30 11.92 6.33
N LEU B 69 43.41 10.99 5.92
CA LEU B 69 42.87 10.96 4.56
C LEU B 69 42.01 12.19 4.28
N ILE B 70 41.21 12.65 5.28
CA ILE B 70 40.37 13.85 5.17
C ILE B 70 41.28 15.07 4.99
N LYS B 71 42.33 15.16 5.83
CA LYS B 71 43.34 16.23 5.84
C LYS B 71 44.21 16.22 4.58
N SER B 72 44.44 15.04 3.97
CA SER B 72 45.25 14.87 2.76
C SER B 72 44.41 14.95 1.48
N LYS B 73 43.13 15.31 1.62
CA LYS B 73 42.14 15.44 0.54
C LYS B 73 41.94 14.12 -0.26
N LYS B 74 42.24 12.97 0.38
CA LYS B 74 42.14 11.62 -0.20
C LYS B 74 40.80 10.91 0.09
N MSE B 75 39.89 11.57 0.81
CA MSE B 75 38.56 11.04 1.08
C MSE B 75 37.58 11.44 -0.03
O MSE B 75 36.38 11.63 0.20
CB MSE B 75 38.06 11.50 2.46
CG MSE B 75 38.65 10.70 3.61
SE MSE B 75 38.13 8.83 3.65
CE MSE B 75 36.35 9.00 4.15
N ALA B 76 38.11 11.55 -1.25
CA ALA B 76 37.41 11.94 -2.47
C ALA B 76 36.17 11.08 -2.70
N GLY B 77 35.01 11.66 -2.39
CA GLY B 77 33.70 11.03 -2.52
C GLY B 77 33.43 9.88 -1.57
N ARG B 78 34.38 9.57 -0.68
CA ARG B 78 34.27 8.47 0.27
C ARG B 78 33.57 8.84 1.55
N ALA B 79 32.86 7.86 2.12
CA ALA B 79 32.17 8.01 3.40
C ALA B 79 32.75 6.97 4.36
N VAL B 80 32.25 6.95 5.61
CA VAL B 80 32.73 6.02 6.63
C VAL B 80 31.58 5.34 7.29
N LEU B 81 31.75 4.06 7.64
CA LEU B 81 30.75 3.37 8.41
C LEU B 81 31.40 2.71 9.62
N LEU B 82 30.89 3.02 10.81
CA LEU B 82 31.35 2.41 12.04
C LEU B 82 30.38 1.32 12.36
N ALA B 83 30.85 0.08 12.47
CA ALA B 83 29.98 -1.09 12.69
C ALA B 83 30.33 -1.85 13.96
N GLY B 84 29.41 -1.84 14.91
CA GLY B 84 29.62 -2.54 16.16
C GLY B 84 28.39 -2.62 17.01
N PRO B 85 28.41 -3.39 18.12
CA PRO B 85 27.23 -3.48 18.99
C PRO B 85 26.91 -2.14 19.66
N PRO B 86 25.65 -1.90 20.11
CA PRO B 86 25.34 -0.65 20.79
C PRO B 86 26.14 -0.46 22.09
N GLY B 87 26.55 0.79 22.32
CA GLY B 87 27.33 1.16 23.47
C GLY B 87 28.77 0.72 23.38
N THR B 88 29.38 0.85 22.16
CA THR B 88 30.79 0.51 21.88
C THR B 88 31.57 1.74 21.34
N GLY B 89 31.02 2.93 21.62
CA GLY B 89 31.61 4.20 21.24
C GLY B 89 31.65 4.57 19.78
N LYS B 90 30.70 4.11 18.95
CA LYS B 90 30.67 4.51 17.52
C LYS B 90 30.47 6.05 17.42
N THR B 91 29.55 6.61 18.26
CA THR B 91 29.25 8.05 18.33
C THR B 91 30.44 8.77 18.92
N ALA B 92 30.99 8.26 20.05
CA ALA B 92 32.17 8.81 20.72
C ALA B 92 33.35 8.93 19.73
N LEU B 93 33.58 7.91 18.87
CA LEU B 93 34.62 7.91 17.84
C LEU B 93 34.36 8.94 16.74
N ALA B 94 33.08 9.05 16.28
CA ALA B 94 32.68 10.02 15.25
C ALA B 94 32.88 11.44 15.76
N LEU B 95 32.68 11.65 17.08
CA LEU B 95 32.89 12.95 17.72
C LEU B 95 34.39 13.21 17.81
N ALA B 96 35.19 12.17 18.16
CA ALA B 96 36.64 12.24 18.29
C ALA B 96 37.29 12.57 16.94
N ILE B 97 36.72 12.06 15.83
CA ILE B 97 37.18 12.34 14.46
C ILE B 97 37.05 13.85 14.24
N ALA B 98 35.88 14.42 14.59
CA ALA B 98 35.61 15.86 14.48
C ALA B 98 36.57 16.68 15.36
N GLN B 99 36.92 16.19 16.58
CA GLN B 99 37.87 16.85 17.49
C GLN B 99 39.25 16.93 16.80
N GLU B 100 39.72 15.76 16.34
CA GLU B 100 41.00 15.58 15.69
C GLU B 100 41.15 16.40 14.41
N LEU B 101 40.02 16.77 13.76
CA LEU B 101 40.06 17.59 12.55
C LEU B 101 40.42 19.06 12.82
N GLY B 102 40.18 19.57 14.04
CA GLY B 102 40.50 20.97 14.34
C GLY B 102 39.62 21.73 15.30
N SER B 103 39.35 21.13 16.49
CA SER B 103 38.57 21.68 17.64
C SER B 103 37.11 22.09 17.32
N LYS B 104 36.94 23.36 16.87
CA LYS B 104 35.70 24.06 16.49
C LYS B 104 35.23 23.65 15.06
N VAL B 105 35.41 22.34 14.75
CA VAL B 105 34.99 21.69 13.50
C VAL B 105 33.60 21.14 13.82
N PRO B 106 32.57 21.43 12.98
CA PRO B 106 31.21 20.99 13.32
C PRO B 106 31.03 19.49 13.40
N PHE B 107 30.18 19.04 14.29
CA PHE B 107 29.81 17.64 14.46
C PHE B 107 28.32 17.63 14.64
N CYS B 108 27.62 16.97 13.69
CA CYS B 108 26.16 16.89 13.71
C CYS B 108 25.66 15.45 13.83
N PRO B 109 25.37 14.99 15.07
CA PRO B 109 24.87 13.63 15.24
C PRO B 109 23.36 13.58 15.00
N MSE B 110 22.93 12.59 14.21
CA MSE B 110 21.54 12.41 13.86
C MSE B 110 21.16 10.95 13.79
O MSE B 110 22.05 10.09 13.76
CB MSE B 110 21.21 13.15 12.56
CG MSE B 110 21.78 12.49 11.32
SE MSE B 110 20.82 12.94 9.69
CE MSE B 110 19.01 12.16 10.05
N VAL B 111 19.86 10.66 13.79
CA VAL B 111 19.31 9.29 13.71
C VAL B 111 18.50 9.19 12.42
N GLY B 112 18.74 8.12 11.66
CA GLY B 112 18.05 7.83 10.41
C GLY B 112 16.56 8.09 10.43
N SER B 113 15.90 7.79 11.58
CA SER B 113 14.45 8.00 11.75
C SER B 113 14.01 9.48 11.82
N GLU B 114 14.94 10.44 11.97
CA GLU B 114 14.66 11.89 12.02
C GLU B 114 14.00 12.42 10.75
N VAL B 115 14.30 11.79 9.61
CA VAL B 115 13.77 12.19 8.30
C VAL B 115 12.25 12.00 8.22
N TYR B 116 11.71 11.06 9.01
CA TYR B 116 10.28 10.75 9.06
C TYR B 116 9.53 11.66 10.04
N SER B 117 9.05 12.79 9.51
CA SER B 117 8.28 13.79 10.24
C SER B 117 7.06 14.12 9.41
N THR B 118 5.92 14.42 10.08
CA THR B 118 4.70 14.75 9.34
C THR B 118 4.72 16.18 8.81
N GLU B 119 5.21 17.13 9.62
CA GLU B 119 5.23 18.53 9.22
C GLU B 119 6.48 18.98 8.44
N ILE B 120 7.58 18.21 8.49
CA ILE B 120 8.81 18.59 7.76
C ILE B 120 9.32 17.54 6.74
N LYS B 121 9.52 17.97 5.47
CA LYS B 121 9.99 17.17 4.32
C LYS B 121 11.33 16.51 4.62
N LYS B 122 11.55 15.27 4.08
CA LYS B 122 12.78 14.50 4.27
C LYS B 122 14.03 15.31 3.89
N THR B 123 13.96 16.01 2.73
CA THR B 123 15.00 16.88 2.17
C THR B 123 15.36 17.99 3.10
N GLU B 124 14.36 18.57 3.80
CA GLU B 124 14.55 19.66 4.75
C GLU B 124 15.24 19.23 6.04
N VAL B 125 15.01 17.98 6.50
CA VAL B 125 15.63 17.41 7.69
C VAL B 125 17.10 17.21 7.36
N LEU B 126 17.39 16.69 6.15
CA LEU B 126 18.74 16.40 5.66
C LEU B 126 19.52 17.65 5.32
N MSE B 127 18.86 18.62 4.65
CA MSE B 127 19.47 19.88 4.29
C MSE B 127 19.96 20.58 5.56
O MSE B 127 21.14 20.89 5.63
CB MSE B 127 18.51 20.76 3.47
CG MSE B 127 19.17 21.97 2.77
SE MSE B 127 20.97 21.67 1.96
CE MSE B 127 21.16 23.42 0.96
N GLU B 128 19.10 20.69 6.58
CA GLU B 128 19.44 21.32 7.87
C GLU B 128 20.65 20.65 8.52
N ASN B 129 20.64 19.32 8.65
CA ASN B 129 21.73 18.55 9.26
C ASN B 129 23.07 18.66 8.50
N PHE B 130 23.02 18.82 7.16
CA PHE B 130 24.21 19.04 6.34
C PHE B 130 24.78 20.43 6.63
N ARG B 131 23.90 21.45 6.65
CA ARG B 131 24.22 22.84 6.93
C ARG B 131 24.74 22.98 8.37
N ARG B 132 24.24 22.13 9.30
CA ARG B 132 24.67 22.04 10.69
C ARG B 132 26.07 21.43 10.80
N ALA B 133 26.50 20.68 9.75
CA ALA B 133 27.78 20.01 9.68
C ALA B 133 28.87 20.77 8.88
N ILE B 134 28.52 21.90 8.22
CA ILE B 134 29.52 22.70 7.49
C ILE B 134 29.64 24.06 8.15
N GLY B 135 30.84 24.36 8.63
CA GLY B 135 31.13 25.59 9.35
C GLY B 135 31.93 26.64 8.59
N LEU B 136 32.11 27.79 9.26
CA LEU B 136 32.85 28.95 8.77
C LEU B 136 33.74 29.52 9.87
N ARG B 137 34.96 29.94 9.48
CA ARG B 137 35.94 30.56 10.37
C ARG B 137 36.16 31.97 9.88
N ILE B 146 38.57 35.27 16.35
CA ILE B 146 38.12 34.40 15.26
C ILE B 146 36.73 33.80 15.56
N GLN B 147 35.73 34.18 14.73
CA GLN B 147 34.36 33.70 14.87
C GLN B 147 34.17 32.35 14.20
N ASP B 148 33.59 31.39 14.93
CA ASP B 148 33.33 30.04 14.45
C ASP B 148 31.81 29.78 14.40
N VAL B 149 31.26 29.88 13.18
CA VAL B 149 29.84 29.76 12.88
C VAL B 149 29.62 28.56 11.94
N THR B 150 28.45 27.90 12.05
CA THR B 150 28.07 26.83 11.11
C THR B 150 27.10 27.46 10.10
N LEU B 151 26.95 26.84 8.92
CA LEU B 151 26.04 27.35 7.89
C LEU B 151 24.58 27.43 8.35
N HIS B 152 24.19 26.58 9.32
CA HIS B 152 22.85 26.58 9.89
C HIS B 152 22.63 27.74 10.88
N ASP B 153 23.68 28.12 11.66
CA ASP B 153 23.62 29.26 12.60
C ASP B 153 23.29 30.54 11.82
N LEU B 154 23.86 30.66 10.59
CA LEU B 154 23.66 31.77 9.66
C LEU B 154 22.24 31.79 9.12
N ASP B 155 21.65 30.60 8.93
CA ASP B 155 20.28 30.45 8.43
C ASP B 155 19.26 31.01 9.43
N VAL B 156 19.42 30.68 10.73
CA VAL B 156 18.53 31.14 11.81
C VAL B 156 18.71 32.62 12.17
N ALA B 157 19.97 33.14 12.06
CA ALA B 157 20.34 34.53 12.34
C ALA B 157 19.50 35.47 11.46
N ASN B 158 19.18 35.02 10.23
CA ASN B 158 18.33 35.75 9.28
C ASN B 158 16.85 35.60 9.63
N ALA B 159 16.42 34.41 10.12
CA ALA B 159 15.03 34.12 10.49
C ALA B 159 14.63 34.39 11.97
N ARG B 160 15.50 35.09 12.75
CA ARG B 160 15.22 35.44 14.15
C ARG B 160 15.43 36.94 14.43
N THR B 180 10.58 34.67 9.01
CA THR B 180 9.41 33.78 8.93
C THR B 180 9.86 32.32 9.06
N GLU B 181 10.36 31.70 7.97
CA GLU B 181 10.82 30.30 7.94
C GLU B 181 12.01 30.13 6.99
N ILE B 182 12.95 29.24 7.35
CA ILE B 182 14.17 28.95 6.58
C ILE B 182 13.86 28.31 5.22
N THR B 183 13.57 29.16 4.24
CA THR B 183 13.25 28.77 2.86
C THR B 183 14.55 28.53 2.10
N ASP B 184 14.48 27.84 0.94
CA ASP B 184 15.66 27.62 0.10
C ASP B 184 16.07 28.89 -0.65
N LYS B 185 15.18 29.91 -0.65
CA LYS B 185 15.42 31.23 -1.23
C LYS B 185 16.34 32.00 -0.26
N LEU B 186 16.13 31.81 1.07
CA LEU B 186 16.95 32.42 2.13
C LEU B 186 18.34 31.78 2.12
N ARG B 187 18.41 30.47 1.81
CA ARG B 187 19.65 29.68 1.71
C ARG B 187 20.54 30.18 0.57
N GLY B 188 19.91 30.60 -0.54
CA GLY B 188 20.60 31.16 -1.70
C GLY B 188 21.30 32.48 -1.41
N GLU B 189 20.69 33.29 -0.53
CA GLU B 189 21.20 34.60 -0.08
C GLU B 189 22.48 34.42 0.76
N ILE B 190 22.43 33.52 1.77
CA ILE B 190 23.55 33.17 2.65
C ILE B 190 24.71 32.59 1.83
N ASN B 191 24.40 31.64 0.90
CA ASN B 191 25.37 31.00 0.01
C ASN B 191 26.15 31.98 -0.87
N LYS B 192 25.49 33.07 -1.33
CA LYS B 192 26.13 34.12 -2.12
C LYS B 192 27.02 34.97 -1.21
N VAL B 193 26.52 35.33 0.00
CA VAL B 193 27.24 36.12 1.02
C VAL B 193 28.53 35.38 1.44
N VAL B 194 28.38 34.09 1.85
CA VAL B 194 29.46 33.19 2.27
C VAL B 194 30.55 33.04 1.17
N ASN B 195 30.13 32.80 -0.10
CA ASN B 195 31.04 32.63 -1.23
C ASN B 195 31.88 33.87 -1.55
N LYS B 196 31.33 35.08 -1.28
CA LYS B 196 32.04 36.34 -1.50
C LYS B 196 33.07 36.59 -0.40
N TYR B 197 32.75 36.17 0.85
CA TYR B 197 33.63 36.27 2.03
C TYR B 197 34.89 35.40 1.88
N ILE B 198 34.71 34.17 1.33
CA ILE B 198 35.78 33.18 1.07
C ILE B 198 36.78 33.73 0.04
N ASP B 199 36.26 34.17 -1.14
CA ASP B 199 37.05 34.75 -2.24
C ASP B 199 37.81 36.01 -1.82
N GLN B 200 37.24 36.79 -0.88
CA GLN B 200 37.86 38.00 -0.32
C GLN B 200 38.96 37.61 0.67
N GLY B 201 38.70 36.57 1.46
CA GLY B 201 39.63 36.04 2.45
C GLY B 201 39.33 36.42 3.89
N ILE B 202 38.11 36.94 4.15
CA ILE B 202 37.67 37.32 5.50
C ILE B 202 37.25 36.06 6.28
N ALA B 203 36.61 35.11 5.59
CA ALA B 203 36.15 33.85 6.18
C ALA B 203 36.59 32.62 5.39
N GLU B 204 36.84 31.49 6.09
CA GLU B 204 37.24 30.22 5.50
C GLU B 204 36.23 29.13 5.86
N LEU B 205 35.87 28.29 4.87
CA LEU B 205 34.91 27.20 5.07
C LEU B 205 35.54 25.94 5.67
N VAL B 206 34.97 25.49 6.81
CA VAL B 206 35.41 24.29 7.53
C VAL B 206 34.35 23.18 7.52
N PRO B 207 34.47 22.19 6.60
CA PRO B 207 33.48 21.10 6.56
C PRO B 207 33.73 20.12 7.71
N GLY B 208 32.68 19.85 8.47
CA GLY B 208 32.79 18.99 9.64
C GLY B 208 32.44 17.54 9.42
N VAL B 209 31.77 16.95 10.41
CA VAL B 209 31.37 15.55 10.42
C VAL B 209 29.86 15.45 10.58
N LEU B 210 29.18 14.72 9.68
CA LEU B 210 27.75 14.45 9.81
C LEU B 210 27.60 12.97 10.20
N PHE B 211 27.22 12.74 11.46
CA PHE B 211 27.06 11.38 11.98
C PHE B 211 25.63 10.93 11.88
N VAL B 212 25.39 9.85 11.09
CA VAL B 212 24.05 9.28 10.88
C VAL B 212 23.96 7.92 11.54
N ASP B 213 23.33 7.85 12.72
CA ASP B 213 23.11 6.60 13.44
C ASP B 213 21.83 5.95 12.90
N GLU B 214 21.64 4.64 13.20
CA GLU B 214 20.48 3.84 12.76
C GLU B 214 20.30 4.05 11.28
N VAL B 215 21.37 3.77 10.51
CA VAL B 215 21.41 3.95 9.06
C VAL B 215 20.32 3.17 8.29
N HIS B 216 20.01 1.93 8.75
CA HIS B 216 18.99 1.04 8.16
C HIS B 216 17.60 1.67 8.12
N MSE B 217 17.45 2.81 8.81
CA MSE B 217 16.22 3.58 8.89
C MSE B 217 16.05 4.57 7.75
O MSE B 217 14.92 4.95 7.45
CB MSE B 217 16.06 4.23 10.26
CG MSE B 217 14.63 4.20 10.76
SE MSE B 217 13.89 2.40 10.94
CE MSE B 217 14.48 2.01 12.84
N LEU B 218 17.13 4.98 7.06
CA LEU B 218 17.02 5.88 5.91
C LEU B 218 16.43 5.11 4.70
N ASP B 219 15.63 5.81 3.89
CA ASP B 219 15.04 5.16 2.73
C ASP B 219 15.86 5.40 1.49
N ILE B 220 15.70 4.56 0.46
CA ILE B 220 16.40 4.62 -0.82
C ILE B 220 16.57 6.06 -1.35
N GLU B 221 15.54 6.90 -1.21
CA GLU B 221 15.55 8.29 -1.66
C GLU B 221 16.49 9.18 -0.86
N CYS B 222 16.65 8.90 0.45
CA CYS B 222 17.54 9.62 1.36
C CYS B 222 18.98 9.31 1.01
N PHE B 223 19.28 8.04 0.70
CA PHE B 223 20.62 7.59 0.34
C PHE B 223 21.05 8.28 -0.91
N THR B 224 20.11 8.46 -1.86
CA THR B 224 20.32 9.15 -3.14
C THR B 224 20.63 10.64 -2.86
N TYR B 225 19.97 11.22 -1.85
CA TYR B 225 20.22 12.61 -1.44
C TYR B 225 21.61 12.74 -0.79
N LEU B 226 22.04 11.73 -0.02
CA LEU B 226 23.35 11.74 0.66
C LEU B 226 24.45 11.56 -0.34
N HIS B 227 24.36 10.52 -1.18
CA HIS B 227 25.33 10.15 -2.22
C HIS B 227 25.65 11.36 -3.09
N ARG B 228 24.61 12.08 -3.53
CA ARG B 228 24.71 13.29 -4.36
C ARG B 228 25.43 14.40 -3.60
N ALA B 229 25.11 14.58 -2.31
CA ALA B 229 25.74 15.59 -1.48
C ALA B 229 27.21 15.25 -1.22
N LEU B 230 27.50 13.96 -0.99
CA LEU B 230 28.81 13.36 -0.74
C LEU B 230 29.78 13.58 -1.94
N GLU B 231 29.23 13.81 -3.16
CA GLU B 231 29.97 14.09 -4.39
C GLU B 231 30.51 15.55 -4.41
N SER B 232 29.89 16.47 -3.62
CA SER B 232 30.31 17.88 -3.53
C SER B 232 31.68 18.05 -2.89
N SER B 233 32.38 19.12 -3.29
CA SER B 233 33.71 19.48 -2.80
C SER B 233 33.66 20.03 -1.37
N ILE B 234 32.64 20.85 -1.07
CA ILE B 234 32.44 21.52 0.23
C ILE B 234 31.56 20.73 1.22
N ALA B 235 31.45 19.41 1.02
CA ALA B 235 30.63 18.51 1.83
C ALA B 235 31.29 18.06 3.15
N PRO B 236 30.52 17.74 4.22
CA PRO B 236 31.15 17.22 5.44
C PRO B 236 31.51 15.75 5.26
N ILE B 237 32.24 15.17 6.21
CA ILE B 237 32.55 13.75 6.12
C ILE B 237 31.38 13.01 6.76
N VAL B 238 30.64 12.24 5.94
CA VAL B 238 29.48 11.48 6.42
C VAL B 238 29.93 10.20 7.11
N ILE B 239 29.51 10.04 8.37
CA ILE B 239 29.84 8.87 9.15
C ILE B 239 28.56 8.11 9.53
N PHE B 240 28.41 6.91 8.97
CA PHE B 240 27.27 6.06 9.27
C PHE B 240 27.61 5.17 10.47
N ALA B 241 26.57 4.67 11.15
CA ALA B 241 26.69 3.75 12.29
C ALA B 241 25.66 2.63 12.16
N SER B 242 26.07 1.36 12.43
CA SER B 242 25.21 0.18 12.33
C SER B 242 25.59 -0.91 13.29
N ASN B 243 24.58 -1.61 13.85
CA ASN B 243 24.74 -2.79 14.68
C ASN B 243 23.92 -3.96 14.07
N ARG B 244 23.49 -3.77 12.81
CA ARG B 244 22.69 -4.69 12.01
C ARG B 244 23.54 -5.30 10.91
N GLY B 245 23.12 -6.47 10.43
CA GLY B 245 23.82 -7.11 9.31
C GLY B 245 23.13 -6.73 8.03
N ASN B 246 22.70 -7.72 7.25
CA ASN B 246 21.96 -7.46 6.01
C ASN B 246 20.53 -7.02 6.35
N CYS B 247 20.07 -5.94 5.71
CA CYS B 247 18.73 -5.37 5.90
C CYS B 247 18.08 -5.07 4.61
N VAL B 248 16.75 -5.06 4.60
CA VAL B 248 15.98 -4.62 3.46
C VAL B 248 16.18 -3.09 3.39
N ILE B 249 16.48 -2.56 2.19
CA ILE B 249 16.65 -1.14 1.97
C ILE B 249 15.24 -0.54 2.02
N ARG B 250 15.02 0.44 2.92
CA ARG B 250 13.70 1.07 3.11
C ARG B 250 13.24 1.72 1.80
N GLY B 251 12.05 1.35 1.35
CA GLY B 251 11.52 1.85 0.09
C GLY B 251 11.66 0.84 -1.02
N THR B 252 12.28 -0.33 -0.72
CA THR B 252 12.45 -1.40 -1.71
C THR B 252 11.57 -2.64 -1.40
N GLU B 253 11.29 -2.87 -0.09
CA GLU B 253 10.49 -3.98 0.44
C GLU B 253 11.07 -5.41 0.30
N ASP B 254 11.74 -5.68 -0.81
CA ASP B 254 12.33 -6.98 -1.14
C ASP B 254 13.83 -7.01 -0.96
N ILE B 255 14.52 -5.91 -1.33
CA ILE B 255 15.98 -5.75 -1.44
C ILE B 255 16.81 -5.63 -0.15
N THR B 256 17.55 -6.70 0.16
CA THR B 256 18.45 -6.82 1.30
C THR B 256 19.85 -6.46 0.87
N SER B 257 20.52 -5.58 1.62
CA SER B 257 21.92 -5.21 1.38
C SER B 257 22.62 -4.98 2.74
N PRO B 258 23.98 -5.06 2.82
CA PRO B 258 24.63 -4.88 4.12
C PRO B 258 24.30 -3.57 4.81
N HIS B 259 23.90 -3.66 6.08
CA HIS B 259 23.55 -2.54 6.96
C HIS B 259 22.37 -1.70 6.44
N GLY B 260 21.67 -2.21 5.42
CA GLY B 260 20.53 -1.57 4.76
C GLY B 260 20.92 -0.44 3.83
N ILE B 261 22.22 -0.35 3.47
CA ILE B 261 22.79 0.69 2.62
C ILE B 261 22.87 0.21 1.18
N PRO B 262 22.32 0.98 0.21
CA PRO B 262 22.40 0.58 -1.20
C PRO B 262 23.85 0.33 -1.61
N LEU B 263 24.08 -0.72 -2.40
CA LEU B 263 25.42 -1.11 -2.86
C LEU B 263 26.17 -0.03 -3.57
N ASP B 264 25.47 0.86 -4.28
CA ASP B 264 26.05 2.02 -4.96
C ASP B 264 26.79 2.90 -3.95
N LEU B 265 26.14 3.21 -2.81
CA LEU B 265 26.73 4.03 -1.76
C LEU B 265 27.75 3.25 -0.93
N LEU B 266 27.45 1.97 -0.65
CA LEU B 266 28.28 1.07 0.14
C LEU B 266 29.66 0.80 -0.47
N ASP B 267 29.77 0.97 -1.79
CA ASP B 267 31.02 0.80 -2.50
C ASP B 267 31.95 1.97 -2.21
N ARG B 268 31.37 3.14 -1.85
CA ARG B 268 32.10 4.37 -1.53
C ARG B 268 32.34 4.50 -0.02
N VAL B 269 31.94 3.46 0.74
CA VAL B 269 31.99 3.39 2.19
C VAL B 269 33.15 2.55 2.75
N MSE B 270 33.89 3.12 3.73
CA MSE B 270 35.01 2.53 4.48
C MSE B 270 34.57 2.11 5.88
O MSE B 270 34.23 2.95 6.71
CB MSE B 270 36.16 3.53 4.57
CG MSE B 270 36.71 3.88 3.21
SE MSE B 270 38.50 4.54 3.34
CE MSE B 270 39.55 2.83 3.28
N ILE B 271 34.55 0.77 6.12
CA ILE B 271 34.06 0.13 7.35
C ILE B 271 35.08 -0.06 8.49
N ILE B 272 34.78 0.51 9.65
CA ILE B 272 35.59 0.40 10.88
C ILE B 272 34.70 -0.38 11.88
N ARG B 273 35.26 -1.44 12.48
CA ARG B 273 34.57 -2.27 13.46
C ARG B 273 34.86 -1.82 14.87
N THR B 274 33.80 -1.64 15.67
CA THR B 274 33.94 -1.32 17.09
C THR B 274 33.55 -2.60 17.83
N MSE B 275 34.17 -2.84 18.98
CA MSE B 275 33.93 -4.05 19.76
C MSE B 275 33.54 -3.78 21.19
O MSE B 275 33.73 -2.68 21.70
CB MSE B 275 35.13 -4.95 19.75
CG MSE B 275 35.44 -5.51 18.40
SE MSE B 275 37.22 -6.25 18.55
CE MSE B 275 38.32 -4.46 18.69
N LEU B 276 33.00 -4.83 21.86
CA LEU B 276 32.54 -4.79 23.24
C LEU B 276 33.71 -4.61 24.17
N TYR B 277 33.51 -3.80 25.22
CA TYR B 277 34.55 -3.49 26.19
C TYR B 277 34.73 -4.57 27.20
N THR B 278 36.01 -4.78 27.59
CA THR B 278 36.41 -5.72 28.63
C THR B 278 35.90 -5.15 29.97
N PRO B 279 35.55 -5.98 30.97
CA PRO B 279 35.06 -5.42 32.23
C PRO B 279 35.99 -4.40 32.89
N GLN B 280 37.32 -4.47 32.60
CA GLN B 280 38.33 -3.54 33.08
C GLN B 280 38.14 -2.16 32.39
N GLU B 281 37.97 -2.17 31.06
CA GLU B 281 37.74 -1.01 30.21
C GLU B 281 36.37 -0.38 30.54
N MSE B 282 35.39 -1.22 30.89
CA MSE B 282 34.02 -0.85 31.24
C MSE B 282 34.02 0.08 32.47
O MSE B 282 33.48 1.18 32.41
CB MSE B 282 33.21 -2.12 31.52
CG MSE B 282 31.71 -1.90 31.46
SE MSE B 282 30.97 -1.97 29.65
CE MSE B 282 31.13 -3.93 29.32
N LYS B 283 34.70 -0.35 33.56
CA LYS B 283 34.88 0.40 34.81
C LYS B 283 35.65 1.69 34.55
N GLN B 284 36.65 1.65 33.66
CA GLN B 284 37.46 2.81 33.27
C GLN B 284 36.63 3.91 32.65
N ILE B 285 35.73 3.58 31.72
CA ILE B 285 34.85 4.53 31.05
C ILE B 285 33.86 5.14 32.06
N ILE B 286 33.16 4.28 32.85
CA ILE B 286 32.19 4.69 33.88
C ILE B 286 32.81 5.68 34.88
N LYS B 287 34.10 5.49 35.21
CA LYS B 287 34.85 6.38 36.10
C LYS B 287 35.06 7.74 35.46
N ILE B 288 35.41 7.79 34.15
CA ILE B 288 35.60 9.06 33.44
C ILE B 288 34.29 9.85 33.47
N ARG B 289 33.18 9.18 33.16
CA ARG B 289 31.85 9.77 33.17
C ARG B 289 31.47 10.31 34.55
N ALA B 290 31.76 9.53 35.61
CA ALA B 290 31.52 9.91 37.00
C ALA B 290 32.31 11.18 37.32
N GLN B 291 33.62 11.21 36.96
CA GLN B 291 34.54 12.34 37.15
C GLN B 291 34.03 13.58 36.42
N THR B 292 33.63 13.41 35.15
CA THR B 292 33.11 14.45 34.27
C THR B 292 31.90 15.12 34.90
N GLU B 293 30.97 14.32 35.39
CA GLU B 293 29.77 14.82 36.06
C GLU B 293 30.02 15.32 37.49
N GLY B 294 31.26 15.15 37.99
CA GLY B 294 31.65 15.53 39.35
C GLY B 294 30.92 14.68 40.39
N ILE B 295 30.94 13.35 40.18
CA ILE B 295 30.29 12.35 41.01
C ILE B 295 31.33 11.44 41.65
N ASN B 296 31.24 11.27 42.98
CA ASN B 296 32.14 10.39 43.72
C ASN B 296 31.53 8.99 43.75
N ILE B 297 32.33 7.97 43.43
CA ILE B 297 31.88 6.58 43.41
C ILE B 297 32.93 5.65 44.00
N SER B 298 32.51 4.77 44.92
CA SER B 298 33.38 3.78 45.54
C SER B 298 33.80 2.74 44.47
N GLU B 299 35.02 2.15 44.60
CA GLU B 299 35.55 1.14 43.67
C GLU B 299 34.74 -0.16 43.65
N GLU B 300 34.01 -0.40 44.74
CA GLU B 300 33.11 -1.55 44.90
C GLU B 300 31.84 -1.31 44.06
N ALA B 301 31.27 -0.07 44.15
CA ALA B 301 30.08 0.37 43.41
C ALA B 301 30.39 0.41 41.93
N LEU B 302 31.57 0.95 41.56
CA LEU B 302 32.04 1.04 40.18
C LEU B 302 32.18 -0.36 39.57
N ASN B 303 32.74 -1.31 40.35
CA ASN B 303 32.92 -2.71 39.91
C ASN B 303 31.56 -3.33 39.57
N HIS B 304 30.54 -3.10 40.41
CA HIS B 304 29.17 -3.59 40.21
C HIS B 304 28.57 -2.89 38.99
N LEU B 305 28.81 -1.58 38.86
CA LEU B 305 28.32 -0.77 37.75
C LEU B 305 28.98 -1.18 36.43
N GLY B 306 30.20 -1.72 36.51
CA GLY B 306 30.91 -2.25 35.36
C GLY B 306 30.27 -3.53 34.87
N GLU B 307 29.96 -4.46 35.81
CA GLU B 307 29.33 -5.74 35.48
C GLU B 307 27.89 -5.62 35.02
N ILE B 308 27.18 -4.52 35.42
CA ILE B 308 25.82 -4.19 34.96
C ILE B 308 25.94 -3.94 33.43
N GLY B 309 26.99 -3.22 33.02
CA GLY B 309 27.31 -2.87 31.65
C GLY B 309 27.55 -4.05 30.76
N THR B 310 28.25 -5.08 31.30
CA THR B 310 28.54 -6.36 30.61
C THR B 310 27.20 -7.09 30.36
N LYS B 311 26.30 -7.08 31.36
CA LYS B 311 24.98 -7.70 31.32
C LYS B 311 24.04 -6.94 30.35
N THR B 312 24.03 -5.59 30.41
CA THR B 312 23.19 -4.73 29.57
C THR B 312 24.06 -4.09 28.48
N THR B 313 24.24 -2.75 28.53
CA THR B 313 25.17 -2.01 27.66
C THR B 313 25.92 -1.00 28.52
N LEU B 314 27.03 -0.44 27.98
CA LEU B 314 27.82 0.59 28.66
C LEU B 314 26.95 1.84 28.87
N ARG B 315 26.14 2.20 27.84
CA ARG B 315 25.21 3.32 27.89
C ARG B 315 24.27 3.21 29.11
N TYR B 316 23.69 2.00 29.35
CA TYR B 316 22.79 1.77 30.49
C TYR B 316 23.49 2.06 31.81
N SER B 317 24.70 1.49 31.98
CA SER B 317 25.54 1.64 33.17
C SER B 317 25.85 3.08 33.49
N VAL B 318 26.31 3.84 32.47
CA VAL B 318 26.66 5.25 32.61
C VAL B 318 25.44 6.06 33.06
N GLN B 319 24.28 5.74 32.49
CA GLN B 319 23.03 6.42 32.82
C GLN B 319 22.54 6.23 34.26
N LEU B 320 22.95 5.12 34.92
CA LEU B 320 22.58 4.83 36.30
C LEU B 320 23.28 5.75 37.29
N LEU B 321 24.39 6.40 36.88
CA LEU B 321 25.19 7.29 37.74
C LEU B 321 24.39 8.42 38.39
N THR B 322 23.62 9.18 37.59
CA THR B 322 22.78 10.27 38.10
C THR B 322 21.76 9.77 39.16
N PRO B 323 20.80 8.85 38.86
CA PRO B 323 19.89 8.37 39.92
C PRO B 323 20.61 7.81 41.15
N ALA B 324 21.71 7.02 40.94
CA ALA B 324 22.52 6.44 42.03
C ALA B 324 23.11 7.51 42.94
N ASN B 325 23.53 8.63 42.35
CA ASN B 325 24.10 9.79 43.06
C ASN B 325 23.02 10.46 43.91
N LEU B 326 21.83 10.73 43.33
CA LEU B 326 20.69 11.35 44.01
C LEU B 326 20.20 10.53 45.19
N LEU B 327 20.20 9.18 45.04
CA LEU B 327 19.84 8.24 46.10
C LEU B 327 20.83 8.39 47.26
N ALA B 328 22.14 8.50 46.94
CA ALA B 328 23.19 8.69 47.94
C ALA B 328 23.00 10.03 48.65
N LYS B 329 22.72 11.12 47.90
CA LYS B 329 22.45 12.47 48.40
C LYS B 329 21.23 12.47 49.34
N ILE B 330 20.19 11.67 49.00
CA ILE B 330 18.98 11.50 49.82
C ILE B 330 19.34 10.80 51.14
N ASN B 331 20.20 9.78 51.05
CA ASN B 331 20.71 9.00 52.17
C ASN B 331 21.83 9.76 52.93
N GLY B 332 22.05 11.02 52.55
CA GLY B 332 23.07 11.89 53.13
C GLY B 332 24.47 11.32 53.00
N LYS B 333 24.82 10.88 51.80
CA LYS B 333 26.10 10.25 51.52
C LYS B 333 26.91 11.05 50.50
N ASP B 334 28.22 11.20 50.78
CA ASP B 334 29.18 11.93 49.97
C ASP B 334 29.37 11.29 48.60
N SER B 335 29.47 9.94 48.57
CA SER B 335 29.67 9.19 47.34
C SER B 335 28.61 8.11 47.10
N ILE B 336 28.66 7.50 45.91
CA ILE B 336 27.82 6.38 45.53
C ILE B 336 28.51 5.12 46.06
N GLU B 337 27.77 4.31 46.82
CA GLU B 337 28.27 3.04 47.33
C GLU B 337 27.55 1.91 46.59
N LYS B 338 27.97 0.64 46.83
CA LYS B 338 27.38 -0.53 46.16
C LYS B 338 25.86 -0.61 46.34
N GLU B 339 25.36 -0.37 47.59
CA GLU B 339 23.93 -0.39 47.92
C GLU B 339 23.11 0.51 47.02
N HIS B 340 23.59 1.76 46.78
CA HIS B 340 22.94 2.76 45.94
C HIS B 340 22.77 2.29 44.52
N VAL B 341 23.86 1.73 43.94
CA VAL B 341 23.90 1.18 42.58
C VAL B 341 22.93 0.00 42.48
N GLU B 342 23.01 -0.93 43.44
CA GLU B 342 22.16 -2.12 43.53
C GLU B 342 20.70 -1.71 43.61
N GLU B 343 20.36 -0.70 44.46
CA GLU B 343 18.98 -0.20 44.58
C GLU B 343 18.49 0.42 43.28
N ILE B 344 19.27 1.32 42.65
CA ILE B 344 18.88 1.93 41.37
C ILE B 344 18.73 0.90 40.27
N SER B 345 19.61 -0.12 40.21
CA SER B 345 19.55 -1.22 39.24
C SER B 345 18.31 -2.10 39.44
N GLU B 346 17.75 -2.11 40.66
CA GLU B 346 16.53 -2.87 40.97
C GLU B 346 15.27 -2.07 40.67
N LEU B 347 15.28 -0.74 40.91
CA LEU B 347 14.14 0.16 40.68
C LEU B 347 13.92 0.47 39.20
N PHE B 348 15.02 0.69 38.46
CA PHE B 348 14.99 1.00 37.04
C PHE B 348 15.46 -0.20 36.23
N TYR B 349 14.96 -0.34 34.98
CA TYR B 349 15.24 -1.46 34.10
C TYR B 349 15.81 -0.99 32.78
N ASP B 350 16.36 -1.95 32.01
CA ASP B 350 16.87 -1.78 30.66
C ASP B 350 15.78 -2.34 29.76
N ALA B 351 15.51 -1.69 28.63
CA ALA B 351 14.45 -2.08 27.70
C ALA B 351 14.31 -3.59 27.51
N LYS B 352 15.44 -4.31 27.32
CA LYS B 352 15.43 -5.75 27.11
C LYS B 352 14.81 -6.48 28.28
N SER B 353 15.33 -6.23 29.51
CA SER B 353 14.81 -6.92 30.68
C SER B 353 13.42 -6.48 31.10
N SER B 354 13.02 -5.21 30.83
CA SER B 354 11.68 -4.73 31.16
C SER B 354 10.65 -5.34 30.23
N ALA B 355 11.03 -5.55 28.96
CA ALA B 355 10.16 -6.16 27.95
C ALA B 355 10.04 -7.64 28.25
N LYS B 356 11.14 -8.28 28.73
CA LYS B 356 11.13 -9.69 29.08
C LYS B 356 10.16 -9.95 30.21
N ILE B 357 10.21 -9.10 31.28
CA ILE B 357 9.34 -9.15 32.47
C ILE B 357 7.88 -9.28 31.99
N LEU B 358 7.47 -8.36 31.08
CA LEU B 358 6.13 -8.33 30.51
C LEU B 358 5.79 -9.61 29.79
N ALA B 359 6.61 -10.04 28.81
CA ALA B 359 6.41 -11.26 28.02
C ALA B 359 6.25 -12.51 28.89
N ASP B 360 6.99 -12.57 30.03
CA ASP B 360 6.95 -13.67 31.00
C ASP B 360 5.65 -13.64 31.79
N GLN B 361 5.19 -12.43 32.22
CA GLN B 361 3.93 -12.20 32.95
C GLN B 361 2.74 -12.57 32.03
N GLN B 362 2.89 -12.27 30.71
CA GLN B 362 1.94 -12.53 29.64
C GLN B 362 1.86 -14.04 29.29
N ASP B 363 2.80 -14.84 29.81
CA ASP B 363 2.87 -16.30 29.63
C ASP B 363 2.16 -17.01 30.81
N LYS B 364 2.38 -16.47 32.04
CA LYS B 364 1.82 -16.95 33.30
C LYS B 364 0.37 -16.52 33.43
N GLU C 19 -1.46 15.73 -47.60
CA GLU C 19 0.00 15.78 -47.70
C GLU C 19 0.69 14.61 -46.98
N VAL C 20 0.12 14.16 -45.81
CA VAL C 20 0.56 13.04 -44.91
C VAL C 20 2.01 13.20 -44.34
N LYS C 21 2.35 12.41 -43.29
CA LYS C 21 3.68 12.38 -42.66
C LYS C 21 4.08 10.97 -42.16
N SER C 22 3.09 10.14 -41.77
CA SER C 22 3.22 8.76 -41.24
C SER C 22 4.01 8.65 -39.92
N THR C 23 3.24 8.49 -38.82
CA THR C 23 3.71 8.37 -37.43
C THR C 23 4.30 6.99 -37.12
N THR C 24 3.89 5.98 -37.91
CA THR C 24 4.25 4.55 -37.85
C THR C 24 5.63 4.27 -37.26
N LYS C 25 5.67 3.45 -36.20
CA LYS C 25 6.89 3.03 -35.50
C LYS C 25 7.43 1.81 -36.27
N THR C 26 8.19 2.08 -37.33
CA THR C 26 8.74 1.08 -38.25
C THR C 26 9.68 0.05 -37.61
N GLN C 27 10.39 0.43 -36.52
CA GLN C 27 11.32 -0.42 -35.77
C GLN C 27 10.64 -1.72 -35.31
N ARG C 28 9.36 -1.61 -34.98
CA ARG C 28 8.51 -2.68 -34.47
C ARG C 28 8.27 -3.74 -35.55
N ILE C 29 7.52 -3.35 -36.61
CA ILE C 29 7.15 -4.19 -37.76
C ILE C 29 8.33 -4.63 -38.66
N ALA C 30 9.55 -4.11 -38.39
CA ALA C 30 10.78 -4.37 -39.14
C ALA C 30 11.15 -5.86 -39.22
N SER C 31 10.91 -6.58 -38.13
CA SER C 31 11.21 -8.00 -38.03
C SER C 31 10.26 -8.86 -38.87
N HIS C 32 9.13 -8.27 -39.32
CA HIS C 32 8.08 -8.96 -40.08
C HIS C 32 7.94 -8.45 -41.50
N SER C 33 8.93 -7.70 -42.00
CA SER C 33 8.97 -7.16 -43.37
C SER C 33 8.59 -8.20 -44.45
N HIS C 34 8.86 -9.49 -44.18
CA HIS C 34 8.60 -10.62 -45.05
C HIS C 34 7.15 -11.12 -45.04
N VAL C 35 6.36 -10.82 -43.98
CA VAL C 35 4.96 -11.26 -43.80
C VAL C 35 4.08 -10.40 -44.68
N LYS C 36 3.53 -11.00 -45.75
CA LYS C 36 2.71 -10.31 -46.76
C LYS C 36 1.23 -10.71 -46.76
N GLY C 37 0.90 -11.70 -45.94
CA GLY C 37 -0.45 -12.23 -45.78
C GLY C 37 -0.47 -13.53 -45.02
N LEU C 38 -1.60 -14.26 -45.07
CA LEU C 38 -1.75 -15.55 -44.38
C LEU C 38 -1.34 -16.77 -45.22
N GLY C 39 -1.20 -16.58 -46.52
CA GLY C 39 -0.81 -17.65 -47.42
C GLY C 39 -1.76 -18.82 -47.47
N LEU C 40 -3.07 -18.52 -47.51
CA LEU C 40 -4.11 -19.53 -47.57
C LEU C 40 -4.54 -19.75 -48.98
N ASP C 41 -5.06 -20.95 -49.27
CA ASP C 41 -5.57 -21.24 -50.61
C ASP C 41 -7.01 -20.76 -50.76
N GLU C 42 -7.53 -20.79 -51.99
CA GLU C 42 -8.88 -20.37 -52.37
C GLU C 42 -9.96 -20.86 -51.37
N SER C 43 -9.84 -22.13 -50.91
CA SER C 43 -10.75 -22.75 -49.96
C SER C 43 -10.62 -22.15 -48.53
N GLY C 44 -9.39 -21.90 -48.10
CA GLY C 44 -9.08 -21.34 -46.80
C GLY C 44 -8.08 -22.14 -46.00
N LEU C 45 -7.42 -23.11 -46.66
CA LEU C 45 -6.42 -23.94 -46.02
C LEU C 45 -5.04 -23.35 -46.23
N ALA C 46 -4.17 -23.50 -45.23
CA ALA C 46 -2.82 -22.95 -45.28
C ALA C 46 -1.89 -23.83 -46.13
N LYS C 47 -0.90 -23.20 -46.75
CA LYS C 47 0.14 -23.86 -47.54
C LYS C 47 1.39 -23.89 -46.65
N GLN C 48 2.24 -24.95 -46.71
CA GLN C 48 3.46 -25.05 -45.88
C GLN C 48 4.19 -23.70 -45.79
N ALA C 49 4.51 -23.11 -46.94
CA ALA C 49 5.14 -21.81 -47.04
C ALA C 49 4.43 -21.03 -48.15
N ALA C 50 3.90 -19.85 -47.79
CA ALA C 50 3.18 -18.92 -48.67
C ALA C 50 2.98 -17.57 -47.99
N SER C 51 2.98 -16.48 -48.80
CA SER C 51 2.84 -15.07 -48.38
C SER C 51 3.86 -14.62 -47.29
N GLY C 52 4.96 -15.37 -47.17
CA GLY C 52 6.00 -15.09 -46.18
C GLY C 52 5.93 -15.97 -44.96
N LEU C 53 4.76 -16.59 -44.73
CA LEU C 53 4.52 -17.48 -43.59
C LEU C 53 4.90 -18.93 -43.87
N VAL C 54 5.56 -19.55 -42.87
CA VAL C 54 6.01 -20.95 -42.86
C VAL C 54 5.31 -21.68 -41.72
N GLY C 55 4.82 -22.89 -41.99
CA GLY C 55 4.15 -23.72 -41.00
C GLY C 55 3.05 -22.98 -40.28
N GLN C 56 2.82 -23.29 -38.97
CA GLN C 56 1.78 -22.66 -38.14
C GLN C 56 0.46 -22.63 -38.92
N GLU C 57 0.17 -23.75 -39.63
CA GLU C 57 -0.97 -23.90 -40.53
C GLU C 57 -2.30 -23.74 -39.85
N ASN C 58 -2.46 -24.34 -38.68
CA ASN C 58 -3.74 -24.28 -38.00
C ASN C 58 -4.09 -22.89 -37.49
N ALA C 59 -3.11 -22.19 -36.90
CA ALA C 59 -3.33 -20.84 -36.41
C ALA C 59 -3.63 -19.93 -37.61
N ARG C 60 -2.94 -20.15 -38.75
CA ARG C 60 -3.13 -19.39 -39.99
C ARG C 60 -4.55 -19.58 -40.52
N GLU C 61 -5.05 -20.84 -40.55
CA GLU C 61 -6.39 -21.17 -41.02
C GLU C 61 -7.46 -20.47 -40.15
N ALA C 62 -7.23 -20.46 -38.81
CA ALA C 62 -8.10 -19.83 -37.80
C ALA C 62 -8.14 -18.33 -37.99
N CYS C 63 -7.00 -17.71 -38.39
CA CYS C 63 -6.90 -16.28 -38.66
C CYS C 63 -7.71 -15.96 -39.93
N GLY C 64 -7.74 -16.91 -40.86
CA GLY C 64 -8.49 -16.81 -42.10
C GLY C 64 -9.97 -16.62 -41.83
N VAL C 65 -10.51 -17.41 -40.88
CA VAL C 65 -11.91 -17.34 -40.43
C VAL C 65 -12.11 -15.96 -39.79
N ILE C 66 -11.21 -15.54 -38.88
CA ILE C 66 -11.26 -14.21 -38.25
C ILE C 66 -11.34 -13.13 -39.32
N VAL C 67 -10.52 -13.23 -40.40
CA VAL C 67 -10.51 -12.27 -41.51
C VAL C 67 -11.88 -12.18 -42.18
N GLU C 68 -12.48 -13.35 -42.53
CA GLU C 68 -13.81 -13.40 -43.14
C GLU C 68 -14.90 -12.86 -42.20
N LEU C 69 -14.79 -13.13 -40.89
CA LEU C 69 -15.76 -12.65 -39.90
C LEU C 69 -15.71 -11.12 -39.79
N ILE C 70 -14.48 -10.52 -39.86
CA ILE C 70 -14.29 -9.07 -39.81
C ILE C 70 -14.95 -8.45 -41.05
N LYS C 71 -14.68 -9.04 -42.23
CA LYS C 71 -15.19 -8.63 -43.53
C LYS C 71 -16.70 -8.84 -43.65
N SER C 72 -17.26 -9.85 -42.95
CA SER C 72 -18.70 -10.18 -42.97
C SER C 72 -19.47 -9.46 -41.87
N LYS C 73 -18.80 -8.54 -41.16
CA LYS C 73 -19.34 -7.75 -40.04
C LYS C 73 -19.89 -8.64 -38.89
N LYS C 74 -19.34 -9.87 -38.77
CA LYS C 74 -19.72 -10.87 -37.76
C LYS C 74 -18.83 -10.85 -36.51
N MSE C 75 -17.81 -9.96 -36.51
CA MSE C 75 -16.93 -9.76 -35.36
C MSE C 75 -17.54 -8.68 -34.44
O MSE C 75 -16.82 -7.85 -33.87
CB MSE C 75 -15.53 -9.35 -35.83
CG MSE C 75 -14.71 -10.52 -36.32
SE MSE C 75 -14.37 -11.89 -34.97
CE MSE C 75 -13.06 -10.98 -33.94
N ALA C 76 -18.87 -8.72 -34.31
CA ALA C 76 -19.65 -7.78 -33.52
C ALA C 76 -19.24 -7.84 -32.03
N GLY C 77 -18.48 -6.82 -31.61
CA GLY C 77 -17.97 -6.66 -30.26
C GLY C 77 -16.94 -7.69 -29.82
N ARG C 78 -16.54 -8.61 -30.73
CA ARG C 78 -15.58 -9.67 -30.46
C ARG C 78 -14.14 -9.23 -30.64
N ALA C 79 -13.23 -9.78 -29.82
CA ALA C 79 -11.78 -9.54 -29.91
C ALA C 79 -11.10 -10.89 -30.16
N VAL C 80 -9.77 -10.89 -30.34
CA VAL C 80 -9.00 -12.10 -30.61
C VAL C 80 -7.84 -12.21 -29.65
N LEU C 81 -7.51 -13.44 -29.19
CA LEU C 81 -6.33 -13.70 -28.37
C LEU C 81 -5.48 -14.74 -29.06
N LEU C 82 -4.19 -14.44 -29.19
CA LEU C 82 -3.24 -15.37 -29.75
C LEU C 82 -2.44 -15.94 -28.58
N ALA C 83 -2.74 -17.18 -28.19
CA ALA C 83 -2.10 -17.87 -27.07
C ALA C 83 -1.05 -18.88 -27.58
N GLY C 84 0.21 -18.65 -27.23
CA GLY C 84 1.30 -19.53 -27.65
C GLY C 84 2.64 -19.11 -27.06
N PRO C 85 3.68 -19.99 -27.10
CA PRO C 85 4.98 -19.64 -26.52
C PRO C 85 5.66 -18.49 -27.24
N PRO C 86 6.61 -17.75 -26.61
CA PRO C 86 7.29 -16.66 -27.33
C PRO C 86 8.09 -17.14 -28.55
N GLY C 87 8.02 -16.34 -29.61
CA GLY C 87 8.68 -16.64 -30.87
C GLY C 87 7.98 -17.71 -31.67
N THR C 88 6.60 -17.68 -31.68
CA THR C 88 5.74 -18.61 -32.43
C THR C 88 4.84 -17.87 -33.44
N GLY C 89 5.25 -16.65 -33.78
CA GLY C 89 4.57 -15.80 -34.75
C GLY C 89 3.22 -15.24 -34.39
N LYS C 90 2.96 -14.98 -33.12
CA LYS C 90 1.69 -14.37 -32.69
C LYS C 90 1.56 -12.96 -33.31
N THR C 91 2.68 -12.18 -33.30
CA THR C 91 2.76 -10.83 -33.85
C THR C 91 2.70 -10.92 -35.37
N ALA C 92 3.49 -11.84 -35.95
CA ALA C 92 3.55 -12.09 -37.40
C ALA C 92 2.12 -12.38 -37.94
N LEU C 93 1.31 -13.21 -37.21
CA LEU C 93 -0.07 -13.53 -37.57
C LEU C 93 -0.98 -12.33 -37.48
N ALA C 94 -0.85 -11.51 -36.40
CA ALA C 94 -1.66 -10.31 -36.19
C ALA C 94 -1.38 -9.30 -37.30
N LEU C 95 -0.13 -9.26 -37.80
CA LEU C 95 0.27 -8.39 -38.89
C LEU C 95 -0.32 -8.93 -40.20
N ALA C 96 -0.29 -10.28 -40.38
CA ALA C 96 -0.83 -10.97 -41.55
C ALA C 96 -2.34 -10.76 -41.66
N ILE C 97 -3.06 -10.70 -40.51
CA ILE C 97 -4.48 -10.43 -40.45
C ILE C 97 -4.72 -9.04 -41.06
N ALA C 98 -3.93 -8.04 -40.64
CA ALA C 98 -4.02 -6.67 -41.13
C ALA C 98 -3.72 -6.61 -42.62
N GLN C 99 -2.75 -7.44 -43.10
CA GLN C 99 -2.35 -7.52 -44.51
C GLN C 99 -3.53 -8.01 -45.34
N GLU C 100 -4.15 -9.13 -44.89
CA GLU C 100 -5.30 -9.81 -45.50
C GLU C 100 -6.56 -8.96 -45.51
N LEU C 101 -6.68 -7.97 -44.60
CA LEU C 101 -7.84 -7.08 -44.56
C LEU C 101 -7.84 -6.11 -45.75
N GLY C 102 -6.79 -6.20 -46.55
CA GLY C 102 -6.52 -5.38 -47.72
C GLY C 102 -5.38 -4.46 -47.36
N SER C 103 -4.32 -4.35 -48.20
CA SER C 103 -3.21 -3.47 -47.81
C SER C 103 -3.54 -1.97 -47.62
N LYS C 104 -2.69 -1.34 -46.80
CA LYS C 104 -2.76 0.01 -46.26
C LYS C 104 -3.83 0.10 -45.16
N VAL C 105 -4.10 -1.06 -44.49
CA VAL C 105 -4.99 -1.21 -43.33
C VAL C 105 -4.04 -1.04 -42.13
N PRO C 106 -4.33 -0.10 -41.17
CA PRO C 106 -3.38 0.12 -40.06
C PRO C 106 -3.16 -1.08 -39.19
N PHE C 107 -1.95 -1.22 -38.68
CA PHE C 107 -1.57 -2.26 -37.74
C PHE C 107 -0.76 -1.57 -36.68
N CYS C 108 -1.24 -1.61 -35.44
CA CYS C 108 -0.58 -0.96 -34.32
C CYS C 108 -0.15 -1.95 -33.24
N PRO C 109 1.11 -2.42 -33.30
CA PRO C 109 1.58 -3.36 -32.27
C PRO C 109 2.02 -2.61 -31.02
N MSE C 110 1.57 -3.10 -29.86
CA MSE C 110 1.89 -2.49 -28.58
C MSE C 110 2.09 -3.54 -27.51
O MSE C 110 1.73 -4.69 -27.70
CB MSE C 110 0.83 -1.46 -28.18
CG MSE C 110 -0.49 -2.08 -27.75
SE MSE C 110 -1.56 -0.93 -26.57
CE MSE C 110 -0.36 -0.75 -24.99
N VAL C 111 2.70 -3.14 -26.39
CA VAL C 111 2.97 -4.00 -25.23
C VAL C 111 2.17 -3.46 -24.04
N GLY C 112 1.46 -4.34 -23.35
CA GLY C 112 0.67 -4.01 -22.16
C GLY C 112 1.36 -3.07 -21.19
N SER C 113 2.70 -3.22 -21.02
CA SER C 113 3.48 -2.36 -20.13
C SER C 113 3.65 -0.89 -20.58
N GLU C 114 3.30 -0.56 -21.85
CA GLU C 114 3.39 0.79 -22.40
C GLU C 114 2.52 1.81 -21.67
N VAL C 115 1.40 1.33 -21.09
CA VAL C 115 0.46 2.17 -20.36
C VAL C 115 1.06 2.78 -19.09
N TYR C 116 2.08 2.09 -18.52
CA TYR C 116 2.79 2.52 -17.31
C TYR C 116 3.91 3.48 -17.60
N SER C 117 3.57 4.78 -17.60
CA SER C 117 4.50 5.91 -17.80
C SER C 117 4.25 6.93 -16.71
N THR C 118 5.30 7.61 -16.26
CA THR C 118 5.11 8.62 -15.21
C THR C 118 4.58 9.95 -15.78
N GLU C 119 5.04 10.35 -16.96
CA GLU C 119 4.62 11.61 -17.56
C GLU C 119 3.36 11.53 -18.43
N ILE C 120 2.95 10.33 -18.89
CA ILE C 120 1.75 10.18 -19.72
C ILE C 120 0.68 9.23 -19.14
N LYS C 121 -0.58 9.73 -19.03
CA LYS C 121 -1.76 9.01 -18.50
C LYS C 121 -2.04 7.73 -19.30
N LYS C 122 -2.54 6.67 -18.60
CA LYS C 122 -2.86 5.36 -19.20
C LYS C 122 -3.81 5.52 -20.40
N THR C 123 -4.85 6.36 -20.23
CA THR C 123 -5.88 6.70 -21.24
C THR C 123 -5.25 7.30 -22.48
N GLU C 124 -4.22 8.15 -22.30
CA GLU C 124 -3.52 8.81 -23.40
C GLU C 124 -2.64 7.86 -24.22
N VAL C 125 -2.06 6.83 -23.58
CA VAL C 125 -1.24 5.80 -24.23
C VAL C 125 -2.19 4.96 -25.09
N LEU C 126 -3.37 4.60 -24.54
CA LEU C 126 -4.38 3.79 -25.20
C LEU C 126 -5.11 4.52 -26.32
N MSE C 127 -5.49 5.79 -26.05
CA MSE C 127 -6.16 6.63 -27.02
C MSE C 127 -5.27 6.72 -28.26
O MSE C 127 -5.72 6.37 -29.35
CB MSE C 127 -6.47 8.01 -26.42
CG MSE C 127 -7.13 9.00 -27.37
SE MSE C 127 -8.80 8.40 -28.22
CE MSE C 127 -9.45 10.18 -28.97
N GLU C 128 -3.98 7.10 -28.09
CA GLU C 128 -3.01 7.21 -29.19
C GLU C 128 -2.92 5.93 -30.02
N ASN C 129 -2.74 4.77 -29.37
CA ASN C 129 -2.64 3.47 -30.05
C ASN C 129 -3.91 3.07 -30.80
N PHE C 130 -5.10 3.48 -30.29
CA PHE C 130 -6.37 3.23 -30.96
C PHE C 130 -6.45 4.09 -32.22
N ARG C 131 -6.10 5.39 -32.11
CA ARG C 131 -6.05 6.37 -33.18
C ARG C 131 -5.00 5.96 -34.24
N ARG C 132 -3.90 5.29 -33.80
CA ARG C 132 -2.86 4.76 -34.66
C ARG C 132 -3.38 3.53 -35.43
N ALA C 133 -4.45 2.89 -34.93
CA ALA C 133 -5.05 1.68 -35.52
C ALA C 133 -6.29 1.96 -36.40
N ILE C 134 -6.77 3.22 -36.46
CA ILE C 134 -7.91 3.56 -37.31
C ILE C 134 -7.47 4.53 -38.37
N GLY C 135 -7.62 4.12 -39.62
CA GLY C 135 -7.15 4.89 -40.76
C GLY C 135 -8.23 5.53 -41.59
N LEU C 136 -7.78 6.30 -42.61
CA LEU C 136 -8.61 7.03 -43.57
C LEU C 136 -8.06 6.87 -44.98
N ARG C 137 -8.97 6.71 -45.95
CA ARG C 137 -8.65 6.61 -47.36
C ARG C 137 -9.28 7.82 -48.04
N ILE C 138 -8.46 8.75 -48.56
CA ILE C 138 -8.98 9.95 -49.23
C ILE C 138 -8.95 9.77 -50.75
N LYS C 139 -10.09 10.00 -51.43
CA LYS C 139 -10.22 9.82 -52.88
C LYS C 139 -10.37 11.12 -53.67
N ILE C 145 -4.43 9.00 -57.59
CA ILE C 145 -3.76 8.95 -56.29
C ILE C 145 -4.77 8.94 -55.14
N ILE C 146 -4.58 7.99 -54.20
CA ILE C 146 -5.40 7.80 -53.01
C ILE C 146 -4.51 7.93 -51.76
N GLN C 147 -4.82 8.91 -50.88
CA GLN C 147 -4.08 9.15 -49.65
C GLN C 147 -4.54 8.23 -48.53
N ASP C 148 -3.56 7.53 -47.90
CA ASP C 148 -3.80 6.60 -46.79
C ASP C 148 -3.15 7.13 -45.52
N VAL C 149 -4.00 7.73 -44.66
CA VAL C 149 -3.63 8.39 -43.42
C VAL C 149 -4.31 7.65 -42.24
N THR C 150 -3.65 7.64 -41.05
CA THR C 150 -4.26 7.09 -39.84
C THR C 150 -4.76 8.28 -39.02
N LEU C 151 -5.72 8.06 -38.11
CA LEU C 151 -6.26 9.14 -37.27
C LEU C 151 -5.20 9.82 -36.41
N HIS C 152 -4.11 9.11 -36.08
CA HIS C 152 -3.00 9.66 -35.31
C HIS C 152 -2.08 10.56 -36.16
N ASP C 153 -1.88 10.22 -37.45
CA ASP C 153 -1.06 11.04 -38.39
C ASP C 153 -1.69 12.43 -38.49
N LEU C 154 -3.04 12.49 -38.49
CA LEU C 154 -3.85 13.73 -38.53
C LEU C 154 -3.68 14.54 -37.24
N ASP C 155 -3.52 13.85 -36.10
CA ASP C 155 -3.35 14.48 -34.78
C ASP C 155 -2.05 15.25 -34.71
N VAL C 156 -0.95 14.65 -35.20
CA VAL C 156 0.36 15.30 -35.22
C VAL C 156 0.41 16.40 -36.31
N ALA C 157 -0.34 16.18 -37.42
CA ALA C 157 -0.45 17.09 -38.57
C ALA C 157 -0.97 18.46 -38.13
N ASN C 158 -1.85 18.48 -37.12
CA ASN C 158 -2.41 19.70 -36.56
C ASN C 158 -1.39 20.42 -35.66
N ALA C 159 -0.70 19.66 -34.76
CA ALA C 159 0.31 20.22 -33.85
C ALA C 159 1.73 19.81 -34.24
N THR C 180 0.96 22.92 -30.17
CA THR C 180 1.51 22.82 -28.83
C THR C 180 1.62 21.33 -28.41
N GLU C 181 0.52 20.72 -27.93
CA GLU C 181 0.45 19.31 -27.51
C GLU C 181 -0.90 18.69 -27.89
N ILE C 182 -0.92 17.38 -28.28
CA ILE C 182 -2.11 16.66 -28.70
C ILE C 182 -3.14 16.48 -27.58
N THR C 183 -3.97 17.53 -27.39
CA THR C 183 -5.03 17.60 -26.38
C THR C 183 -6.28 16.93 -26.92
N ASP C 184 -7.23 16.58 -26.04
CA ASP C 184 -8.51 15.99 -26.45
C ASP C 184 -9.44 17.01 -27.11
N LYS C 185 -9.09 18.31 -26.98
CA LYS C 185 -9.79 19.43 -27.62
C LYS C 185 -9.38 19.46 -29.09
N LEU C 186 -8.09 19.15 -29.40
CA LEU C 186 -7.55 19.06 -30.76
C LEU C 186 -8.15 17.84 -31.47
N ARG C 187 -8.38 16.73 -30.70
CA ARG C 187 -8.98 15.48 -31.17
C ARG C 187 -10.43 15.68 -31.63
N GLY C 188 -11.16 16.56 -30.94
CA GLY C 188 -12.54 16.91 -31.25
C GLY C 188 -12.66 17.64 -32.57
N GLU C 189 -11.65 18.47 -32.91
CA GLU C 189 -11.55 19.23 -34.17
C GLU C 189 -11.38 18.30 -35.37
N ILE C 190 -10.41 17.35 -35.28
CA ILE C 190 -10.11 16.34 -36.30
C ILE C 190 -11.34 15.45 -36.52
N ASN C 191 -11.96 14.96 -35.41
CA ASN C 191 -13.16 14.11 -35.43
C ASN C 191 -14.35 14.74 -36.17
N LYS C 192 -14.53 16.08 -36.05
CA LYS C 192 -15.59 16.81 -36.74
C LYS C 192 -15.25 16.93 -38.23
N VAL C 193 -13.97 17.25 -38.55
CA VAL C 193 -13.43 17.37 -39.90
C VAL C 193 -13.58 16.03 -40.66
N VAL C 194 -13.08 14.93 -40.05
CA VAL C 194 -13.13 13.55 -40.57
C VAL C 194 -14.58 13.10 -40.84
N ASN C 195 -15.51 13.35 -39.87
CA ASN C 195 -16.92 12.96 -40.00
C ASN C 195 -17.66 13.66 -41.13
N LYS C 196 -17.26 14.91 -41.46
CA LYS C 196 -17.87 15.67 -42.56
C LYS C 196 -17.36 15.18 -43.91
N TYR C 197 -16.08 14.75 -43.98
CA TYR C 197 -15.43 14.20 -45.18
C TYR C 197 -16.06 12.85 -45.59
N ILE C 198 -16.40 11.98 -44.59
CA ILE C 198 -17.04 10.67 -44.77
C ILE C 198 -18.44 10.84 -45.37
N ASP C 199 -19.29 11.68 -44.73
CA ASP C 199 -20.66 11.98 -45.15
C ASP C 199 -20.72 12.61 -46.55
N GLN C 200 -19.67 13.39 -46.92
CA GLN C 200 -19.53 14.00 -48.24
C GLN C 200 -19.13 12.96 -49.28
N GLY C 201 -18.23 12.05 -48.88
CA GLY C 201 -17.73 10.97 -49.72
C GLY C 201 -16.33 11.18 -50.28
N ILE C 202 -15.59 12.17 -49.74
CA ILE C 202 -14.22 12.46 -50.17
C ILE C 202 -13.24 11.45 -49.53
N ALA C 203 -13.51 11.07 -48.26
CA ALA C 203 -12.69 10.12 -47.51
C ALA C 203 -13.51 9.00 -46.88
N GLU C 204 -12.93 7.78 -46.77
CA GLU C 204 -13.56 6.61 -46.17
C GLU C 204 -12.73 6.09 -45.00
N LEU C 205 -13.40 5.72 -43.90
CA LEU C 205 -12.74 5.23 -42.69
C LEU C 205 -12.41 3.73 -42.75
N VAL C 206 -11.13 3.40 -42.54
CA VAL C 206 -10.61 2.03 -42.54
C VAL C 206 -10.08 1.61 -41.18
N PRO C 207 -10.92 0.89 -40.38
CA PRO C 207 -10.44 0.44 -39.05
C PRO C 207 -9.48 -0.75 -39.20
N GLY C 208 -8.31 -0.63 -38.59
CA GLY C 208 -7.27 -1.64 -38.70
C GLY C 208 -7.23 -2.66 -37.59
N VAL C 209 -6.02 -3.04 -37.19
CA VAL C 209 -5.74 -4.04 -36.18
C VAL C 209 -4.91 -3.41 -35.05
N LEU C 210 -5.38 -3.51 -33.79
CA LEU C 210 -4.62 -3.06 -32.63
C LEU C 210 -4.11 -4.31 -31.91
N PHE C 211 -2.79 -4.58 -32.02
CA PHE C 211 -2.18 -5.75 -31.40
C PHE C 211 -1.61 -5.41 -30.04
N VAL C 212 -2.11 -6.07 -28.99
CA VAL C 212 -1.69 -5.85 -27.61
C VAL C 212 -0.97 -7.09 -27.09
N ASP C 213 0.37 -7.05 -27.06
CA ASP C 213 1.19 -8.13 -26.53
C ASP C 213 1.32 -7.95 -25.01
N GLU C 214 1.79 -9.02 -24.32
CA GLU C 214 1.97 -9.04 -22.86
C GLU C 214 0.70 -8.50 -22.22
N VAL C 215 -0.44 -9.14 -22.57
CA VAL C 215 -1.77 -8.74 -22.10
C VAL C 215 -1.92 -8.73 -20.57
N HIS C 216 -1.29 -9.70 -19.88
CA HIS C 216 -1.31 -9.86 -18.42
C HIS C 216 -0.75 -8.63 -17.68
N MSE C 217 -0.15 -7.70 -18.45
CA MSE C 217 0.42 -6.47 -17.96
C MSE C 217 -0.59 -5.32 -17.89
O MSE C 217 -0.36 -4.40 -17.12
CB MSE C 217 1.68 -6.08 -18.75
CG MSE C 217 2.76 -5.49 -17.87
SE MSE C 217 3.41 -6.69 -16.42
CE MSE C 217 4.82 -7.68 -17.43
N LEU C 218 -1.71 -5.40 -18.63
CA LEU C 218 -2.74 -4.36 -18.54
C LEU C 218 -3.49 -4.49 -17.22
N ASP C 219 -3.89 -3.34 -16.64
CA ASP C 219 -4.62 -3.38 -15.38
C ASP C 219 -6.12 -3.34 -15.62
N ILE C 220 -6.90 -3.81 -14.64
CA ILE C 220 -8.36 -3.85 -14.67
C ILE C 220 -8.99 -2.62 -15.33
N GLU C 221 -8.46 -1.42 -15.06
CA GLU C 221 -8.97 -0.16 -15.60
C GLU C 221 -8.73 0.00 -17.11
N CYS C 222 -7.62 -0.57 -17.61
CA CYS C 222 -7.26 -0.56 -19.04
C CYS C 222 -8.20 -1.47 -19.80
N PHE C 223 -8.51 -2.65 -19.23
CA PHE C 223 -9.42 -3.62 -19.85
C PHE C 223 -10.79 -3.01 -20.00
N THR C 224 -11.22 -2.24 -19.00
CA THR C 224 -12.49 -1.49 -19.00
C THR C 224 -12.48 -0.43 -20.11
N TYR C 225 -11.32 0.20 -20.35
CA TYR C 225 -11.15 1.17 -21.44
C TYR C 225 -11.19 0.48 -22.82
N LEU C 226 -10.64 -0.75 -22.92
CA LEU C 226 -10.63 -1.50 -24.17
C LEU C 226 -12.00 -2.02 -24.49
N HIS C 227 -12.63 -2.70 -23.54
CA HIS C 227 -13.96 -3.30 -23.66
C HIS C 227 -14.96 -2.27 -24.18
N ARG C 228 -14.94 -1.07 -23.59
CA ARG C 228 -15.79 0.06 -23.95
C ARG C 228 -15.50 0.51 -25.39
N ALA C 229 -14.22 0.58 -25.77
CA ALA C 229 -13.83 0.98 -27.11
C ALA C 229 -14.21 -0.08 -28.14
N LEU C 230 -14.06 -1.36 -27.78
CA LEU C 230 -14.39 -2.55 -28.56
C LEU C 230 -15.91 -2.63 -28.91
N GLU C 231 -16.77 -1.95 -28.11
CA GLU C 231 -18.23 -1.84 -28.31
C GLU C 231 -18.57 -0.85 -29.45
N SER C 232 -17.65 0.08 -29.79
CA SER C 232 -17.85 1.07 -30.85
C SER C 232 -17.89 0.42 -32.24
N SER C 233 -18.62 1.08 -33.15
CA SER C 233 -18.81 0.66 -34.55
C SER C 233 -17.54 0.89 -35.38
N ILE C 234 -16.88 2.04 -35.15
CA ILE C 234 -15.68 2.46 -35.89
C ILE C 234 -14.34 2.05 -35.22
N ALA C 235 -14.39 1.00 -34.37
CA ALA C 235 -13.24 0.48 -33.65
C ALA C 235 -12.33 -0.46 -34.46
N PRO C 236 -11.01 -0.56 -34.15
CA PRO C 236 -10.17 -1.54 -34.84
C PRO C 236 -10.40 -2.94 -34.26
N ILE C 237 -9.86 -3.98 -34.90
CA ILE C 237 -9.99 -5.32 -34.36
C ILE C 237 -8.87 -5.50 -33.35
N VAL C 238 -9.22 -5.64 -32.07
CA VAL C 238 -8.25 -5.81 -30.99
C VAL C 238 -7.72 -7.25 -30.94
N ILE C 239 -6.40 -7.39 -31.04
CA ILE C 239 -5.77 -8.71 -31.00
C ILE C 239 -4.83 -8.81 -29.80
N PHE C 240 -5.20 -9.65 -28.84
CA PHE C 240 -4.38 -9.87 -27.66
C PHE C 240 -3.41 -11.01 -27.94
N ALA C 241 -2.33 -11.07 -27.14
CA ALA C 241 -1.34 -12.13 -27.21
C ALA C 241 -0.88 -12.54 -25.80
N SER C 242 -0.92 -13.86 -25.49
CA SER C 242 -0.46 -14.37 -24.20
C SER C 242 0.49 -15.55 -24.35
N ASN C 243 1.38 -15.77 -23.37
CA ASN C 243 2.34 -16.88 -23.31
C ASN C 243 2.31 -17.44 -21.87
N ARG C 244 1.24 -17.06 -21.13
CA ARG C 244 0.95 -17.39 -19.74
C ARG C 244 -0.43 -18.05 -19.65
N GLY C 245 -0.66 -18.72 -18.54
CA GLY C 245 -1.94 -19.36 -18.25
C GLY C 245 -2.79 -18.45 -17.39
N ASN C 246 -3.23 -18.95 -16.23
CA ASN C 246 -4.02 -18.14 -15.31
C ASN C 246 -3.13 -17.13 -14.61
N CYS C 247 -3.57 -15.86 -14.56
CA CYS C 247 -2.82 -14.77 -13.93
C CYS C 247 -3.72 -13.95 -13.08
N VAL C 248 -3.13 -13.29 -12.09
CA VAL C 248 -3.85 -12.33 -11.26
C VAL C 248 -4.07 -11.11 -12.17
N ILE C 249 -5.29 -10.57 -12.18
CA ILE C 249 -5.65 -9.41 -12.98
C ILE C 249 -5.00 -8.22 -12.27
N ARG C 250 -4.17 -7.44 -12.98
CA ARG C 250 -3.44 -6.30 -12.42
C ARG C 250 -4.42 -5.28 -11.87
N GLY C 251 -4.26 -4.93 -10.60
CA GLY C 251 -5.16 -4.00 -9.93
C GLY C 251 -6.17 -4.71 -9.05
N THR C 252 -6.13 -6.07 -9.03
CA THR C 252 -7.03 -6.87 -8.20
C THR C 252 -6.30 -7.56 -7.05
N GLU C 253 -5.01 -7.87 -7.23
CA GLU C 253 -4.11 -8.54 -6.27
C GLU C 253 -4.45 -10.01 -5.89
N ASP C 254 -5.75 -10.34 -5.81
CA ASP C 254 -6.24 -11.66 -5.43
C ASP C 254 -6.75 -12.46 -6.61
N ILE C 255 -7.43 -11.78 -7.57
CA ILE C 255 -8.18 -12.34 -8.70
C ILE C 255 -7.40 -12.90 -9.91
N THR C 256 -7.37 -14.24 -10.03
CA THR C 256 -6.74 -14.99 -11.09
C THR C 256 -7.76 -15.32 -12.16
N SER C 257 -7.45 -15.03 -13.43
CA SER C 257 -8.30 -15.36 -14.57
C SER C 257 -7.42 -15.76 -15.75
N PRO C 258 -7.94 -16.50 -16.76
CA PRO C 258 -7.07 -16.91 -17.89
C PRO C 258 -6.40 -15.76 -18.61
N HIS C 259 -5.08 -15.87 -18.77
CA HIS C 259 -4.22 -14.90 -19.46
C HIS C 259 -4.20 -13.51 -18.79
N GLY C 260 -4.76 -13.42 -17.59
CA GLY C 260 -4.87 -12.20 -16.80
C GLY C 260 -5.94 -11.25 -17.31
N ILE C 261 -6.86 -11.75 -18.18
CA ILE C 261 -7.93 -10.97 -18.80
C ILE C 261 -9.22 -11.15 -18.02
N PRO C 262 -9.89 -10.04 -17.62
CA PRO C 262 -11.15 -10.16 -16.90
C PRO C 262 -12.14 -11.00 -17.67
N LEU C 263 -12.89 -11.88 -16.96
CA LEU C 263 -13.86 -12.79 -17.57
C LEU C 263 -14.90 -12.10 -18.41
N ASP C 264 -15.29 -10.87 -18.03
CA ASP C 264 -16.23 -10.05 -18.78
C ASP C 264 -15.71 -9.85 -20.24
N LEU C 265 -14.43 -9.49 -20.39
CA LEU C 265 -13.80 -9.28 -21.69
C LEU C 265 -13.47 -10.59 -22.38
N LEU C 266 -13.00 -11.58 -21.61
CA LEU C 266 -12.61 -12.91 -22.08
C LEU C 266 -13.75 -13.71 -22.71
N ASP C 267 -14.99 -13.37 -22.34
CA ASP C 267 -16.18 -14.01 -22.88
C ASP C 267 -16.40 -13.55 -24.31
N ARG C 268 -15.90 -12.34 -24.64
CA ARG C 268 -16.02 -11.73 -25.97
C ARG C 268 -14.78 -12.01 -26.83
N VAL C 269 -13.82 -12.80 -26.32
CA VAL C 269 -12.54 -13.11 -26.99
C VAL C 269 -12.52 -14.49 -27.63
N MSE C 270 -11.95 -14.60 -28.84
CA MSE C 270 -11.77 -15.86 -29.58
C MSE C 270 -10.32 -16.28 -29.53
O MSE C 270 -9.46 -15.56 -30.04
CB MSE C 270 -12.25 -15.70 -31.01
CG MSE C 270 -13.71 -15.98 -31.13
SE MSE C 270 -14.41 -15.62 -32.89
CE MSE C 270 -15.73 -17.19 -33.00
N ILE C 271 -10.02 -17.42 -28.88
CA ILE C 271 -8.63 -17.87 -28.70
C ILE C 271 -8.11 -18.74 -29.84
N ILE C 272 -6.89 -18.40 -30.31
CA ILE C 272 -6.15 -19.09 -31.38
C ILE C 272 -4.83 -19.52 -30.75
N ARG C 273 -4.49 -20.80 -30.88
CA ARG C 273 -3.26 -21.32 -30.32
C ARG C 273 -2.13 -21.31 -31.36
N THR C 274 -0.97 -20.77 -30.97
CA THR C 274 0.24 -20.80 -31.80
C THR C 274 1.17 -21.84 -31.16
N MSE C 275 1.90 -22.59 -31.99
CA MSE C 275 2.80 -23.63 -31.49
C MSE C 275 4.22 -23.47 -31.91
O MSE C 275 4.50 -22.71 -32.84
CB MSE C 275 2.32 -25.00 -31.93
CG MSE C 275 1.01 -25.38 -31.38
SE MSE C 275 0.38 -26.86 -32.40
CE MSE C 275 -0.03 -25.94 -34.19
N LEU C 276 5.12 -24.22 -31.23
CA LEU C 276 6.55 -24.20 -31.50
C LEU C 276 6.85 -24.83 -32.83
N TYR C 277 7.79 -24.27 -33.56
CA TYR C 277 8.16 -24.73 -34.89
C TYR C 277 9.07 -25.93 -34.85
N THR C 278 8.94 -26.82 -35.86
CA THR C 278 9.82 -27.99 -36.02
C THR C 278 11.20 -27.44 -36.45
N PRO C 279 12.31 -28.22 -36.35
CA PRO C 279 13.61 -27.68 -36.78
C PRO C 279 13.71 -27.36 -38.28
N GLN C 280 12.85 -28.02 -39.10
CA GLN C 280 12.72 -27.77 -40.54
C GLN C 280 12.03 -26.42 -40.76
N GLU C 281 10.88 -26.18 -40.09
CA GLU C 281 10.12 -24.91 -40.12
C GLU C 281 10.98 -23.76 -39.63
N MSE C 282 11.83 -24.04 -38.62
CA MSE C 282 12.75 -23.10 -38.00
C MSE C 282 13.74 -22.57 -39.03
O MSE C 282 13.79 -21.36 -39.25
CB MSE C 282 13.47 -23.79 -36.84
CG MSE C 282 14.08 -22.82 -35.85
SE MSE C 282 12.87 -22.29 -34.41
CE MSE C 282 12.60 -24.03 -33.51
N LYS C 283 14.51 -23.48 -39.68
CA LYS C 283 15.50 -23.16 -40.72
C LYS C 283 14.83 -22.38 -41.85
N GLN C 284 13.60 -22.76 -42.20
CA GLN C 284 12.80 -22.14 -43.25
C GLN C 284 12.54 -20.67 -43.00
N ILE C 285 12.12 -20.32 -41.75
CA ILE C 285 11.84 -18.94 -41.35
C ILE C 285 13.15 -18.13 -41.35
N ILE C 286 14.18 -18.65 -40.67
CA ILE C 286 15.49 -18.03 -40.56
C ILE C 286 16.02 -17.65 -41.96
N LYS C 287 15.85 -18.56 -42.97
CA LYS C 287 16.27 -18.35 -44.37
C LYS C 287 15.52 -17.20 -45.02
N ILE C 288 14.19 -17.08 -44.77
CA ILE C 288 13.39 -15.98 -45.31
C ILE C 288 13.96 -14.66 -44.78
N ARG C 289 14.20 -14.60 -43.45
CA ARG C 289 14.77 -13.44 -42.77
C ARG C 289 16.14 -13.03 -43.36
N ALA C 290 17.01 -14.03 -43.58
CA ALA C 290 18.34 -13.87 -44.17
C ALA C 290 18.18 -13.26 -45.56
N GLN C 291 17.28 -13.83 -46.41
CA GLN C 291 16.98 -13.37 -47.78
C GLN C 291 16.46 -11.92 -47.78
N THR C 292 15.50 -11.64 -46.88
CA THR C 292 14.86 -10.33 -46.69
C THR C 292 15.92 -9.28 -46.40
N GLU C 293 16.81 -9.58 -45.44
CA GLU C 293 17.92 -8.71 -45.03
C GLU C 293 19.08 -8.68 -46.08
N GLY C 294 18.98 -9.49 -47.13
CA GLY C 294 20.01 -9.62 -48.17
C GLY C 294 21.31 -10.17 -47.59
N ILE C 295 21.19 -11.24 -46.80
CA ILE C 295 22.30 -11.93 -46.12
C ILE C 295 22.46 -13.34 -46.67
N ASN C 296 23.69 -13.69 -47.07
CA ASN C 296 24.00 -15.03 -47.58
C ASN C 296 24.41 -15.91 -46.40
N ILE C 297 23.84 -17.12 -46.33
CA ILE C 297 24.11 -18.07 -45.25
C ILE C 297 24.24 -19.49 -45.79
N SER C 298 25.33 -20.18 -45.39
CA SER C 298 25.56 -21.58 -45.75
C SER C 298 24.50 -22.47 -45.07
N GLU C 299 24.13 -23.61 -45.72
CA GLU C 299 23.13 -24.56 -45.21
C GLU C 299 23.58 -25.26 -43.93
N GLU C 300 24.89 -25.28 -43.67
CA GLU C 300 25.49 -25.85 -42.48
C GLU C 300 25.30 -24.85 -41.32
N ALA C 301 25.52 -23.54 -41.58
CA ALA C 301 25.36 -22.45 -40.63
C ALA C 301 23.89 -22.29 -40.27
N LEU C 302 22.99 -22.38 -41.27
CA LEU C 302 21.54 -22.29 -41.11
C LEU C 302 21.02 -23.45 -40.28
N ASN C 303 21.59 -24.66 -40.48
CA ASN C 303 21.19 -25.84 -39.71
C ASN C 303 21.51 -25.62 -38.23
N HIS C 304 22.71 -25.07 -37.93
CA HIS C 304 23.16 -24.75 -36.57
C HIS C 304 22.28 -23.65 -36.01
N LEU C 305 21.97 -22.63 -36.82
CA LEU C 305 21.12 -21.50 -36.45
C LEU C 305 19.67 -21.94 -36.18
N GLY C 306 19.27 -23.04 -36.82
CA GLY C 306 17.96 -23.64 -36.61
C GLY C 306 17.88 -24.33 -35.27
N GLU C 307 18.94 -25.10 -34.93
CA GLU C 307 19.00 -25.80 -33.66
C GLU C 307 19.20 -24.89 -32.45
N ILE C 308 19.79 -23.67 -32.68
CA ILE C 308 19.95 -22.63 -31.64
C ILE C 308 18.51 -22.20 -31.27
N GLY C 309 17.66 -22.05 -32.29
CA GLY C 309 16.26 -21.65 -32.15
C GLY C 309 15.48 -22.60 -31.29
N THR C 310 15.62 -23.91 -31.56
CA THR C 310 14.99 -25.02 -30.83
C THR C 310 15.37 -24.93 -29.35
N LYS C 311 16.66 -24.66 -29.07
CA LYS C 311 17.22 -24.53 -27.72
C LYS C 311 16.74 -23.24 -27.04
N THR C 312 16.73 -22.11 -27.76
CA THR C 312 16.29 -20.80 -27.23
C THR C 312 14.88 -20.47 -27.77
N THR C 313 14.77 -19.45 -28.65
CA THR C 313 13.53 -19.09 -29.35
C THR C 313 13.92 -18.76 -30.78
N LEU C 314 12.92 -18.72 -31.69
CA LEU C 314 13.11 -18.38 -33.10
C LEU C 314 13.60 -16.92 -33.19
N ARG C 315 13.03 -16.02 -32.35
CA ARG C 315 13.41 -14.61 -32.27
C ARG C 315 14.92 -14.48 -32.00
N TYR C 316 15.47 -15.26 -31.02
CA TYR C 316 16.89 -15.23 -30.70
C TYR C 316 17.75 -15.57 -31.91
N SER C 317 17.41 -16.69 -32.60
CA SER C 317 18.09 -17.21 -33.78
C SER C 317 18.14 -16.21 -34.90
N VAL C 318 16.98 -15.60 -35.23
CA VAL C 318 16.84 -14.59 -36.28
C VAL C 318 17.74 -13.40 -35.98
N GLN C 319 17.77 -12.98 -34.71
CA GLN C 319 18.58 -11.84 -34.29
C GLN C 319 20.09 -12.04 -34.39
N LEU C 320 20.57 -13.30 -34.39
CA LEU C 320 21.99 -13.62 -34.52
C LEU C 320 22.50 -13.37 -35.92
N LEU C 321 21.61 -13.30 -36.93
CA LEU C 321 21.97 -13.09 -38.33
C LEU C 321 22.82 -11.85 -38.60
N THR C 322 22.40 -10.68 -38.09
CA THR C 322 23.17 -9.43 -38.23
C THR C 322 24.60 -9.53 -37.65
N PRO C 323 24.81 -9.78 -36.32
CA PRO C 323 26.18 -9.94 -35.82
C PRO C 323 27.01 -11.01 -36.58
N ALA C 324 26.39 -12.18 -36.89
CA ALA C 324 27.06 -13.27 -37.63
C ALA C 324 27.53 -12.83 -39.00
N ASN C 325 26.73 -11.97 -39.67
CA ASN C 325 27.05 -11.40 -40.99
C ASN C 325 28.25 -10.45 -40.88
N LEU C 326 28.23 -9.53 -39.90
CA LEU C 326 29.31 -8.57 -39.65
C LEU C 326 30.63 -9.23 -39.33
N LEU C 327 30.58 -10.35 -38.56
CA LEU C 327 31.75 -11.17 -38.24
C LEU C 327 32.34 -11.75 -39.54
N ALA C 328 31.46 -12.24 -40.45
CA ALA C 328 31.87 -12.78 -41.75
C ALA C 328 32.51 -11.67 -42.60
N LYS C 329 31.88 -10.47 -42.65
CA LYS C 329 32.37 -9.29 -43.37
C LYS C 329 33.74 -8.86 -42.83
N ILE C 330 33.95 -8.95 -41.50
CA ILE C 330 35.23 -8.66 -40.83
C ILE C 330 36.29 -9.67 -41.28
N ASN C 331 35.90 -10.94 -41.36
CA ASN C 331 36.74 -12.06 -41.79
C ASN C 331 36.87 -12.11 -43.33
N GLY C 332 36.35 -11.09 -44.01
CA GLY C 332 36.35 -10.95 -45.46
C GLY C 332 35.66 -12.10 -46.16
N LYS C 333 34.45 -12.43 -45.69
CA LYS C 333 33.68 -13.54 -46.22
C LYS C 333 32.35 -13.07 -46.81
N ASP C 334 32.00 -13.64 -47.97
CA ASP C 334 30.78 -13.34 -48.74
C ASP C 334 29.52 -13.74 -47.98
N SER C 335 29.54 -14.92 -47.32
CA SER C 335 28.40 -15.45 -46.58
C SER C 335 28.75 -15.80 -45.13
N ILE C 336 27.71 -16.13 -44.35
CA ILE C 336 27.83 -16.59 -42.98
C ILE C 336 28.09 -18.09 -43.05
N GLU C 337 29.14 -18.55 -42.38
CA GLU C 337 29.47 -19.97 -42.30
C GLU C 337 29.21 -20.44 -40.85
N LYS C 338 29.34 -21.76 -40.59
CA LYS C 338 29.08 -22.33 -39.26
C LYS C 338 29.92 -21.68 -38.17
N GLU C 339 31.23 -21.45 -38.42
CA GLU C 339 32.17 -20.81 -37.47
C GLU C 339 31.65 -19.48 -36.97
N HIS C 340 31.14 -18.63 -37.89
CA HIS C 340 30.61 -17.30 -37.60
C HIS C 340 29.44 -17.36 -36.63
N VAL C 341 28.49 -18.27 -36.90
CA VAL C 341 27.28 -18.50 -36.10
C VAL C 341 27.70 -19.01 -34.72
N GLU C 342 28.59 -20.02 -34.68
CA GLU C 342 29.12 -20.61 -33.46
C GLU C 342 29.79 -19.57 -32.61
N GLU C 343 30.63 -18.70 -33.21
CA GLU C 343 31.32 -17.60 -32.50
C GLU C 343 30.32 -16.60 -31.92
N ILE C 344 29.34 -16.12 -32.73
CA ILE C 344 28.34 -15.17 -32.25
C ILE C 344 27.48 -15.77 -31.13
N SER C 345 27.12 -17.07 -31.24
CA SER C 345 26.34 -17.79 -30.24
C SER C 345 27.11 -17.96 -28.92
N GLU C 346 28.45 -17.92 -28.97
CA GLU C 346 29.30 -18.02 -27.79
C GLU C 346 29.54 -16.65 -27.15
N LEU C 347 29.65 -15.57 -27.94
CA LEU C 347 29.90 -14.20 -27.47
C LEU C 347 28.66 -13.57 -26.88
N PHE C 348 27.50 -13.79 -27.52
CA PHE C 348 26.21 -13.27 -27.08
C PHE C 348 25.36 -14.38 -26.47
N TYR C 349 24.47 -14.01 -25.52
CA TYR C 349 23.62 -14.95 -24.77
C TYR C 349 22.17 -14.60 -24.92
N ASP C 350 21.31 -15.56 -24.53
CA ASP C 350 19.86 -15.41 -24.46
C ASP C 350 19.56 -15.20 -22.99
N ALA C 351 18.60 -14.31 -22.67
CA ALA C 351 18.23 -13.98 -21.30
C ALA C 351 18.22 -15.18 -20.33
N LYS C 352 17.61 -16.29 -20.73
CA LYS C 352 17.51 -17.49 -19.91
C LYS C 352 18.88 -18.02 -19.55
N SER C 353 19.74 -18.27 -20.55
CA SER C 353 21.07 -18.80 -20.28
C SER C 353 22.03 -17.82 -19.60
N SER C 354 21.88 -16.50 -19.84
CA SER C 354 22.73 -15.50 -19.20
C SER C 354 22.37 -15.36 -17.74
N ALA C 355 21.08 -15.49 -17.41
CA ALA C 355 20.58 -15.44 -16.04
C ALA C 355 21.00 -16.71 -15.31
N LYS C 356 21.00 -17.86 -16.02
CA LYS C 356 21.40 -19.13 -15.42
C LYS C 356 22.86 -19.08 -15.02
N ILE C 357 23.74 -18.58 -15.91
CA ILE C 357 25.19 -18.40 -15.67
C ILE C 357 25.40 -17.74 -14.32
N LEU C 358 24.72 -16.60 -14.10
CA LEU C 358 24.78 -15.83 -12.86
C LEU C 358 24.35 -16.63 -11.65
N ALA C 359 23.14 -17.22 -11.69
CA ALA C 359 22.58 -18.03 -10.61
C ALA C 359 23.49 -19.20 -10.21
N ASP C 360 24.18 -19.81 -11.20
CA ASP C 360 25.12 -20.92 -11.00
C ASP C 360 26.41 -20.42 -10.32
N GLN C 361 26.93 -19.24 -10.76
CA GLN C 361 28.13 -18.58 -10.19
C GLN C 361 27.85 -18.19 -8.73
N GLN C 362 26.59 -17.78 -8.46
CA GLN C 362 26.04 -17.37 -7.17
C GLN C 362 25.82 -18.57 -6.22
N ASP C 363 25.72 -19.80 -6.79
CA ASP C 363 25.49 -21.04 -6.03
C ASP C 363 26.75 -21.92 -5.98
N GLY D 38 -13.84 11.61 38.47
CA GLY D 38 -12.59 11.16 37.88
C GLY D 38 -12.10 9.82 38.39
N ALA D 39 -11.31 9.08 37.56
CA ALA D 39 -10.81 7.75 37.92
C ALA D 39 -9.67 7.77 38.90
N HIS D 40 -8.90 8.87 38.91
CA HIS D 40 -7.73 8.99 39.80
C HIS D 40 -7.93 10.13 40.83
N SER D 41 -9.20 10.41 41.17
CA SER D 41 -9.63 11.43 42.14
C SER D 41 -9.03 11.27 43.54
N HIS D 42 -8.77 10.04 43.95
CA HIS D 42 -8.20 9.70 45.25
C HIS D 42 -6.70 9.95 45.33
N ILE D 43 -5.97 9.84 44.19
CA ILE D 43 -4.52 10.04 44.11
C ILE D 43 -4.19 11.51 44.37
N ARG D 44 -3.51 11.75 45.51
CA ARG D 44 -3.11 13.09 45.98
C ARG D 44 -1.58 13.28 46.02
N GLY D 45 -0.85 12.29 45.54
CA GLY D 45 0.61 12.27 45.49
C GLY D 45 1.14 10.85 45.46
N LEU D 46 2.45 10.66 45.67
CA LEU D 46 3.05 9.31 45.63
C LEU D 46 3.00 8.57 46.98
N GLY D 47 2.74 9.32 48.05
CA GLY D 47 2.70 8.81 49.42
C GLY D 47 4.03 8.27 49.90
N LEU D 48 5.11 9.08 49.76
CA LEU D 48 6.47 8.71 50.14
C LEU D 48 7.00 9.56 51.28
N ASP D 49 7.93 9.02 52.07
CA ASP D 49 8.56 9.85 53.09
C ASP D 49 9.74 10.62 52.49
N ASP D 50 10.40 11.46 53.31
CA ASP D 50 11.54 12.31 52.91
C ASP D 50 12.72 11.52 52.32
N ALA D 51 12.88 10.25 52.76
CA ALA D 51 13.91 9.33 52.29
C ALA D 51 13.48 8.53 51.03
N LEU D 52 12.37 8.99 50.38
CA LEU D 52 11.76 8.41 49.19
C LEU D 52 11.37 6.95 49.39
N GLU D 53 10.91 6.59 50.61
CA GLU D 53 10.47 5.23 50.93
C GLU D 53 8.94 5.12 50.91
N PRO D 54 8.38 4.17 50.10
CA PRO D 54 6.92 4.08 49.99
C PRO D 54 6.21 3.61 51.26
N ARG D 55 5.10 4.31 51.59
CA ARG D 55 4.29 4.13 52.80
C ARG D 55 3.16 3.09 52.74
N GLN D 56 3.12 2.18 51.74
CA GLN D 56 2.08 1.14 51.63
C GLN D 56 0.67 1.65 51.36
N ALA D 57 0.20 2.62 52.15
CA ALA D 57 -1.09 3.26 51.98
C ALA D 57 -0.94 4.69 52.49
N SER D 58 -0.80 5.64 51.53
CA SER D 58 -0.58 7.08 51.76
C SER D 58 -0.85 7.89 50.50
N GLN D 59 -1.46 9.09 50.65
CA GLN D 59 -1.83 10.04 49.58
C GLN D 59 -2.74 9.44 48.47
N GLY D 60 -3.55 8.45 48.83
CA GLY D 60 -4.48 7.76 47.93
C GLY D 60 -3.88 6.54 47.26
N MSE D 61 -2.59 6.28 47.48
CA MSE D 61 -1.84 5.20 46.87
C MSE D 61 -1.73 3.98 47.75
O MSE D 61 -1.40 4.12 48.93
CB MSE D 61 -0.46 5.69 46.45
CG MSE D 61 -0.54 6.83 45.48
SE MSE D 61 0.39 6.53 43.81
CE MSE D 61 -0.45 4.89 43.20
N VAL D 62 -1.97 2.80 47.18
CA VAL D 62 -1.92 1.52 47.88
C VAL D 62 -0.91 0.60 47.21
N GLY D 63 -0.06 -0.04 48.02
CA GLY D 63 0.96 -0.99 47.56
C GLY D 63 1.75 -0.46 46.39
N GLN D 64 2.03 -1.33 45.37
CA GLN D 64 2.80 -0.96 44.16
C GLN D 64 4.07 -0.17 44.58
N LEU D 65 4.70 -0.64 45.67
CA LEU D 65 5.82 -0.03 46.39
C LEU D 65 7.07 0.28 45.60
N ALA D 66 7.62 -0.72 44.89
CA ALA D 66 8.85 -0.54 44.13
C ALA D 66 8.67 0.49 43.03
N ALA D 67 7.55 0.39 42.28
CA ALA D 67 7.22 1.31 41.18
C ALA D 67 7.07 2.76 41.68
N ARG D 68 6.53 2.92 42.91
CA ARG D 68 6.31 4.19 43.57
C ARG D 68 7.62 4.82 44.03
N ARG D 69 8.53 4.02 44.63
CA ARG D 69 9.84 4.49 45.09
C ARG D 69 10.64 5.00 43.90
N ALA D 70 10.67 4.22 42.81
CA ALA D 70 11.39 4.57 41.58
C ALA D 70 10.85 5.86 40.98
N ALA D 71 9.52 6.08 41.08
CA ALA D 71 8.85 7.28 40.59
C ALA D 71 9.32 8.49 41.39
N GLY D 72 9.62 8.26 42.67
CA GLY D 72 10.13 9.26 43.59
C GLY D 72 11.53 9.70 43.24
N VAL D 73 12.36 8.77 42.70
CA VAL D 73 13.74 9.02 42.25
C VAL D 73 13.65 9.97 41.06
N VAL D 74 12.69 9.72 40.16
CA VAL D 74 12.42 10.52 38.97
C VAL D 74 12.05 11.96 39.36
N LEU D 75 11.27 12.11 40.46
CA LEU D 75 10.87 13.41 40.93
C LEU D 75 12.07 14.22 41.31
N GLU D 76 12.99 13.59 42.05
CA GLU D 76 14.21 14.25 42.48
C GLU D 76 15.02 14.75 41.31
N MSE D 77 14.98 14.04 40.19
CA MSE D 77 15.67 14.43 38.97
C MSE D 77 14.98 15.59 38.28
O MSE D 77 15.67 16.45 37.74
CB MSE D 77 15.77 13.24 38.02
CG MSE D 77 16.48 12.08 38.64
SE MSE D 77 16.83 10.79 37.27
CE MSE D 77 15.67 9.36 37.87
N ILE D 78 13.64 15.64 38.31
CA ILE D 78 12.87 16.73 37.71
C ILE D 78 13.21 18.01 38.48
N ARG D 79 13.14 17.92 39.82
CA ARG D 79 13.44 19.01 40.74
C ARG D 79 14.89 19.48 40.64
N GLU D 80 15.88 18.54 40.67
CA GLU D 80 17.32 18.86 40.55
C GLU D 80 17.71 19.25 39.11
N GLY D 81 16.74 19.27 38.20
CA GLY D 81 16.94 19.63 36.80
C GLY D 81 17.87 18.69 36.06
N LYS D 82 17.79 17.41 36.39
CA LYS D 82 18.61 16.35 35.81
C LYS D 82 17.77 15.42 34.92
N ILE D 83 16.63 15.92 34.40
CA ILE D 83 15.74 15.13 33.54
C ILE D 83 15.86 15.49 32.05
N ALA D 84 16.65 16.51 31.71
CA ALA D 84 16.84 16.99 30.34
C ALA D 84 17.31 15.87 29.41
N GLY D 85 16.62 15.74 28.28
CA GLY D 85 16.89 14.75 27.25
C GLY D 85 16.50 13.33 27.63
N ARG D 86 15.69 13.21 28.68
CA ARG D 86 15.22 11.94 29.21
C ARG D 86 13.73 11.94 29.14
N ALA D 87 13.15 10.75 29.31
CA ALA D 87 11.71 10.53 29.39
C ALA D 87 11.50 9.29 30.27
N VAL D 88 10.28 9.11 30.79
CA VAL D 88 9.91 8.00 31.67
C VAL D 88 9.03 7.00 30.90
N LEU D 89 9.16 5.71 31.27
CA LEU D 89 8.33 4.62 30.77
C LEU D 89 7.92 3.75 31.93
N ILE D 90 6.62 3.49 32.04
CA ILE D 90 6.09 2.62 33.07
C ILE D 90 5.59 1.38 32.33
N ALA D 91 6.42 0.32 32.31
CA ALA D 91 6.09 -0.97 31.71
C ALA D 91 5.29 -1.75 32.76
N GLY D 92 4.15 -2.28 32.37
CA GLY D 92 3.33 -3.06 33.29
C GLY D 92 2.00 -3.49 32.72
N GLN D 93 1.44 -4.58 33.26
CA GLN D 93 0.17 -5.14 32.80
C GLN D 93 -0.99 -4.13 33.05
N PRO D 94 -2.14 -4.20 32.33
CA PRO D 94 -3.19 -3.21 32.56
C PRO D 94 -3.76 -3.29 33.97
N GLY D 95 -4.11 -2.12 34.52
CA GLY D 95 -4.70 -1.97 35.84
C GLY D 95 -3.73 -2.17 36.98
N THR D 96 -2.45 -1.78 36.75
CA THR D 96 -1.38 -1.85 37.75
C THR D 96 -0.95 -0.46 38.23
N GLY D 97 -1.80 0.54 37.99
CA GLY D 97 -1.57 1.92 38.42
C GLY D 97 -0.51 2.68 37.66
N LYS D 98 -0.29 2.36 36.37
CA LYS D 98 0.68 3.08 35.54
C LYS D 98 0.21 4.55 35.45
N THR D 99 -1.08 4.78 35.10
CA THR D 99 -1.67 6.11 35.04
C THR D 99 -1.68 6.74 36.43
N ALA D 100 -2.06 5.95 37.47
CA ALA D 100 -2.12 6.40 38.88
C ALA D 100 -0.78 6.92 39.37
N ILE D 101 0.33 6.22 39.07
CA ILE D 101 1.69 6.63 39.44
C ILE D 101 2.05 7.94 38.72
N ALA D 102 1.72 8.04 37.42
CA ALA D 102 1.92 9.24 36.60
C ALA D 102 1.16 10.42 37.17
N MSE D 103 -0.05 10.18 37.70
CA MSE D 103 -0.89 11.19 38.35
C MSE D 103 -0.28 11.64 39.69
O MSE D 103 -0.29 12.84 39.99
CB MSE D 103 -2.31 10.64 38.55
CG MSE D 103 -3.23 11.55 39.39
SE MSE D 103 -3.72 13.19 38.46
CE MSE D 103 -5.09 12.43 37.24
N GLY D 104 0.25 10.68 40.45
CA GLY D 104 0.89 10.88 41.75
C GLY D 104 2.12 11.73 41.67
N MSE D 105 2.88 11.59 40.56
CA MSE D 105 4.07 12.36 40.24
C MSE D 105 3.70 13.80 39.93
O MSE D 105 4.40 14.72 40.37
CB MSE D 105 4.76 11.74 39.02
CG MSE D 105 5.48 10.46 39.32
SE MSE D 105 6.62 9.97 37.82
CE MSE D 105 5.53 8.66 36.97
N ALA D 106 2.61 14.00 39.17
CA ALA D 106 2.11 15.30 38.79
C ALA D 106 1.50 16.02 39.97
N GLN D 107 0.88 15.26 40.91
CA GLN D 107 0.29 15.82 42.13
C GLN D 107 1.41 16.28 43.06
N ALA D 108 2.50 15.47 43.18
CA ALA D 108 3.68 15.72 44.01
C ALA D 108 4.56 16.87 43.53
N LEU D 109 4.58 17.11 42.21
CA LEU D 109 5.36 18.18 41.59
C LEU D 109 4.83 19.57 41.93
N GLY D 110 3.53 19.65 42.19
CA GLY D 110 2.86 20.90 42.54
C GLY D 110 1.35 20.81 42.42
N PRO D 111 0.62 21.69 43.14
CA PRO D 111 -0.86 21.66 43.05
C PRO D 111 -1.41 22.22 41.75
N ASP D 112 -0.61 23.06 41.05
CA ASP D 112 -0.94 23.74 39.81
C ASP D 112 -0.31 23.11 38.55
N THR D 113 0.65 22.18 38.73
CA THR D 113 1.40 21.50 37.64
C THR D 113 0.46 20.88 36.61
N PRO D 114 0.60 21.23 35.31
CA PRO D 114 -0.34 20.69 34.30
C PRO D 114 -0.13 19.22 33.99
N PHE D 115 -1.17 18.40 34.19
CA PHE D 115 -1.13 16.97 33.88
C PHE D 115 -2.09 16.68 32.74
N THR D 116 -1.59 16.01 31.69
CA THR D 116 -2.36 15.62 30.51
C THR D 116 -2.12 14.16 30.24
N ALA D 117 -3.18 13.36 30.25
CA ALA D 117 -3.08 11.93 29.97
C ALA D 117 -3.85 11.63 28.70
N ILE D 118 -3.17 11.03 27.73
CA ILE D 118 -3.73 10.68 26.42
C ILE D 118 -3.39 9.25 26.04
N ALA D 119 -4.18 8.67 25.16
CA ALA D 119 -3.90 7.32 24.67
C ALA D 119 -3.15 7.47 23.37
N GLY D 120 -2.36 6.45 23.03
CA GLY D 120 -1.61 6.44 21.78
C GLY D 120 -2.52 6.54 20.57
N SER D 121 -3.63 5.77 20.58
CA SER D 121 -4.66 5.74 19.53
C SER D 121 -5.39 7.09 19.34
N GLU D 122 -5.38 7.97 20.36
CA GLU D 122 -6.03 9.29 20.34
C GLU D 122 -5.49 10.26 19.29
N ILE D 123 -4.24 10.10 18.89
CA ILE D 123 -3.58 10.98 17.90
C ILE D 123 -3.97 10.67 16.45
N PHE D 124 -4.57 9.50 16.25
CA PHE D 124 -5.03 9.04 14.96
C PHE D 124 -6.45 9.56 14.86
N SER D 125 -6.59 10.83 14.38
CA SER D 125 -7.86 11.54 14.28
C SER D 125 -8.29 11.87 12.87
N LEU D 126 -9.60 11.92 12.65
CA LEU D 126 -10.19 12.28 11.37
C LEU D 126 -10.02 13.78 11.10
N GLU D 127 -10.22 14.61 12.15
CA GLU D 127 -10.15 16.06 12.13
C GLU D 127 -8.79 16.64 12.61
N MSE D 128 -7.69 15.84 12.57
CA MSE D 128 -6.40 16.29 13.09
C MSE D 128 -5.16 15.48 12.70
O MSE D 128 -5.16 14.24 12.75
CB MSE D 128 -6.47 16.32 14.62
CG MSE D 128 -5.64 17.38 15.24
SE MSE D 128 -6.12 17.50 17.10
CE MSE D 128 -7.77 18.61 16.92
N SER D 129 -4.07 16.22 12.44
CA SER D 129 -2.75 15.68 12.12
C SER D 129 -2.18 15.04 13.39
N LYS D 130 -1.50 13.87 13.25
CA LYS D 130 -0.87 13.14 14.37
C LYS D 130 -0.04 14.08 15.23
N THR D 131 0.74 14.96 14.58
CA THR D 131 1.61 15.94 15.22
C THR D 131 0.81 17.05 15.87
N GLU D 132 -0.22 17.58 15.18
CA GLU D 132 -1.12 18.62 15.69
C GLU D 132 -1.87 18.11 16.92
N ALA D 133 -2.22 16.80 16.93
CA ALA D 133 -2.85 16.10 18.06
C ALA D 133 -1.86 16.06 19.22
N LEU D 134 -0.58 15.76 18.92
CA LEU D 134 0.53 15.71 19.87
C LEU D 134 0.98 17.10 20.32
N THR D 135 0.90 18.11 19.42
CA THR D 135 1.25 19.50 19.73
C THR D 135 0.27 19.97 20.80
N GLN D 136 -1.04 19.72 20.60
CA GLN D 136 -2.09 20.06 21.57
C GLN D 136 -1.85 19.38 22.91
N ALA D 137 -1.48 18.09 22.89
CA ALA D 137 -1.17 17.28 24.07
C ALA D 137 0.01 17.88 24.85
N PHE D 138 1.02 18.40 24.14
CA PHE D 138 2.19 19.03 24.73
C PHE D 138 1.87 20.39 25.34
N ARG D 139 1.19 21.27 24.58
CA ARG D 139 0.80 22.62 25.02
C ARG D 139 -0.24 22.61 26.15
N ARG D 140 -0.91 21.46 26.37
CA ARG D 140 -1.86 21.26 27.45
C ARG D 140 -1.05 21.04 28.75
N SER D 141 0.14 20.42 28.62
CA SER D 141 1.05 20.12 29.73
C SER D 141 2.04 21.25 30.06
N ILE D 142 2.00 22.38 29.33
CA ILE D 142 2.89 23.52 29.60
C ILE D 142 2.03 24.68 30.09
N GLY D 143 2.25 25.06 31.36
CA GLY D 143 1.50 26.12 32.01
C GLY D 143 2.15 27.49 32.01
N VAL D 144 1.31 28.53 32.16
CA VAL D 144 1.68 29.96 32.21
C VAL D 144 0.99 30.57 33.46
N ARG D 145 1.80 31.15 34.38
CA ARG D 145 1.32 31.77 35.62
C ARG D 145 1.01 33.27 35.45
N ILE D 146 -0.07 33.74 36.07
CA ILE D 146 -0.50 35.14 36.01
C ILE D 146 -0.76 35.74 37.39
N HIS D 155 -3.38 32.55 39.17
CA HIS D 155 -4.08 31.72 38.19
C HIS D 155 -3.11 31.19 37.12
N THR D 156 -3.11 29.84 36.91
CA THR D 156 -2.25 29.19 35.92
C THR D 156 -3.07 28.75 34.71
N VAL D 157 -2.58 29.04 33.50
CA VAL D 157 -3.26 28.71 32.25
C VAL D 157 -2.33 28.02 31.27
N SER D 158 -2.73 26.82 30.78
CA SER D 158 -1.93 26.02 29.84
C SER D 158 -1.80 26.75 28.50
N LEU D 159 -0.66 26.59 27.81
CA LEU D 159 -0.40 27.18 26.49
C LEU D 159 -1.52 26.89 25.50
N HIS D 160 -2.10 25.67 25.60
CA HIS D 160 -3.20 25.23 24.75
C HIS D 160 -4.46 26.06 24.96
N GLU D 161 -4.81 26.37 26.23
CA GLU D 161 -5.98 27.20 26.55
C GLU D 161 -5.84 28.57 25.89
N ILE D 162 -4.63 29.15 25.95
CA ILE D 162 -4.25 30.44 25.35
C ILE D 162 -4.46 30.39 23.83
N ASP D 163 -4.23 29.21 23.20
CA ASP D 163 -4.43 29.00 21.77
C ASP D 163 -5.91 29.00 21.43
N VAL D 164 -6.73 28.25 22.20
CA VAL D 164 -8.19 28.13 22.04
C VAL D 164 -8.87 29.50 22.21
N ILE D 165 -8.41 30.28 23.21
CA ILE D 165 -8.89 31.63 23.50
C ILE D 165 -8.69 32.53 22.27
N ASN D 166 -7.45 32.56 21.73
CA ASN D 166 -7.15 33.36 20.54
C ASN D 166 -7.32 32.56 19.21
N SER D 167 -8.39 31.72 19.15
CA SER D 167 -8.76 30.94 17.96
C SER D 167 -10.31 30.88 17.77
N ARG D 168 -10.95 29.73 18.07
CA ARG D 168 -12.40 29.54 17.94
C ARG D 168 -13.19 30.33 18.99
N GLU D 182 -8.01 21.50 14.96
CA GLU D 182 -6.67 22.01 14.65
C GLU D 182 -6.55 23.54 14.79
N ILE D 183 -5.44 24.01 15.43
CA ILE D 183 -5.13 25.43 15.67
C ILE D 183 -4.17 25.98 14.60
N LYS D 184 -4.39 27.24 14.14
CA LYS D 184 -3.59 27.92 13.12
C LYS D 184 -2.10 28.09 13.51
N SER D 185 -1.19 27.77 12.56
CA SER D 185 0.27 27.82 12.69
C SER D 185 0.78 29.22 13.04
N GLU D 186 0.09 30.25 12.52
CA GLU D 186 0.37 31.68 12.74
C GLU D 186 -0.03 32.12 14.16
N VAL D 187 -1.18 31.59 14.65
CA VAL D 187 -1.73 31.86 15.98
C VAL D 187 -0.76 31.39 17.07
N ARG D 188 -0.23 30.15 16.95
CA ARG D 188 0.75 29.57 17.88
C ARG D 188 2.04 30.38 17.88
N GLU D 189 2.50 30.79 16.68
CA GLU D 189 3.70 31.59 16.43
C GLU D 189 3.63 32.95 17.16
N GLN D 190 2.41 33.54 17.24
CA GLN D 190 2.13 34.81 17.92
C GLN D 190 2.17 34.61 19.45
N ILE D 191 1.47 33.56 19.97
CA ILE D 191 1.43 33.19 21.40
C ILE D 191 2.83 32.84 21.91
N ASN D 192 3.64 32.13 21.09
CA ASN D 192 5.02 31.77 21.44
C ASN D 192 5.90 33.01 21.62
N ALA D 193 5.62 34.07 20.85
CA ALA D 193 6.30 35.36 20.91
C ALA D 193 5.74 36.20 22.07
N LYS D 194 4.40 36.08 22.33
CA LYS D 194 3.64 36.77 23.39
C LYS D 194 4.14 36.30 24.75
N VAL D 195 4.20 34.96 24.97
CA VAL D 195 4.66 34.33 26.20
C VAL D 195 6.16 34.59 26.44
N ALA D 196 6.95 34.72 25.35
CA ALA D 196 8.38 35.03 25.41
C ALA D 196 8.62 36.45 26.01
N GLU D 197 7.71 37.40 25.67
CA GLU D 197 7.73 38.79 26.16
C GLU D 197 7.35 38.83 27.65
N TRP D 198 6.21 38.18 28.04
CA TRP D 198 5.68 38.07 29.42
C TRP D 198 6.72 37.47 30.39
N ARG D 199 7.43 36.41 29.94
CA ARG D 199 8.47 35.68 30.67
C ARG D 199 9.69 36.58 30.92
N GLU D 200 10.22 37.22 29.85
CA GLU D 200 11.37 38.12 29.93
C GLU D 200 11.05 39.40 30.72
N GLU D 201 9.75 39.73 30.83
CA GLU D 201 9.23 40.87 31.59
C GLU D 201 9.25 40.51 33.08
N GLY D 202 8.77 39.30 33.39
CA GLY D 202 8.68 38.77 34.75
C GLY D 202 7.26 38.72 35.27
N LYS D 203 6.27 39.08 34.41
CA LYS D 203 4.84 39.09 34.73
C LYS D 203 4.24 37.69 34.63
N ALA D 204 4.94 36.77 33.93
CA ALA D 204 4.53 35.37 33.77
C ALA D 204 5.67 34.39 33.97
N GLU D 205 5.30 33.19 34.51
CA GLU D 205 6.22 32.08 34.81
C GLU D 205 5.80 30.84 34.02
N ILE D 206 6.75 30.23 33.29
CA ILE D 206 6.49 29.01 32.51
C ILE D 206 6.68 27.82 33.44
N ILE D 207 5.61 27.07 33.67
CA ILE D 207 5.68 25.90 34.55
C ILE D 207 5.41 24.55 33.82
N PRO D 208 6.49 23.88 33.32
CA PRO D 208 6.31 22.61 32.59
C PRO D 208 5.79 21.51 33.50
N GLY D 209 4.77 20.82 33.01
CA GLY D 209 4.08 19.76 33.73
C GLY D 209 4.38 18.35 33.26
N VAL D 210 3.36 17.51 33.28
CA VAL D 210 3.46 16.09 32.95
C VAL D 210 2.55 15.70 31.77
N LEU D 211 3.14 15.05 30.76
CA LEU D 211 2.38 14.52 29.64
C LEU D 211 2.50 13.00 29.69
N PHE D 212 1.35 12.35 29.82
CA PHE D 212 1.24 10.92 29.92
C PHE D 212 0.66 10.31 28.65
N ILE D 213 1.44 9.47 27.99
CA ILE D 213 1.00 8.81 26.78
C ILE D 213 0.86 7.32 27.09
N ASP D 214 -0.38 6.89 27.38
CA ASP D 214 -0.75 5.50 27.63
C ASP D 214 -0.75 4.81 26.25
N GLU D 215 -0.76 3.45 26.18
CA GLU D 215 -0.80 2.68 24.91
C GLU D 215 0.28 3.21 23.92
N VAL D 216 1.48 3.58 24.44
CA VAL D 216 2.56 4.19 23.64
C VAL D 216 2.98 3.44 22.37
N HIS D 217 2.87 2.11 22.40
CA HIS D 217 3.15 1.19 21.29
C HIS D 217 2.29 1.50 20.04
N MSE D 218 1.23 2.34 20.22
CA MSE D 218 0.32 2.79 19.17
C MSE D 218 0.94 3.83 18.24
O MSE D 218 0.51 3.95 17.10
CB MSE D 218 -0.98 3.34 19.78
CG MSE D 218 -1.90 2.25 20.29
SE MSE D 218 -2.32 0.90 18.91
CE MSE D 218 -3.11 2.05 17.44
N LEU D 219 1.95 4.56 18.71
CA LEU D 219 2.66 5.58 17.96
C LEU D 219 3.58 4.99 16.87
N ASP D 220 3.67 5.72 15.74
CA ASP D 220 4.51 5.40 14.59
C ASP D 220 5.79 6.24 14.63
N ILE D 221 6.81 5.92 13.77
CA ILE D 221 8.06 6.72 13.79
C ILE D 221 7.82 8.20 13.56
N GLU D 222 6.88 8.55 12.67
CA GLU D 222 6.53 9.95 12.37
C GLU D 222 6.20 10.70 13.67
N SER D 223 5.43 10.06 14.56
CA SER D 223 5.04 10.65 15.82
C SER D 223 6.15 10.49 16.87
N PHE D 224 6.95 9.41 16.79
CA PHE D 224 8.06 9.19 17.70
C PHE D 224 9.13 10.25 17.49
N SER D 225 9.37 10.62 16.22
CA SER D 225 10.31 11.66 15.84
C SER D 225 9.78 13.00 16.32
N PHE D 226 8.46 13.21 16.30
CA PHE D 226 7.87 14.46 16.80
C PHE D 226 8.23 14.65 18.27
N LEU D 227 8.05 13.61 19.11
CA LEU D 227 8.36 13.68 20.53
C LEU D 227 9.81 14.09 20.77
N ASN D 228 10.77 13.59 19.94
CA ASN D 228 12.19 13.93 20.08
C ASN D 228 12.41 15.42 19.88
N ARG D 229 11.82 15.98 18.80
CA ARG D 229 11.86 17.40 18.48
C ARG D 229 11.17 18.22 19.58
N ALA D 230 10.05 17.70 20.11
CA ALA D 230 9.24 18.34 21.15
C ALA D 230 9.99 18.45 22.47
N LEU D 231 10.73 17.39 22.85
CA LEU D 231 11.50 17.36 24.09
C LEU D 231 12.78 18.21 24.03
N GLU D 232 13.16 18.68 22.82
CA GLU D 232 14.33 19.56 22.62
C GLU D 232 14.06 20.97 23.20
N SER D 233 12.77 21.40 23.27
CA SER D 233 12.34 22.69 23.84
C SER D 233 12.72 22.80 25.32
N ASP D 234 13.00 24.04 25.77
CA ASP D 234 13.37 24.30 27.17
C ASP D 234 12.17 24.21 28.14
N MSE D 235 10.93 24.44 27.63
CA MSE D 235 9.69 24.40 28.42
C MSE D 235 8.98 23.06 28.29
O MSE D 235 7.85 22.92 28.74
CB MSE D 235 8.71 25.49 27.99
CG MSE D 235 9.28 26.88 27.96
SE MSE D 235 8.16 27.92 26.76
CE MSE D 235 8.62 26.99 25.00
N ALA D 236 9.64 22.09 27.65
CA ALA D 236 9.08 20.77 27.45
C ALA D 236 8.63 20.12 28.76
N PRO D 237 7.43 19.51 28.79
CA PRO D 237 6.99 18.80 30.01
C PRO D 237 7.71 17.46 30.16
N VAL D 238 7.59 16.84 31.35
CA VAL D 238 8.19 15.52 31.60
C VAL D 238 7.29 14.49 30.93
N LEU D 239 7.82 13.83 29.89
CA LEU D 239 7.06 12.84 29.15
C LEU D 239 7.10 11.49 29.83
N ILE D 240 5.94 11.00 30.23
CA ILE D 240 5.79 9.71 30.88
C ILE D 240 4.98 8.81 29.93
N MSE D 241 5.57 7.71 29.49
CA MSE D 241 4.93 6.78 28.57
C MSE D 241 4.64 5.49 29.30
O MSE D 241 5.35 5.14 30.22
CB MSE D 241 5.85 6.50 27.38
CG MSE D 241 6.06 7.69 26.49
SE MSE D 241 7.53 7.37 25.24
CE MSE D 241 8.95 7.89 26.39
N ALA D 242 3.58 4.78 28.87
CA ALA D 242 3.23 3.50 29.48
C ALA D 242 2.77 2.54 28.44
N THR D 243 3.08 1.26 28.66
CA THR D 243 2.72 0.13 27.78
C THR D 243 2.66 -1.17 28.59
N ASN D 244 1.96 -2.17 28.04
CA ASN D 244 1.82 -3.52 28.61
C ASN D 244 2.38 -4.51 27.59
N ARG D 245 3.13 -3.99 26.60
CA ARG D 245 3.69 -4.77 25.50
C ARG D 245 5.19 -4.91 25.58
N GLY D 246 5.65 -6.12 25.28
CA GLY D 246 7.07 -6.46 25.23
C GLY D 246 7.61 -6.11 23.86
N ILE D 247 8.35 -7.03 23.22
CA ILE D 247 8.85 -6.72 21.87
C ILE D 247 7.69 -6.73 20.86
N THR D 248 7.60 -5.66 20.05
CA THR D 248 6.55 -5.42 19.06
C THR D 248 7.18 -4.65 17.92
N ARG D 249 6.59 -4.73 16.71
CA ARG D 249 7.13 -3.92 15.61
C ARG D 249 6.80 -2.46 15.86
N ILE D 250 7.73 -1.57 15.50
CA ILE D 250 7.55 -0.13 15.62
C ILE D 250 6.59 0.23 14.48
N ARG D 251 5.44 0.82 14.81
CA ARG D 251 4.46 1.23 13.81
C ARG D 251 5.14 2.14 12.78
N GLY D 252 4.85 1.90 11.52
CA GLY D 252 5.44 2.68 10.44
C GLY D 252 6.76 2.11 9.97
N THR D 253 7.26 1.07 10.69
CA THR D 253 8.50 0.34 10.39
C THR D 253 8.28 -1.16 10.31
N SER D 254 9.28 -1.84 9.73
CA SER D 254 9.37 -3.28 9.54
C SER D 254 10.25 -3.86 10.64
N TYR D 255 10.62 -3.03 11.66
CA TYR D 255 11.52 -3.42 12.74
C TYR D 255 10.81 -3.58 14.07
N GLN D 256 11.27 -4.55 14.88
CA GLN D 256 10.75 -4.86 16.21
C GLN D 256 11.65 -4.26 17.29
N SER D 257 11.08 -3.82 18.42
CA SER D 257 11.82 -3.19 19.50
C SER D 257 11.06 -3.34 20.80
N PRO D 258 11.74 -3.43 21.99
CA PRO D 258 10.99 -3.50 23.26
C PRO D 258 9.95 -2.39 23.33
N HIS D 259 8.73 -2.75 23.70
CA HIS D 259 7.61 -1.83 23.85
C HIS D 259 7.20 -1.09 22.57
N GLY D 260 7.77 -1.48 21.44
CA GLY D 260 7.50 -0.83 20.17
C GLY D 260 7.99 0.60 20.10
N ILE D 261 9.06 0.91 20.87
CA ILE D 261 9.67 2.24 20.93
C ILE D 261 11.03 2.20 20.22
N PRO D 262 11.36 3.21 19.34
CA PRO D 262 12.65 3.21 18.66
C PRO D 262 13.80 3.18 19.65
N ILE D 263 14.86 2.42 19.31
CA ILE D 263 16.02 2.25 20.18
C ILE D 263 16.67 3.55 20.67
N ASP D 264 16.70 4.59 19.82
CA ASP D 264 17.25 5.89 20.15
C ASP D 264 16.50 6.56 21.32
N LEU D 265 15.18 6.34 21.41
CA LEU D 265 14.35 6.88 22.47
C LEU D 265 14.42 5.98 23.70
N LEU D 266 14.46 4.64 23.51
CA LEU D 266 14.60 3.68 24.59
C LEU D 266 15.89 3.92 25.37
N ASP D 267 16.99 4.18 24.66
CA ASP D 267 18.29 4.43 25.27
C ASP D 267 18.35 5.65 26.22
N ARG D 268 17.31 6.51 26.17
CA ARG D 268 17.16 7.74 26.95
C ARG D 268 16.13 7.61 28.08
N LEU D 269 15.44 6.46 28.16
CA LEU D 269 14.35 6.20 29.11
C LEU D 269 14.72 5.72 30.49
N LEU D 270 13.93 6.18 31.48
CA LEU D 270 14.04 5.70 32.86
C LEU D 270 12.84 4.76 32.96
N ILE D 271 13.11 3.46 32.86
CA ILE D 271 12.06 2.44 32.80
C ILE D 271 11.70 1.81 34.14
N VAL D 272 10.47 2.06 34.56
CA VAL D 272 9.87 1.59 35.82
C VAL D 272 8.94 0.41 35.46
N SER D 273 8.86 -0.59 36.36
CA SER D 273 7.96 -1.73 36.15
C SER D 273 6.87 -1.85 37.23
N THR D 274 5.61 -1.93 36.78
CA THR D 274 4.51 -2.11 37.72
C THR D 274 4.12 -3.56 37.76
N THR D 275 4.23 -4.11 38.97
CA THR D 275 3.93 -5.49 39.32
C THR D 275 2.40 -5.66 39.63
N PRO D 276 1.78 -6.82 39.31
CA PRO D 276 0.35 -6.99 39.58
C PRO D 276 -0.02 -7.05 41.06
N TYR D 277 -1.25 -6.60 41.39
CA TYR D 277 -1.79 -6.54 42.75
C TYR D 277 -2.22 -7.87 43.35
N SER D 278 -2.10 -7.94 44.68
CA SER D 278 -2.51 -9.08 45.48
C SER D 278 -3.98 -8.91 45.83
N GLU D 279 -4.58 -9.91 46.50
CA GLU D 279 -5.98 -9.82 46.93
C GLU D 279 -6.18 -8.61 47.88
N LYS D 280 -5.22 -8.41 48.80
CA LYS D 280 -5.20 -7.31 49.78
C LYS D 280 -5.18 -5.94 49.08
N ASP D 281 -4.23 -5.71 48.16
CA ASP D 281 -4.08 -4.45 47.42
C ASP D 281 -5.28 -4.14 46.52
N THR D 282 -5.86 -5.19 45.89
CA THR D 282 -7.02 -5.06 45.02
C THR D 282 -8.20 -4.57 45.82
N LYS D 283 -8.47 -5.21 47.00
CA LYS D 283 -9.55 -4.83 47.93
C LYS D 283 -9.42 -3.38 48.32
N GLN D 284 -8.19 -2.97 48.68
CA GLN D 284 -7.90 -1.61 49.07
C GLN D 284 -8.16 -0.59 47.99
N ILE D 285 -7.90 -0.95 46.73
CA ILE D 285 -8.16 -0.05 45.61
C ILE D 285 -9.67 0.11 45.44
N LEU D 286 -10.43 -1.00 45.43
CA LEU D 286 -11.90 -1.00 45.30
C LEU D 286 -12.52 -0.22 46.48
N ARG D 287 -12.05 -0.50 47.69
CA ARG D 287 -12.49 0.19 48.91
C ARG D 287 -12.35 1.71 48.75
N ILE D 288 -11.22 2.15 48.18
CA ILE D 288 -10.93 3.56 47.92
C ILE D 288 -11.88 4.11 46.86
N ARG D 289 -12.05 3.36 45.76
CA ARG D 289 -12.90 3.75 44.64
C ARG D 289 -14.36 3.87 45.00
N CYS D 290 -14.83 3.03 45.95
CA CYS D 290 -16.21 3.04 46.44
C CYS D 290 -16.45 4.36 47.16
N GLU D 291 -15.49 4.73 48.02
CA GLU D 291 -15.48 5.96 48.81
C GLU D 291 -15.62 7.18 47.87
N GLU D 292 -14.86 7.18 46.75
CA GLU D 292 -14.88 8.25 45.76
C GLU D 292 -16.21 8.29 45.02
N GLU D 293 -16.74 7.12 44.61
CA GLU D 293 -18.02 7.00 43.91
C GLU D 293 -19.23 7.06 44.87
N ASP D 294 -18.94 7.22 46.18
CA ASP D 294 -19.91 7.29 47.27
C ASP D 294 -20.80 6.05 47.36
N VAL D 295 -20.16 4.88 47.39
CA VAL D 295 -20.81 3.58 47.44
C VAL D 295 -20.47 2.82 48.73
N GLU D 296 -21.51 2.51 49.51
CA GLU D 296 -21.39 1.71 50.74
C GLU D 296 -21.49 0.25 50.30
N MSE D 297 -20.60 -0.60 50.81
CA MSE D 297 -20.56 -2.00 50.42
C MSE D 297 -20.25 -2.91 51.61
O MSE D 297 -19.47 -2.53 52.48
CB MSE D 297 -19.50 -2.16 49.33
CG MSE D 297 -19.66 -3.39 48.49
SE MSE D 297 -18.75 -3.16 46.77
CE MSE D 297 -17.81 -4.71 46.80
N SER D 298 -20.83 -4.11 51.61
CA SER D 298 -20.59 -5.10 52.67
C SER D 298 -19.19 -5.71 52.50
N GLU D 299 -18.60 -6.25 53.58
CA GLU D 299 -17.26 -6.86 53.49
C GLU D 299 -17.25 -8.14 52.65
N ASP D 300 -18.33 -8.95 52.79
CA ASP D 300 -18.52 -10.20 52.04
C ASP D 300 -18.58 -9.87 50.55
N ALA D 301 -19.17 -8.69 50.20
CA ALA D 301 -19.26 -8.19 48.83
C ALA D 301 -17.87 -7.81 48.35
N TYR D 302 -17.08 -7.08 49.17
CA TYR D 302 -15.71 -6.67 48.80
C TYR D 302 -14.88 -7.90 48.51
N THR D 303 -15.04 -8.95 49.31
CA THR D 303 -14.37 -10.25 49.18
C THR D 303 -14.65 -10.84 47.78
N VAL D 304 -15.93 -10.82 47.35
CA VAL D 304 -16.39 -11.29 46.04
C VAL D 304 -15.88 -10.38 44.91
N LEU D 305 -16.10 -9.06 45.01
CA LEU D 305 -15.65 -8.09 43.99
C LEU D 305 -14.14 -8.13 43.74
N THR D 306 -13.33 -8.40 44.79
CA THR D 306 -11.88 -8.52 44.60
C THR D 306 -11.56 -9.80 43.87
N ARG D 307 -12.31 -10.88 44.17
CA ARG D 307 -12.11 -12.16 43.50
C ARG D 307 -12.40 -11.94 42.04
N ILE D 308 -13.55 -11.29 41.72
CA ILE D 308 -13.93 -10.95 40.34
C ILE D 308 -12.81 -10.14 39.69
N GLY D 309 -12.30 -9.13 40.42
CA GLY D 309 -11.20 -8.28 39.99
C GLY D 309 -9.94 -9.03 39.63
N LEU D 310 -9.51 -9.98 40.50
CA LEU D 310 -8.32 -10.81 40.28
C LEU D 310 -8.51 -11.79 39.10
N GLU D 311 -9.71 -12.43 39.04
CA GLU D 311 -10.09 -13.38 38.01
C GLU D 311 -10.29 -12.70 36.63
N THR D 312 -10.73 -11.44 36.63
CA THR D 312 -10.98 -10.67 35.41
C THR D 312 -9.94 -9.53 35.35
N SER D 313 -10.38 -8.29 35.60
CA SER D 313 -9.54 -7.10 35.65
C SER D 313 -10.04 -6.18 36.74
N LEU D 314 -9.19 -5.25 37.15
CA LEU D 314 -9.52 -4.24 38.17
C LEU D 314 -10.52 -3.27 37.53
N ARG D 315 -10.35 -2.97 36.21
CA ARG D 315 -11.21 -2.10 35.41
C ARG D 315 -12.62 -2.62 35.48
N TYR D 316 -12.80 -3.94 35.22
CA TYR D 316 -14.10 -4.59 35.23
C TYR D 316 -14.69 -4.56 36.65
N ALA D 317 -13.90 -4.93 37.68
CA ALA D 317 -14.36 -4.90 39.07
C ALA D 317 -14.76 -3.49 39.50
N ILE D 318 -14.10 -2.45 38.94
CA ILE D 318 -14.38 -1.04 39.24
C ILE D 318 -15.68 -0.64 38.52
N GLN D 319 -15.80 -1.10 37.25
CA GLN D 319 -16.96 -0.86 36.37
C GLN D 319 -18.27 -1.35 37.07
N LEU D 320 -18.18 -2.47 37.80
CA LEU D 320 -19.32 -3.06 38.49
C LEU D 320 -19.86 -2.23 39.63
N ILE D 321 -19.00 -1.45 40.33
CA ILE D 321 -19.40 -0.63 41.50
C ILE D 321 -20.68 0.21 41.24
N THR D 322 -20.65 1.09 40.22
CA THR D 322 -21.73 1.97 39.77
C THR D 322 -23.00 1.18 39.50
N ALA D 323 -22.86 0.07 38.73
CA ALA D 323 -23.94 -0.83 38.38
C ALA D 323 -24.51 -1.55 39.61
N ALA D 324 -23.64 -2.14 40.46
CA ALA D 324 -24.01 -2.85 41.70
C ALA D 324 -24.79 -1.96 42.66
N SER D 325 -24.38 -0.68 42.78
CA SER D 325 -25.04 0.30 43.67
C SER D 325 -26.44 0.61 43.18
N LEU D 326 -26.62 0.71 41.85
CA LEU D 326 -27.92 0.97 41.25
C LEU D 326 -28.89 -0.20 41.52
N VAL D 327 -28.42 -1.46 41.34
CA VAL D 327 -29.14 -2.71 41.63
C VAL D 327 -29.62 -2.68 43.10
N CYS D 328 -28.73 -2.26 44.02
CA CYS D 328 -28.97 -2.11 45.46
C CYS D 328 -29.99 -1.00 45.76
N ARG D 329 -29.81 0.18 45.15
CA ARG D 329 -30.68 1.37 45.26
C ARG D 329 -32.12 1.01 44.80
N LYS D 330 -32.24 0.21 43.72
CA LYS D 330 -33.50 -0.25 43.13
C LYS D 330 -34.29 -1.20 44.04
N ARG D 331 -33.69 -1.64 45.17
CA ARG D 331 -34.38 -2.54 46.11
C ARG D 331 -34.28 -2.16 47.63
N LYS D 332 -33.83 -0.91 47.92
CA LYS D 332 -33.54 -0.26 49.21
C LYS D 332 -32.06 -0.55 49.55
N GLY D 333 -31.79 -1.80 49.93
CA GLY D 333 -30.47 -2.35 50.24
C GLY D 333 -29.67 -1.78 51.39
N THR D 334 -29.40 -0.44 51.35
CA THR D 334 -28.56 0.39 52.26
C THR D 334 -27.06 0.30 51.90
N GLU D 335 -26.58 -0.92 51.58
CA GLU D 335 -25.20 -1.22 51.17
C GLU D 335 -25.22 -2.42 50.22
N VAL D 336 -24.27 -2.43 49.28
CA VAL D 336 -24.13 -3.48 48.27
C VAL D 336 -23.79 -4.83 48.92
N GLN D 337 -24.64 -5.84 48.70
CA GLN D 337 -24.46 -7.22 49.20
C GLN D 337 -23.89 -8.09 48.09
N VAL D 338 -23.50 -9.35 48.42
CA VAL D 338 -22.93 -10.34 47.49
C VAL D 338 -23.89 -10.59 46.33
N ASP D 339 -25.19 -10.77 46.64
CA ASP D 339 -26.23 -11.00 45.62
C ASP D 339 -26.26 -9.87 44.59
N ASP D 340 -25.92 -8.64 45.02
CA ASP D 340 -25.89 -7.47 44.15
C ASP D 340 -24.71 -7.55 43.18
N ILE D 341 -23.54 -7.94 43.70
CA ILE D 341 -22.30 -8.09 42.93
C ILE D 341 -22.48 -9.27 41.98
N LYS D 342 -23.06 -10.37 42.49
CA LYS D 342 -23.32 -11.59 41.75
C LYS D 342 -24.24 -11.36 40.56
N ARG D 343 -25.34 -10.61 40.78
CA ARG D 343 -26.35 -10.25 39.77
C ARG D 343 -25.77 -9.35 38.68
N VAL D 344 -25.04 -8.31 39.09
CA VAL D 344 -24.42 -7.35 38.20
C VAL D 344 -23.31 -7.98 37.32
N TYR D 345 -22.68 -9.06 37.83
CA TYR D 345 -21.65 -9.83 37.14
C TYR D 345 -22.31 -10.64 36.02
N SER D 346 -23.51 -11.20 36.28
CA SER D 346 -24.28 -12.00 35.32
C SER D 346 -24.83 -11.12 34.23
N LEU D 347 -25.17 -9.87 34.57
CA LEU D 347 -25.72 -8.87 33.66
C LEU D 347 -24.69 -8.37 32.64
N PHE D 348 -23.56 -7.87 33.12
CA PHE D 348 -22.50 -7.29 32.29
C PHE D 348 -21.25 -8.16 32.23
N LEU D 349 -20.72 -8.39 31.02
CA LEU D 349 -19.53 -9.23 30.89
C LEU D 349 -18.21 -8.49 30.75
N ASP D 350 -17.16 -9.16 31.19
CA ASP D 350 -15.79 -8.71 31.16
C ASP D 350 -15.30 -9.07 29.79
N GLU D 351 -14.40 -8.23 29.19
CA GLU D 351 -13.88 -8.44 27.82
C GLU D 351 -13.42 -9.88 27.45
N SER D 352 -12.91 -10.67 28.41
CA SER D 352 -12.49 -12.04 28.16
C SER D 352 -13.64 -13.05 28.05
N ARG D 353 -14.67 -12.98 28.93
CA ARG D 353 -15.86 -13.85 28.87
C ARG D 353 -16.56 -13.54 27.56
N SER D 354 -16.60 -12.22 27.22
CA SER D 354 -17.20 -11.66 26.01
C SER D 354 -16.69 -12.36 24.78
N THR D 355 -15.36 -12.50 24.68
CA THR D 355 -14.70 -13.15 23.56
C THR D 355 -14.82 -14.68 23.56
N GLN D 356 -14.65 -15.32 24.74
CA GLN D 356 -14.77 -16.78 24.90
C GLN D 356 -16.09 -17.25 24.32
N TYR D 357 -17.18 -16.50 24.58
CA TYR D 357 -18.52 -16.77 24.05
C TYR D 357 -18.54 -16.66 22.54
N MSE D 358 -17.80 -15.66 21.96
CA MSE D 358 -17.69 -15.42 20.51
C MSE D 358 -16.87 -16.47 19.81
O MSE D 358 -17.13 -16.77 18.64
CB MSE D 358 -17.22 -14.00 20.19
CG MSE D 358 -18.28 -12.92 20.50
SE MSE D 358 -20.07 -13.25 19.69
CE MSE D 358 -21.05 -13.77 21.30
N LYS D 359 -15.91 -17.07 20.52
CA LYS D 359 -15.07 -18.17 20.05
C LYS D 359 -15.93 -19.42 20.02
N GLU D 360 -16.62 -19.73 21.14
CA GLU D 360 -17.53 -20.87 21.27
C GLU D 360 -18.58 -20.89 20.14
N TYR D 361 -19.09 -19.71 19.76
CA TYR D 361 -20.09 -19.56 18.70
C TYR D 361 -19.48 -19.91 17.36
N GLN D 362 -18.42 -19.20 16.93
CA GLN D 362 -17.72 -19.40 15.65
C GLN D 362 -17.21 -20.85 15.45
N ASP D 363 -16.69 -21.46 16.53
CA ASP D 363 -16.17 -22.83 16.55
C ASP D 363 -17.27 -23.89 16.39
N ALA D 364 -18.48 -23.62 16.93
CA ALA D 364 -19.64 -24.53 16.83
C ALA D 364 -20.21 -24.57 15.40
N PHE D 365 -20.18 -23.42 14.70
CA PHE D 365 -20.67 -23.27 13.32
C PHE D 365 -19.65 -23.86 12.32
N LEU D 366 -18.37 -23.94 12.75
CA LEU D 366 -17.26 -24.55 11.98
C LEU D 366 -17.38 -26.08 12.00
N PHE D 367 -17.87 -26.65 13.12
CA PHE D 367 -18.07 -28.09 13.29
C PHE D 367 -19.32 -28.57 12.52
N ASN D 368 -20.35 -27.71 12.41
CA ASN D 368 -21.58 -28.04 11.69
C ASN D 368 -21.40 -27.87 10.17
N ILE E 37 40.48 11.95 -9.07
CA ILE E 37 40.86 10.88 -9.99
C ILE E 37 39.73 9.85 -10.21
N GLY E 38 39.39 9.60 -11.48
CA GLY E 38 38.33 8.67 -11.89
C GLY E 38 38.71 7.21 -11.75
N ALA E 39 37.69 6.34 -11.62
CA ALA E 39 37.86 4.90 -11.45
C ALA E 39 38.25 4.18 -12.74
N HIS E 40 37.84 4.74 -13.89
CA HIS E 40 38.12 4.13 -15.19
C HIS E 40 39.04 5.01 -16.05
N SER E 41 39.89 5.81 -15.39
CA SER E 41 40.86 6.74 -15.97
C SER E 41 41.84 6.07 -16.93
N HIS E 42 42.21 4.82 -16.66
CA HIS E 42 43.14 4.03 -17.45
C HIS E 42 42.55 3.50 -18.75
N ILE E 43 41.22 3.25 -18.78
CA ILE E 43 40.48 2.72 -19.94
C ILE E 43 40.49 3.77 -21.07
N ARG E 44 41.19 3.45 -22.16
CA ARG E 44 41.36 4.29 -23.36
C ARG E 44 40.72 3.70 -24.63
N GLY E 45 39.97 2.60 -24.47
CA GLY E 45 39.28 1.88 -25.53
C GLY E 45 39.17 0.40 -25.25
N LEU E 46 38.55 -0.39 -26.17
CA LEU E 46 38.40 -1.85 -25.99
C LEU E 46 39.70 -2.62 -26.21
N GLY E 47 40.61 -2.02 -26.97
CA GLY E 47 41.91 -2.58 -27.26
C GLY E 47 41.90 -3.84 -28.11
N LEU E 48 41.10 -3.84 -29.17
CA LEU E 48 41.07 -4.98 -30.08
C LEU E 48 41.74 -4.58 -31.37
N ASP E 49 42.17 -5.58 -32.14
CA ASP E 49 42.76 -5.37 -33.46
C ASP E 49 41.64 -5.23 -34.53
N ASP E 50 42.05 -5.01 -35.80
CA ASP E 50 41.13 -4.83 -36.94
C ASP E 50 40.13 -6.00 -37.13
N ALA E 51 40.54 -7.22 -36.74
CA ALA E 51 39.76 -8.43 -36.82
C ALA E 51 38.88 -8.65 -35.57
N LEU E 52 38.74 -7.58 -34.73
CA LEU E 52 37.97 -7.56 -33.47
C LEU E 52 38.44 -8.62 -32.48
N GLU E 53 39.76 -8.89 -32.46
CA GLU E 53 40.35 -9.86 -31.54
C GLU E 53 40.99 -9.16 -30.32
N PRO E 54 40.58 -9.55 -29.07
CA PRO E 54 41.15 -8.91 -27.87
C PRO E 54 42.62 -9.22 -27.63
N ARG E 55 43.38 -8.16 -27.27
CA ARG E 55 44.82 -8.17 -27.09
C ARG E 55 45.37 -8.47 -25.69
N GLN E 56 44.58 -9.08 -24.78
CA GLN E 56 45.01 -9.45 -23.41
C GLN E 56 45.35 -8.28 -22.49
N ALA E 57 46.21 -7.37 -22.96
CA ALA E 57 46.57 -6.15 -22.24
C ALA E 57 46.85 -5.08 -23.28
N SER E 58 45.88 -4.18 -23.48
CA SER E 58 45.91 -3.07 -24.44
C SER E 58 44.84 -2.03 -24.14
N GLN E 59 45.16 -0.74 -24.39
CA GLN E 59 44.28 0.43 -24.20
C GLN E 59 43.72 0.60 -22.77
N GLY E 60 44.42 0.05 -21.77
CA GLY E 60 44.02 0.09 -20.38
C GLY E 60 43.24 -1.13 -19.91
N MSE E 61 42.81 -1.99 -20.85
CA MSE E 61 42.08 -3.23 -20.56
C MSE E 61 43.03 -4.36 -20.28
O MSE E 61 44.10 -4.44 -20.87
CB MSE E 61 41.20 -3.64 -21.75
CG MSE E 61 40.31 -2.55 -22.26
SE MSE E 61 38.44 -2.53 -21.69
CE MSE E 61 38.31 -4.03 -20.38
N VAL E 62 42.61 -5.28 -19.44
CA VAL E 62 43.34 -6.48 -19.09
C VAL E 62 42.37 -7.66 -19.11
N GLY E 63 42.77 -8.76 -19.73
CA GLY E 63 41.96 -9.98 -19.82
C GLY E 63 40.53 -9.70 -20.22
N GLN E 64 39.55 -10.36 -19.58
CA GLN E 64 38.13 -10.22 -19.90
C GLN E 64 37.94 -10.25 -21.42
N LEU E 65 38.59 -11.21 -22.05
CA LEU E 65 38.69 -11.34 -23.49
C LEU E 65 37.41 -11.53 -24.25
N ALA E 66 36.58 -12.50 -23.81
CA ALA E 66 35.34 -12.82 -24.51
C ALA E 66 34.39 -11.64 -24.55
N ALA E 67 34.20 -10.98 -23.39
CA ALA E 67 33.30 -9.83 -23.24
C ALA E 67 33.75 -8.64 -24.10
N ARG E 68 35.09 -8.40 -24.13
CA ARG E 68 35.72 -7.36 -24.94
C ARG E 68 35.48 -7.60 -26.44
N ARG E 69 35.61 -8.87 -26.89
CA ARG E 69 35.39 -9.22 -28.29
C ARG E 69 33.94 -8.96 -28.69
N ALA E 70 32.97 -9.38 -27.83
CA ALA E 70 31.53 -9.19 -28.03
C ALA E 70 31.18 -7.71 -28.03
N ALA E 71 31.83 -6.92 -27.16
CA ALA E 71 31.67 -5.47 -27.11
C ALA E 71 32.12 -4.82 -28.44
N GLY E 72 33.15 -5.42 -29.08
CA GLY E 72 33.70 -5.02 -30.37
C GLY E 72 32.75 -5.25 -31.52
N VAL E 73 32.01 -6.38 -31.48
CA VAL E 73 30.99 -6.75 -32.47
C VAL E 73 29.84 -5.73 -32.39
N VAL E 74 29.49 -5.29 -31.16
CA VAL E 74 28.46 -4.29 -30.87
C VAL E 74 28.88 -2.94 -31.47
N LEU E 75 30.16 -2.61 -31.36
CA LEU E 75 30.70 -1.38 -31.91
C LEU E 75 30.48 -1.34 -33.40
N GLU E 76 30.79 -2.45 -34.11
CA GLU E 76 30.59 -2.55 -35.55
C GLU E 76 29.13 -2.31 -35.92
N MSE E 77 28.19 -2.72 -35.07
CA MSE E 77 26.77 -2.49 -35.29
C MSE E 77 26.40 -1.03 -35.09
O MSE E 77 25.56 -0.53 -35.83
CB MSE E 77 25.95 -3.40 -34.39
CG MSE E 77 26.18 -4.86 -34.68
SE MSE E 77 24.98 -5.97 -33.65
CE MSE E 77 26.30 -6.94 -32.61
N ILE E 78 27.02 -0.35 -34.11
CA ILE E 78 26.76 1.07 -33.84
C ILE E 78 27.23 1.88 -35.06
N ARG E 79 28.44 1.58 -35.53
CA ARG E 79 29.08 2.19 -36.69
C ARG E 79 28.32 1.90 -38.00
N GLU E 80 27.95 0.63 -38.26
CA GLU E 80 27.18 0.24 -39.45
C GLU E 80 25.70 0.69 -39.37
N GLY E 81 25.33 1.33 -38.25
CA GLY E 81 23.97 1.82 -37.99
C GLY E 81 22.93 0.73 -37.93
N LYS E 82 23.31 -0.41 -37.35
CA LYS E 82 22.45 -1.58 -37.21
C LYS E 82 22.10 -1.84 -35.73
N ILE E 83 22.15 -0.80 -34.90
CA ILE E 83 21.83 -0.91 -33.47
C ILE E 83 20.43 -0.37 -33.12
N ALA E 84 19.71 0.20 -34.11
CA ALA E 84 18.37 0.77 -33.91
C ALA E 84 17.39 -0.24 -33.32
N GLY E 85 16.73 0.17 -32.24
CA GLY E 85 15.76 -0.64 -31.50
C GLY E 85 16.37 -1.72 -30.64
N ARG E 86 17.67 -1.62 -30.38
CA ARG E 86 18.39 -2.60 -29.59
C ARG E 86 19.18 -1.94 -28.48
N ALA E 87 19.60 -2.73 -27.50
CA ALA E 87 20.44 -2.25 -26.41
C ALA E 87 21.36 -3.37 -25.96
N VAL E 88 22.29 -3.04 -25.09
CA VAL E 88 23.30 -3.98 -24.57
C VAL E 88 23.04 -4.26 -23.08
N LEU E 89 23.27 -5.52 -22.69
CA LEU E 89 23.23 -5.94 -21.30
C LEU E 89 24.56 -6.60 -21.02
N ILE E 90 25.22 -6.19 -19.91
CA ILE E 90 26.45 -6.80 -19.47
C ILE E 90 26.16 -7.47 -18.16
N ALA E 91 25.90 -8.78 -18.22
CA ALA E 91 25.55 -9.59 -17.07
C ALA E 91 26.80 -10.24 -16.53
N GLY E 92 27.08 -9.98 -15.26
CA GLY E 92 28.28 -10.50 -14.61
C GLY E 92 28.37 -10.08 -13.16
N GLN E 93 29.17 -10.84 -12.38
CA GLN E 93 29.38 -10.59 -10.95
C GLN E 93 30.04 -9.22 -10.72
N PRO E 94 29.90 -8.57 -9.53
CA PRO E 94 30.52 -7.26 -9.35
C PRO E 94 32.04 -7.31 -9.46
N GLY E 95 32.61 -6.24 -10.02
CA GLY E 95 34.05 -6.07 -10.20
C GLY E 95 34.66 -6.90 -11.30
N THR E 96 33.86 -7.17 -12.36
CA THR E 96 34.28 -7.92 -13.53
C THR E 96 34.42 -7.02 -14.78
N GLY E 97 34.50 -5.71 -14.56
CA GLY E 97 34.69 -4.72 -15.62
C GLY E 97 33.49 -4.47 -16.51
N LYS E 98 32.27 -4.62 -15.98
CA LYS E 98 31.06 -4.34 -16.73
C LYS E 98 31.09 -2.84 -17.09
N THR E 99 31.32 -1.95 -16.09
CA THR E 99 31.44 -0.52 -16.32
C THR E 99 32.65 -0.21 -17.20
N ALA E 100 33.80 -0.88 -16.94
CA ALA E 100 35.04 -0.69 -17.70
C ALA E 100 34.87 -1.00 -19.18
N ILE E 101 34.14 -2.10 -19.53
CA ILE E 101 33.83 -2.48 -20.92
C ILE E 101 32.97 -1.40 -21.57
N ALA E 102 31.92 -0.94 -20.85
CA ALA E 102 31.02 0.12 -21.28
C ALA E 102 31.79 1.41 -21.53
N MSE E 103 32.79 1.70 -20.68
CA MSE E 103 33.64 2.87 -20.79
C MSE E 103 34.53 2.74 -22.02
O MSE E 103 34.68 3.72 -22.75
CB MSE E 103 34.48 3.03 -19.50
CG MSE E 103 35.57 4.13 -19.59
SE MSE E 103 34.87 5.95 -19.87
CE MSE E 103 34.56 6.44 -17.95
N GLY E 104 35.05 1.54 -22.25
CA GLY E 104 35.91 1.21 -23.37
C GLY E 104 35.25 1.44 -24.72
N MSE E 105 34.01 1.01 -24.81
CA MSE E 105 33.15 1.16 -25.97
C MSE E 105 32.94 2.63 -26.30
O MSE E 105 32.97 3.00 -27.48
CB MSE E 105 31.80 0.50 -25.70
CG MSE E 105 31.86 -1.01 -25.71
SE MSE E 105 30.08 -1.73 -25.76
CE MSE E 105 29.84 -2.15 -23.90
N ALA E 106 32.72 3.47 -25.27
CA ALA E 106 32.54 4.91 -25.40
C ALA E 106 33.82 5.57 -25.90
N GLN E 107 34.99 5.11 -25.40
CA GLN E 107 36.29 5.64 -25.81
C GLN E 107 36.56 5.28 -27.25
N ALA E 108 36.26 4.02 -27.63
CA ALA E 108 36.47 3.50 -28.97
C ALA E 108 35.57 4.15 -30.03
N LEU E 109 34.36 4.60 -29.62
CA LEU E 109 33.40 5.27 -30.50
C LEU E 109 33.88 6.65 -30.94
N GLY E 110 34.68 7.29 -30.12
CA GLY E 110 35.23 8.62 -30.37
C GLY E 110 35.82 9.26 -29.14
N PRO E 111 36.75 10.23 -29.32
CA PRO E 111 37.36 10.89 -28.15
C PRO E 111 36.42 11.88 -27.45
N ASP E 112 35.40 12.35 -28.17
CA ASP E 112 34.41 13.34 -27.72
C ASP E 112 33.03 12.74 -27.35
N THR E 113 32.80 11.44 -27.69
CA THR E 113 31.54 10.73 -27.45
C THR E 113 31.08 10.81 -26.00
N PRO E 114 29.84 11.30 -25.73
CA PRO E 114 29.38 11.45 -24.34
C PRO E 114 29.09 10.14 -23.63
N PHE E 115 29.79 9.90 -22.52
CA PHE E 115 29.56 8.71 -21.69
C PHE E 115 28.99 9.12 -20.33
N THR E 116 27.87 8.49 -19.95
CA THR E 116 27.17 8.74 -18.69
C THR E 116 26.90 7.40 -18.03
N ALA E 117 27.44 7.21 -16.82
CA ALA E 117 27.21 5.99 -16.07
C ALA E 117 26.43 6.32 -14.81
N ILE E 118 25.28 5.66 -14.63
CA ILE E 118 24.40 5.85 -13.49
C ILE E 118 24.00 4.54 -12.87
N ALA E 119 23.62 4.56 -11.59
CA ALA E 119 23.15 3.38 -10.88
C ALA E 119 21.64 3.39 -10.98
N GLY E 120 21.03 2.20 -10.96
CA GLY E 120 19.58 2.05 -11.02
C GLY E 120 18.89 2.78 -9.88
N SER E 121 19.42 2.59 -8.66
CA SER E 121 18.96 3.23 -7.44
C SER E 121 19.01 4.78 -7.45
N GLU E 122 19.88 5.37 -8.30
CA GLU E 122 20.09 6.83 -8.41
C GLU E 122 18.86 7.61 -8.91
N ILE E 123 17.94 6.94 -9.63
CA ILE E 123 16.72 7.57 -10.18
C ILE E 123 15.63 7.75 -9.13
N PHE E 124 15.78 7.08 -7.99
CA PHE E 124 14.86 7.16 -6.85
C PHE E 124 15.31 8.33 -6.00
N SER E 125 14.89 9.55 -6.38
CA SER E 125 15.35 10.78 -5.74
C SER E 125 14.27 11.55 -5.01
N LEU E 126 14.68 12.28 -3.96
CA LEU E 126 13.78 13.13 -3.18
C LEU E 126 13.41 14.37 -3.97
N GLU E 127 14.40 14.96 -4.66
CA GLU E 127 14.27 16.18 -5.46
C GLU E 127 14.08 15.93 -6.97
N MSE E 128 13.58 14.73 -7.37
CA MSE E 128 13.44 14.39 -8.79
C MSE E 128 12.58 13.17 -9.15
O MSE E 128 12.71 12.09 -8.56
CB MSE E 128 14.83 14.16 -9.37
CG MSE E 128 14.94 14.55 -10.80
SE MSE E 128 16.79 14.56 -11.26
CE MSE E 128 17.31 16.33 -10.51
N SER E 129 11.81 13.31 -10.24
CA SER E 129 10.96 12.25 -10.80
C SER E 129 11.87 11.19 -11.43
N LYS E 130 11.51 9.89 -11.29
CA LYS E 130 12.27 8.76 -11.87
C LYS E 130 12.62 9.02 -13.36
N THR E 131 11.62 9.52 -14.11
CA THR E 131 11.75 9.83 -15.53
C THR E 131 12.61 11.05 -15.76
N GLU E 132 12.42 12.12 -14.96
CA GLU E 132 13.21 13.36 -15.01
C GLU E 132 14.68 13.06 -14.70
N ALA E 133 14.93 12.10 -13.78
CA ALA E 133 16.26 11.60 -13.42
C ALA E 133 16.86 10.88 -14.64
N LEU E 134 16.02 10.08 -15.34
CA LEU E 134 16.37 9.33 -16.54
C LEU E 134 16.50 10.23 -17.76
N THR E 135 15.67 11.29 -17.84
CA THR E 135 15.70 12.27 -18.92
C THR E 135 17.06 12.94 -18.88
N GLN E 136 17.50 13.39 -17.67
CA GLN E 136 18.80 14.02 -17.45
C GLN E 136 19.93 13.08 -17.85
N ALA E 137 19.83 11.79 -17.46
CA ALA E 137 20.80 10.74 -17.79
C ALA E 137 20.93 10.55 -19.30
N PHE E 138 19.80 10.65 -20.03
CA PHE E 138 19.78 10.53 -21.49
C PHE E 138 20.39 11.74 -22.19
N ARG E 139 19.96 12.96 -21.79
CA ARG E 139 20.44 14.23 -22.35
C ARG E 139 21.92 14.49 -22.02
N ARG E 140 22.47 13.80 -21.01
CA ARG E 140 23.89 13.87 -20.65
C ARG E 140 24.69 13.08 -21.69
N SER E 141 24.09 11.99 -22.23
CA SER E 141 24.70 11.12 -23.23
C SER E 141 24.49 11.56 -24.68
N ILE E 142 23.78 12.68 -24.92
CA ILE E 142 23.57 13.19 -26.28
C ILE E 142 24.32 14.51 -26.42
N GLY E 143 25.33 14.51 -27.30
CA GLY E 143 26.19 15.66 -27.52
C GLY E 143 25.81 16.54 -28.70
N VAL E 144 26.27 17.82 -28.63
CA VAL E 144 26.08 18.86 -29.64
C VAL E 144 27.46 19.48 -29.95
N ARG E 145 27.90 19.44 -31.22
CA ARG E 145 29.18 19.99 -31.66
C ARG E 145 29.09 21.45 -32.12
N ILE E 146 30.16 22.23 -31.87
CA ILE E 146 30.29 23.64 -32.23
C ILE E 146 31.40 23.87 -33.27
N HIS E 155 34.34 22.31 -29.93
CA HIS E 155 33.84 22.07 -28.59
C HIS E 155 32.52 21.30 -28.61
N THR E 156 32.42 20.18 -27.86
CA THR E 156 31.18 19.36 -27.78
C THR E 156 30.50 19.57 -26.44
N VAL E 157 29.18 19.83 -26.47
CA VAL E 157 28.39 20.10 -25.28
C VAL E 157 27.12 19.23 -25.24
N SER E 158 26.93 18.46 -24.14
CA SER E 158 25.77 17.58 -23.96
C SER E 158 24.48 18.38 -23.87
N LEU E 159 23.36 17.82 -24.37
CA LEU E 159 22.04 18.45 -24.33
C LEU E 159 21.67 18.91 -22.93
N HIS E 160 22.09 18.12 -21.92
CA HIS E 160 21.84 18.41 -20.51
C HIS E 160 22.53 19.69 -20.05
N GLU E 161 23.81 19.88 -20.45
CA GLU E 161 24.58 21.09 -20.12
C GLU E 161 23.85 22.33 -20.66
N ILE E 162 23.33 22.25 -21.90
CA ILE E 162 22.56 23.29 -22.59
C ILE E 162 21.29 23.62 -21.77
N ASP E 163 20.69 22.60 -21.12
CA ASP E 163 19.51 22.78 -20.25
C ASP E 163 19.87 23.55 -18.99
N VAL E 164 20.97 23.14 -18.30
CA VAL E 164 21.48 23.76 -17.07
C VAL E 164 21.86 25.22 -17.32
N ILE E 165 22.52 25.51 -18.47
CA ILE E 165 22.91 26.85 -18.91
C ILE E 165 21.67 27.75 -19.02
N ASN E 166 20.62 27.28 -19.74
CA ASN E 166 19.39 28.04 -19.89
C ASN E 166 18.33 27.69 -18.81
N SER E 167 18.80 27.48 -17.55
CA SER E 167 17.96 27.20 -16.37
C SER E 167 18.50 27.92 -15.10
N ARG E 168 19.13 27.18 -14.16
CA ARG E 168 19.69 27.73 -12.91
C ARG E 168 20.94 28.58 -13.17
N THR E 169 20.78 29.92 -13.16
CA THR E 169 21.86 30.86 -13.42
C THR E 169 21.70 32.15 -12.62
N GLU E 182 15.47 19.28 -10.99
CA GLU E 182 14.56 19.12 -12.12
C GLU E 182 14.53 20.35 -13.05
N ILE E 183 14.57 20.12 -14.38
CA ILE E 183 14.56 21.15 -15.42
C ILE E 183 13.14 21.35 -16.00
N LYS E 184 12.77 22.62 -16.28
CA LYS E 184 11.46 23.02 -16.82
C LYS E 184 11.15 22.39 -18.19
N SER E 185 9.93 21.85 -18.33
CA SER E 185 9.38 21.18 -19.52
C SER E 185 9.40 22.08 -20.77
N GLU E 186 9.18 23.39 -20.55
CA GLU E 186 9.17 24.44 -21.58
C GLU E 186 10.58 24.74 -22.07
N VAL E 187 11.57 24.76 -21.13
CA VAL E 187 12.99 25.00 -21.38
C VAL E 187 13.56 23.94 -22.35
N ARG E 188 13.28 22.65 -22.07
CA ARG E 188 13.71 21.51 -22.90
C ARG E 188 13.09 21.60 -24.29
N GLU E 189 11.79 21.95 -24.36
CA GLU E 189 11.00 22.12 -25.58
C GLU E 189 11.60 23.19 -26.51
N GLN E 190 12.18 24.27 -25.91
CA GLN E 190 12.85 25.37 -26.61
C GLN E 190 14.19 24.90 -27.17
N ILE E 191 15.03 24.24 -26.32
CA ILE E 191 16.35 23.68 -26.68
C ILE E 191 16.21 22.63 -27.79
N ASN E 192 15.17 21.77 -27.71
CA ASN E 192 14.88 20.75 -28.71
C ASN E 192 14.59 21.36 -30.08
N ALA E 193 13.96 22.55 -30.10
CA ALA E 193 13.64 23.33 -31.30
C ALA E 193 14.88 24.12 -31.77
N LYS E 194 15.69 24.61 -30.79
CA LYS E 194 16.94 25.36 -30.99
C LYS E 194 17.98 24.48 -31.69
N VAL E 195 18.22 23.26 -31.15
CA VAL E 195 19.17 22.27 -31.68
C VAL E 195 18.69 21.75 -33.05
N ALA E 196 17.36 21.66 -33.28
CA ALA E 196 16.76 21.24 -34.56
C ALA E 196 17.11 22.23 -35.69
N GLU E 197 17.14 23.54 -35.35
CA GLU E 197 17.49 24.64 -36.26
C GLU E 197 18.99 24.60 -36.60
N TRP E 198 19.88 24.52 -35.56
CA TRP E 198 21.36 24.45 -35.68
C TRP E 198 21.81 23.26 -36.55
N ARG E 199 21.15 22.10 -36.37
CA ARG E 199 21.41 20.84 -37.09
C ARG E 199 21.05 20.98 -38.57
N GLU E 200 19.81 21.46 -38.87
CA GLU E 200 19.32 21.67 -40.23
C GLU E 200 20.10 22.77 -40.96
N GLU E 201 20.75 23.67 -40.18
CA GLU E 201 21.60 24.77 -40.66
C GLU E 201 22.94 24.19 -41.10
N GLY E 202 23.51 23.33 -40.26
CA GLY E 202 24.80 22.68 -40.46
C GLY E 202 25.89 23.22 -39.56
N LYS E 203 25.52 24.16 -38.65
CA LYS E 203 26.44 24.79 -37.69
C LYS E 203 26.70 23.89 -36.47
N ALA E 204 25.81 22.88 -36.26
CA ALA E 204 25.92 21.92 -35.18
C ALA E 204 25.67 20.49 -35.62
N GLU E 205 26.34 19.54 -34.96
CA GLU E 205 26.27 18.10 -35.22
C GLU E 205 25.82 17.36 -33.97
N ILE E 206 24.77 16.52 -34.09
CA ILE E 206 24.27 15.73 -32.97
C ILE E 206 25.06 14.44 -32.91
N ILE E 207 25.80 14.23 -31.81
CA ILE E 207 26.63 13.04 -31.64
C ILE E 207 26.17 12.15 -30.46
N PRO E 208 25.30 11.15 -30.74
CA PRO E 208 24.78 10.27 -29.67
C PRO E 208 25.88 9.41 -29.08
N GLY E 209 25.93 9.38 -27.76
CA GLY E 209 26.95 8.66 -27.02
C GLY E 209 26.47 7.39 -26.35
N VAL E 210 26.99 7.16 -25.13
CA VAL E 210 26.73 5.94 -24.36
C VAL E 210 26.11 6.25 -23.00
N LEU E 211 24.99 5.58 -22.71
CA LEU E 211 24.36 5.69 -21.41
C LEU E 211 24.43 4.32 -20.77
N PHE E 212 25.09 4.29 -19.61
CA PHE E 212 25.31 3.08 -18.85
C PHE E 212 24.46 3.06 -17.57
N ILE E 213 23.63 2.02 -17.43
CA ILE E 213 22.76 1.86 -16.27
C ILE E 213 23.20 0.64 -15.46
N ASP E 214 23.99 0.89 -14.40
CA ASP E 214 24.46 -0.15 -13.46
C ASP E 214 23.28 -0.47 -12.53
N GLU E 215 23.29 -1.69 -11.90
CA GLU E 215 22.22 -2.12 -10.98
C GLU E 215 20.85 -2.01 -11.69
N VAL E 216 20.75 -2.36 -12.99
CA VAL E 216 19.52 -2.22 -13.79
C VAL E 216 18.22 -2.83 -13.20
N HIS E 217 18.37 -3.91 -12.43
CA HIS E 217 17.32 -4.63 -11.73
C HIS E 217 16.57 -3.72 -10.73
N MSE E 218 17.13 -2.53 -10.43
CA MSE E 218 16.56 -1.52 -9.52
C MSE E 218 15.40 -0.75 -10.14
O MSE E 218 14.63 -0.12 -9.42
CB MSE E 218 17.63 -0.50 -9.08
CG MSE E 218 18.64 -1.03 -8.07
SE MSE E 218 17.84 -1.83 -6.47
CE MSE E 218 16.52 -0.38 -5.87
N LEU E 219 15.32 -0.74 -11.47
CA LEU E 219 14.28 -0.06 -12.24
C LEU E 219 12.95 -0.81 -12.22
N ASP E 220 11.86 -0.04 -12.22
CA ASP E 220 10.47 -0.52 -12.24
C ASP E 220 9.89 -0.42 -13.66
N ILE E 221 8.71 -1.01 -13.94
CA ILE E 221 8.15 -0.93 -15.30
C ILE E 221 7.97 0.50 -15.78
N GLU E 222 7.54 1.42 -14.88
CA GLU E 222 7.35 2.83 -15.20
C GLU E 222 8.61 3.40 -15.84
N SER E 223 9.78 3.07 -15.27
CA SER E 223 11.07 3.53 -15.79
C SER E 223 11.53 2.69 -16.98
N PHE E 224 11.18 1.40 -17.01
CA PHE E 224 11.52 0.53 -18.13
C PHE E 224 10.79 0.96 -19.38
N SER E 225 9.53 1.39 -19.23
CA SER E 225 8.70 1.92 -20.32
C SER E 225 9.28 3.24 -20.80
N PHE E 226 9.84 4.05 -19.87
CA PHE E 226 10.45 5.33 -20.25
C PHE E 226 11.59 5.06 -21.24
N LEU E 227 12.49 4.10 -20.91
CA LEU E 227 13.61 3.76 -21.77
C LEU E 227 13.15 3.38 -23.18
N ASN E 228 12.02 2.64 -23.31
CA ASN E 228 11.50 2.23 -24.63
C ASN E 228 11.13 3.44 -25.47
N ARG E 229 10.39 4.40 -24.87
CA ARG E 229 9.99 5.67 -25.46
C ARG E 229 11.24 6.50 -25.82
N ALA E 230 12.24 6.50 -24.92
CA ALA E 230 13.50 7.24 -25.05
C ALA E 230 14.35 6.73 -26.22
N LEU E 231 14.43 5.40 -26.40
CA LEU E 231 15.19 4.77 -27.48
C LEU E 231 14.51 4.89 -28.85
N GLU E 232 13.23 5.35 -28.89
CA GLU E 232 12.49 5.58 -30.13
C GLU E 232 13.07 6.78 -30.88
N SER E 233 13.66 7.77 -30.16
CA SER E 233 14.28 8.98 -30.72
C SER E 233 15.44 8.64 -31.68
N ASP E 234 15.66 9.48 -32.69
CA ASP E 234 16.73 9.29 -33.68
C ASP E 234 18.13 9.63 -33.12
N MSE E 235 18.21 10.51 -32.08
CA MSE E 235 19.48 10.91 -31.45
C MSE E 235 19.76 10.12 -30.18
O MSE E 235 20.67 10.46 -29.43
CB MSE E 235 19.46 12.39 -31.07
CG MSE E 235 19.06 13.33 -32.17
SE MSE E 235 18.40 14.93 -31.29
CE MSE E 235 16.70 14.23 -30.48
N ALA E 236 18.94 9.09 -29.93
CA ALA E 236 19.06 8.25 -28.76
C ALA E 236 20.47 7.67 -28.62
N PRO E 237 21.07 7.71 -27.40
CA PRO E 237 22.40 7.11 -27.22
C PRO E 237 22.30 5.58 -27.14
N VAL E 238 23.43 4.89 -27.24
CA VAL E 238 23.47 3.44 -27.13
C VAL E 238 23.34 3.08 -25.65
N LEU E 239 22.22 2.45 -25.30
CA LEU E 239 21.95 2.08 -23.91
C LEU E 239 22.62 0.77 -23.54
N ILE E 240 23.50 0.83 -22.54
CA ILE E 240 24.20 -0.34 -22.02
C ILE E 240 23.82 -0.46 -20.55
N MSE E 241 23.25 -1.58 -20.18
CA MSE E 241 22.87 -1.81 -18.80
C MSE E 241 23.71 -2.91 -18.25
O MSE E 241 24.33 -3.65 -19.01
CB MSE E 241 21.42 -2.21 -18.72
CG MSE E 241 20.48 -1.15 -19.20
SE MSE E 241 18.86 -2.02 -19.73
CE MSE E 241 19.47 -2.73 -21.47
N ALA E 242 23.74 -3.04 -16.93
CA ALA E 242 24.48 -4.08 -16.24
C ALA E 242 23.73 -4.57 -15.04
N THR E 243 23.96 -5.83 -14.72
CA THR E 243 23.40 -6.50 -13.54
C THR E 243 24.23 -7.72 -13.18
N ASN E 244 24.12 -8.14 -11.91
CA ASN E 244 24.78 -9.33 -11.37
C ASN E 244 23.69 -10.30 -10.89
N ARG E 245 22.43 -10.03 -11.30
CA ARG E 245 21.24 -10.77 -10.88
C ARG E 245 20.63 -11.60 -11.99
N GLY E 246 20.15 -12.79 -11.63
CA GLY E 246 19.50 -13.71 -12.56
C GLY E 246 18.02 -13.45 -12.62
N ILE E 247 17.18 -14.49 -12.42
CA ILE E 247 15.73 -14.30 -12.41
C ILE E 247 15.33 -13.61 -11.10
N THR E 248 14.70 -12.43 -11.19
CA THR E 248 14.26 -11.57 -10.09
C THR E 248 12.91 -11.00 -10.49
N ARG E 249 12.08 -10.55 -9.51
CA ARG E 249 10.82 -9.93 -9.90
C ARG E 249 11.10 -8.57 -10.53
N ILE E 250 10.29 -8.19 -11.53
CA ILE E 250 10.36 -6.88 -12.19
C ILE E 250 9.72 -5.92 -11.15
N ARG E 251 10.46 -4.91 -10.66
CA ARG E 251 9.96 -3.95 -9.68
C ARG E 251 8.75 -3.25 -10.31
N GLY E 252 7.70 -3.11 -9.52
CA GLY E 252 6.44 -2.54 -9.98
C GLY E 252 5.48 -3.60 -10.49
N THR E 253 5.98 -4.86 -10.58
CA THR E 253 5.22 -6.04 -11.01
C THR E 253 5.36 -7.22 -10.03
N SER E 254 4.44 -8.17 -10.20
CA SER E 254 4.33 -9.42 -9.46
C SER E 254 5.00 -10.54 -10.28
N TYR E 255 5.71 -10.18 -11.38
CA TYR E 255 6.31 -11.15 -12.28
C TYR E 255 7.81 -11.17 -12.21
N GLN E 256 8.40 -12.37 -12.39
CA GLN E 256 9.84 -12.61 -12.39
C GLN E 256 10.37 -12.72 -13.83
N SER E 257 11.59 -12.24 -14.07
CA SER E 257 12.17 -12.25 -15.40
C SER E 257 13.68 -12.24 -15.29
N PRO E 258 14.46 -12.84 -16.25
CA PRO E 258 15.93 -12.76 -16.16
C PRO E 258 16.38 -11.33 -15.97
N HIS E 259 17.27 -11.11 -15.00
CA HIS E 259 17.86 -9.81 -14.66
C HIS E 259 16.83 -8.77 -14.21
N GLY E 260 15.58 -9.20 -14.01
CA GLY E 260 14.47 -8.33 -13.60
C GLY E 260 14.08 -7.33 -14.67
N ILE E 261 14.36 -7.65 -15.95
CA ILE E 261 14.08 -6.81 -17.12
C ILE E 261 12.84 -7.36 -17.84
N PRO E 262 11.86 -6.50 -18.23
CA PRO E 262 10.68 -6.99 -18.95
C PRO E 262 11.05 -7.75 -20.21
N ILE E 263 10.34 -8.84 -20.48
CA ILE E 263 10.61 -9.69 -21.63
C ILE E 263 10.66 -8.98 -22.98
N ASP E 264 9.82 -7.93 -23.18
CA ASP E 264 9.79 -7.13 -24.41
C ASP E 264 11.13 -6.41 -24.65
N LEU E 265 11.81 -5.99 -23.57
CA LEU E 265 13.10 -5.32 -23.66
C LEU E 265 14.21 -6.36 -23.77
N LEU E 266 14.10 -7.50 -23.05
CA LEU E 266 15.08 -8.58 -23.11
C LEU E 266 15.19 -9.13 -24.52
N ASP E 267 14.05 -9.30 -25.20
CA ASP E 267 13.98 -9.81 -26.56
C ASP E 267 14.72 -8.95 -27.61
N ARG E 268 15.10 -7.69 -27.23
CA ARG E 268 15.80 -6.70 -28.04
C ARG E 268 17.26 -6.54 -27.60
N LEU E 269 17.67 -7.28 -26.56
CA LEU E 269 19.02 -7.13 -26.05
C LEU E 269 20.09 -7.96 -26.73
N LEU E 270 21.33 -7.45 -26.65
CA LEU E 270 22.58 -8.09 -27.04
C LEU E 270 23.18 -8.37 -25.67
N ILE E 271 23.04 -9.63 -25.19
CA ILE E 271 23.49 -9.94 -23.84
C ILE E 271 24.93 -10.43 -23.79
N VAL E 272 25.78 -9.74 -22.98
CA VAL E 272 27.22 -10.02 -22.80
C VAL E 272 27.53 -10.50 -21.39
N SER E 273 28.37 -11.54 -21.24
CA SER E 273 28.74 -12.07 -19.93
C SER E 273 30.20 -11.82 -19.52
N THR E 274 30.40 -11.18 -18.36
CA THR E 274 31.74 -10.93 -17.81
C THR E 274 32.05 -11.99 -16.77
N THR E 275 33.08 -12.79 -17.08
CA THR E 275 33.59 -13.89 -16.27
C THR E 275 34.55 -13.36 -15.18
N PRO E 276 34.62 -13.98 -13.97
CA PRO E 276 35.49 -13.44 -12.92
C PRO E 276 36.98 -13.56 -13.23
N TYR E 277 37.80 -12.63 -12.65
CA TYR E 277 39.24 -12.55 -12.87
C TYR E 277 40.07 -13.59 -12.14
N SER E 278 41.22 -13.92 -12.76
CA SER E 278 42.20 -14.84 -12.21
C SER E 278 43.15 -14.03 -11.32
N GLU E 279 44.10 -14.69 -10.64
CA GLU E 279 45.08 -14.02 -9.79
C GLU E 279 45.93 -13.05 -10.66
N LYS E 280 46.31 -13.51 -11.87
CA LYS E 280 47.09 -12.75 -12.85
C LYS E 280 46.37 -11.46 -13.28
N ASP E 281 45.10 -11.58 -13.74
CA ASP E 281 44.28 -10.45 -14.19
C ASP E 281 43.98 -9.43 -13.08
N THR E 282 43.75 -9.94 -11.84
CA THR E 282 43.48 -9.11 -10.66
C THR E 282 44.70 -8.26 -10.37
N LYS E 283 45.90 -8.87 -10.32
CA LYS E 283 47.19 -8.18 -10.09
C LYS E 283 47.38 -7.07 -11.10
N GLN E 284 47.11 -7.38 -12.39
CA GLN E 284 47.24 -6.43 -13.48
C GLN E 284 46.31 -5.25 -13.35
N ILE E 285 45.11 -5.47 -12.82
CA ILE E 285 44.17 -4.37 -12.63
C ILE E 285 44.66 -3.47 -11.49
N LEU E 286 45.08 -4.07 -10.34
CA LEU E 286 45.62 -3.36 -9.18
C LEU E 286 46.87 -2.59 -9.57
N ARG E 287 47.77 -3.23 -10.33
CA ARG E 287 49.00 -2.63 -10.84
C ARG E 287 48.68 -1.37 -11.66
N ILE E 288 47.64 -1.45 -12.51
CA ILE E 288 47.18 -0.33 -13.35
C ILE E 288 46.60 0.78 -12.46
N ARG E 289 45.74 0.41 -11.50
CA ARG E 289 45.09 1.34 -10.58
C ARG E 289 46.06 2.10 -9.69
N CYS E 290 47.18 1.44 -9.30
CA CYS E 290 48.22 2.04 -8.47
C CYS E 290 48.87 3.16 -9.27
N GLU E 291 49.19 2.87 -10.53
CA GLU E 291 49.80 3.80 -11.48
C GLU E 291 48.93 5.05 -11.62
N GLU E 292 47.59 4.86 -11.73
CA GLU E 292 46.64 5.96 -11.87
C GLU E 292 46.55 6.78 -10.57
N GLU E 293 46.48 6.11 -9.40
CA GLU E 293 46.43 6.75 -8.08
C GLU E 293 47.83 7.23 -7.61
N ASP E 294 48.86 7.00 -8.45
CA ASP E 294 50.26 7.34 -8.21
C ASP E 294 50.82 6.70 -6.94
N VAL E 295 50.65 5.38 -6.83
CA VAL E 295 51.10 4.57 -5.70
C VAL E 295 52.18 3.55 -6.11
N GLU E 296 53.34 3.65 -5.47
CA GLU E 296 54.46 2.74 -5.65
C GLU E 296 54.23 1.59 -4.65
N MSE E 297 54.36 0.35 -5.12
CA MSE E 297 54.11 -0.82 -4.30
C MSE E 297 55.10 -1.94 -4.58
O MSE E 297 55.52 -2.13 -5.73
CB MSE E 297 52.68 -1.28 -4.56
CG MSE E 297 52.10 -2.13 -3.48
SE MSE E 297 50.16 -2.08 -3.56
CE MSE E 297 49.86 -3.88 -3.49
N SER E 298 55.47 -2.71 -3.53
CA SER E 298 56.37 -3.86 -3.65
C SER E 298 55.64 -5.03 -4.32
N GLU E 299 56.39 -5.96 -4.88
CA GLU E 299 55.82 -7.13 -5.57
C GLU E 299 55.19 -8.13 -4.62
N ASP E 300 55.75 -8.27 -3.40
CA ASP E 300 55.24 -9.12 -2.34
C ASP E 300 53.92 -8.55 -1.86
N ALA E 301 53.79 -7.20 -1.86
CA ALA E 301 52.57 -6.50 -1.47
C ALA E 301 51.48 -6.75 -2.50
N TYR E 302 51.81 -6.66 -3.82
CA TYR E 302 50.85 -6.91 -4.91
C TYR E 302 50.29 -8.31 -4.78
N THR E 303 51.16 -9.29 -4.46
CA THR E 303 50.83 -10.69 -4.23
C THR E 303 49.76 -10.81 -3.14
N VAL E 304 49.94 -10.10 -2.01
CA VAL E 304 49.01 -10.06 -0.87
C VAL E 304 47.72 -9.34 -1.24
N LEU E 305 47.80 -8.11 -1.81
CA LEU E 305 46.64 -7.33 -2.19
C LEU E 305 45.72 -8.05 -3.19
N THR E 306 46.30 -8.85 -4.10
CA THR E 306 45.50 -9.62 -5.05
C THR E 306 44.81 -10.74 -4.33
N ARG E 307 45.49 -11.36 -3.34
CA ARG E 307 44.89 -12.44 -2.56
C ARG E 307 43.71 -11.88 -1.84
N ILE E 308 43.89 -10.70 -1.17
CA ILE E 308 42.80 -9.99 -0.49
C ILE E 308 41.65 -9.74 -1.48
N GLY E 309 42.00 -9.22 -2.65
CA GLY E 309 41.06 -8.96 -3.74
C GLY E 309 40.23 -10.15 -4.16
N LEU E 310 40.88 -11.32 -4.37
CA LEU E 310 40.21 -12.56 -4.75
C LEU E 310 39.30 -13.10 -3.62
N GLU E 311 39.79 -13.06 -2.36
CA GLU E 311 39.08 -13.54 -1.19
C GLU E 311 37.93 -12.62 -0.83
N THR E 312 38.07 -11.32 -1.10
CA THR E 312 37.04 -10.32 -0.79
C THR E 312 36.44 -9.81 -2.11
N SER E 313 36.78 -8.59 -2.51
CA SER E 313 36.37 -7.97 -3.77
C SER E 313 37.53 -7.15 -4.33
N LEU E 314 37.46 -6.84 -5.64
CA LEU E 314 38.44 -5.99 -6.31
C LEU E 314 38.25 -4.55 -5.79
N ARG E 315 36.97 -4.14 -5.53
CA ARG E 315 36.59 -2.84 -4.96
C ARG E 315 37.31 -2.62 -3.65
N TYR E 316 37.26 -3.63 -2.75
CA TYR E 316 37.89 -3.57 -1.44
C TYR E 316 39.40 -3.49 -1.59
N ALA E 317 39.97 -4.30 -2.51
CA ALA E 317 41.39 -4.28 -2.77
C ALA E 317 41.84 -2.91 -3.24
N ILE E 318 41.07 -2.26 -4.13
CA ILE E 318 41.38 -0.93 -4.65
C ILE E 318 41.21 0.12 -3.55
N GLN E 319 40.17 -0.07 -2.71
CA GLN E 319 39.89 0.82 -1.58
C GLN E 319 41.11 0.89 -0.66
N LEU E 320 41.83 -0.25 -0.50
CA LEU E 320 43.02 -0.35 0.35
C LEU E 320 44.24 0.38 -0.16
N ILE E 321 44.38 0.60 -1.49
CA ILE E 321 45.54 1.30 -2.10
C ILE E 321 45.80 2.67 -1.44
N THR E 322 44.80 3.57 -1.48
CA THR E 322 44.81 4.93 -0.92
C THR E 322 45.20 4.91 0.56
N ALA E 323 44.56 4.03 1.34
CA ALA E 323 44.80 3.85 2.76
C ALA E 323 46.20 3.28 3.03
N ALA E 324 46.61 2.21 2.31
CA ALA E 324 47.93 1.58 2.42
C ALA E 324 49.07 2.55 2.15
N SER E 325 48.91 3.43 1.14
CA SER E 325 49.90 4.44 0.76
C SER E 325 50.08 5.47 1.86
N LEU E 326 48.97 5.86 2.51
CA LEU E 326 49.01 6.81 3.61
C LEU E 326 49.77 6.22 4.81
N VAL E 327 49.50 4.93 5.17
CA VAL E 327 50.18 4.18 6.23
C VAL E 327 51.70 4.18 5.96
N CYS E 328 52.09 3.97 4.66
CA CYS E 328 53.47 3.96 4.16
C CYS E 328 54.12 5.37 4.25
N ARG E 329 53.39 6.40 3.78
CA ARG E 329 53.79 7.81 3.79
C ARG E 329 54.05 8.28 5.24
N LYS E 330 53.20 7.82 6.20
CA LYS E 330 53.28 8.14 7.63
C LYS E 330 54.52 7.55 8.32
N ARG E 331 55.30 6.69 7.62
CA ARG E 331 56.52 6.09 8.18
C ARG E 331 57.79 6.12 7.27
N LYS E 332 57.74 6.93 6.18
CA LYS E 332 58.70 7.14 5.07
C LYS E 332 58.38 6.11 3.97
N GLY E 333 58.72 4.84 4.26
CA GLY E 333 58.46 3.67 3.42
C GLY E 333 59.08 3.58 2.03
N THR E 334 58.82 4.60 1.17
CA THR E 334 59.20 4.75 -0.27
C THR E 334 58.21 4.01 -1.19
N GLU E 335 57.80 2.79 -0.80
CA GLU E 335 56.83 1.95 -1.50
C GLU E 335 56.07 1.08 -0.50
N VAL E 336 54.81 0.77 -0.81
CA VAL E 336 53.92 -0.02 0.04
C VAL E 336 54.43 -1.45 0.19
N GLN E 337 54.69 -1.88 1.44
CA GLN E 337 55.16 -3.23 1.80
C GLN E 337 53.97 -4.07 2.27
N VAL E 338 54.18 -5.39 2.48
CA VAL E 338 53.16 -6.35 2.94
C VAL E 338 52.58 -5.92 4.28
N ASP E 339 53.43 -5.50 5.23
CA ASP E 339 53.03 -5.01 6.55
C ASP E 339 52.06 -3.86 6.45
N ASP E 340 52.20 -3.04 5.38
CA ASP E 340 51.32 -1.89 5.12
C ASP E 340 49.93 -2.36 4.69
N ILE E 341 49.88 -3.34 3.77
CA ILE E 341 48.66 -3.95 3.26
C ILE E 341 47.96 -4.72 4.39
N LYS E 342 48.77 -5.48 5.17
CA LYS E 342 48.32 -6.29 6.29
C LYS E 342 47.68 -5.44 7.39
N ARG E 343 48.31 -4.30 7.73
CA ARG E 343 47.83 -3.35 8.75
C ARG E 343 46.53 -2.66 8.33
N VAL E 344 46.48 -2.20 7.08
CA VAL E 344 45.32 -1.51 6.51
C VAL E 344 44.09 -2.46 6.37
N TYR E 345 44.35 -3.78 6.23
CA TYR E 345 43.33 -4.83 6.14
C TYR E 345 42.69 -5.02 7.52
N SER E 346 43.51 -4.95 8.59
CA SER E 346 43.08 -5.10 9.98
C SER E 346 42.28 -3.91 10.41
N LEU E 347 42.64 -2.72 9.89
CA LEU E 347 41.99 -1.45 10.20
C LEU E 347 40.58 -1.34 9.60
N PHE E 348 40.47 -1.53 8.28
CA PHE E 348 39.22 -1.40 7.53
C PHE E 348 38.66 -2.75 7.07
N LEU E 349 37.37 -3.01 7.26
CA LEU E 349 36.80 -4.29 6.83
C LEU E 349 36.03 -4.25 5.54
N ASP E 350 36.00 -5.38 4.83
CA ASP E 350 35.24 -5.57 3.60
C ASP E 350 33.80 -5.83 4.01
N GLU E 351 32.83 -5.56 3.12
CA GLU E 351 31.41 -5.75 3.45
C GLU E 351 30.98 -7.14 3.93
N SER E 352 31.71 -8.20 3.50
CA SER E 352 31.45 -9.59 3.91
C SER E 352 31.83 -9.86 5.39
N ARG E 353 33.03 -9.43 5.82
CA ARG E 353 33.51 -9.55 7.21
C ARG E 353 32.61 -8.70 8.10
N SER E 354 32.29 -7.49 7.63
CA SER E 354 31.46 -6.51 8.31
C SER E 354 30.08 -7.10 8.73
N THR E 355 29.39 -7.75 7.77
CA THR E 355 28.10 -8.39 8.00
C THR E 355 28.20 -9.66 8.79
N GLN E 356 29.26 -10.49 8.57
CA GLN E 356 29.44 -11.73 9.34
C GLN E 356 29.49 -11.42 10.83
N TYR E 357 30.23 -10.35 11.23
CA TYR E 357 30.35 -9.90 12.61
C TYR E 357 29.01 -9.46 13.16
N MSE E 358 28.23 -8.73 12.36
CA MSE E 358 26.92 -8.27 12.79
C MSE E 358 25.91 -9.40 12.89
O MSE E 358 25.07 -9.37 13.80
CB MSE E 358 26.40 -7.08 11.94
CG MSE E 358 26.94 -5.72 12.39
SE MSE E 358 27.38 -5.52 14.32
CE MSE E 358 29.41 -5.68 14.17
N LYS E 359 26.04 -10.41 12.01
CA LYS E 359 25.19 -11.60 12.02
C LYS E 359 25.48 -12.34 13.32
N GLU E 360 26.76 -12.63 13.61
CA GLU E 360 27.20 -13.30 14.83
C GLU E 360 26.64 -12.63 16.09
N TYR E 361 26.63 -11.28 16.10
CA TYR E 361 26.14 -10.47 17.21
C TYR E 361 24.64 -10.64 17.39
N GLN E 362 23.86 -10.30 16.33
CA GLN E 362 22.40 -10.36 16.31
C GLN E 362 21.84 -11.76 16.63
N ASP E 363 22.51 -12.82 16.11
CA ASP E 363 22.16 -14.22 16.31
C ASP E 363 22.39 -14.69 17.75
N ALA E 364 23.44 -14.17 18.42
CA ALA E 364 23.78 -14.51 19.81
C ALA E 364 22.75 -13.94 20.80
N PHE E 365 22.23 -12.72 20.52
CA PHE E 365 21.22 -12.04 21.32
C PHE E 365 19.82 -12.63 21.09
N LEU E 366 19.62 -13.27 19.93
CA LEU E 366 18.39 -14.00 19.57
C LEU E 366 18.28 -15.32 20.34
N PHE E 367 19.43 -15.96 20.64
CA PHE E 367 19.50 -17.19 21.44
C PHE E 367 19.28 -16.83 22.92
N ASN E 368 19.57 -15.54 23.26
CA ASN E 368 19.35 -14.95 24.58
C ASN E 368 17.85 -14.88 24.84
N GLU E 369 17.05 -14.65 23.76
CA GLU E 369 15.58 -14.60 23.78
C GLU E 369 14.93 -15.91 24.27
N LEU E 370 15.74 -16.95 24.45
CA LEU E 370 15.33 -18.27 24.91
C LEU E 370 15.69 -18.48 26.40
N LYS E 371 16.97 -18.19 26.76
CA LYS E 371 17.51 -18.33 28.11
C LYS E 371 16.96 -17.25 29.06
N ILE F 37 -26.71 -8.36 -33.39
CA ILE F 37 -27.60 -9.28 -32.68
C ILE F 37 -27.20 -9.54 -31.22
N GLY F 38 -28.14 -9.32 -30.30
CA GLY F 38 -27.96 -9.49 -28.86
C GLY F 38 -27.93 -10.93 -28.39
N ALA F 39 -27.31 -11.17 -27.22
CA ALA F 39 -27.18 -12.50 -26.63
C ALA F 39 -28.46 -13.03 -26.00
N HIS F 40 -29.32 -12.11 -25.54
CA HIS F 40 -30.58 -12.49 -24.89
C HIS F 40 -31.80 -12.05 -25.69
N SER F 41 -31.63 -11.95 -27.03
CA SER F 41 -32.65 -11.54 -28.01
C SER F 41 -33.91 -12.39 -27.97
N HIS F 42 -33.76 -13.68 -27.66
CA HIS F 42 -34.84 -14.66 -27.59
C HIS F 42 -35.70 -14.52 -26.34
N ILE F 43 -35.11 -14.05 -25.22
CA ILE F 43 -35.78 -13.89 -23.92
C ILE F 43 -36.82 -12.78 -24.03
N ARG F 44 -38.11 -13.15 -23.91
CA ARG F 44 -39.26 -12.24 -24.02
C ARG F 44 -40.06 -12.15 -22.74
N GLY F 45 -39.76 -13.01 -21.77
CA GLY F 45 -40.42 -13.06 -20.46
C GLY F 45 -39.92 -14.21 -19.62
N LEU F 46 -40.56 -14.48 -18.45
CA LEU F 46 -40.11 -15.59 -17.59
C LEU F 46 -40.78 -16.95 -17.94
N GLY F 47 -41.74 -16.91 -18.88
CA GLY F 47 -42.47 -18.07 -19.35
C GLY F 47 -43.27 -18.81 -18.29
N LEU F 48 -43.97 -18.06 -17.42
CA LEU F 48 -44.79 -18.61 -16.33
C LEU F 48 -46.29 -18.31 -16.49
N ASP F 49 -47.15 -19.21 -15.97
CA ASP F 49 -48.60 -19.03 -15.98
C ASP F 49 -49.03 -18.09 -14.83
N ASP F 50 -50.36 -17.84 -14.72
CA ASP F 50 -50.97 -16.96 -13.71
C ASP F 50 -50.61 -17.34 -12.26
N ALA F 51 -50.38 -18.66 -12.01
CA ALA F 51 -50.02 -19.23 -10.72
C ALA F 51 -48.50 -19.22 -10.49
N LEU F 52 -47.75 -18.47 -11.34
CA LEU F 52 -46.29 -18.32 -11.32
C LEU F 52 -45.57 -19.66 -11.47
N GLU F 53 -46.13 -20.58 -12.26
CA GLU F 53 -45.52 -21.89 -12.51
C GLU F 53 -44.77 -21.91 -13.88
N PRO F 54 -43.43 -22.22 -13.92
CA PRO F 54 -42.71 -22.23 -15.20
C PRO F 54 -43.13 -23.30 -16.20
N ARG F 55 -43.20 -22.90 -17.49
CA ARG F 55 -43.64 -23.73 -18.60
C ARG F 55 -42.57 -24.55 -19.36
N GLN F 56 -41.37 -24.81 -18.76
CA GLN F 56 -40.30 -25.62 -19.38
C GLN F 56 -39.69 -25.00 -20.62
N ALA F 57 -40.51 -24.55 -21.57
CA ALA F 57 -40.09 -23.85 -22.77
C ALA F 57 -41.20 -22.85 -23.14
N SER F 58 -40.96 -21.56 -22.82
CA SER F 58 -41.89 -20.44 -23.05
C SER F 58 -41.19 -19.09 -22.94
N GLN F 59 -41.62 -18.10 -23.74
CA GLN F 59 -41.09 -16.72 -23.77
C GLN F 59 -39.59 -16.63 -24.03
N GLY F 60 -39.05 -17.69 -24.65
CA GLY F 60 -37.63 -17.81 -24.99
C GLY F 60 -36.83 -18.52 -23.93
N MSE F 61 -37.46 -18.89 -22.80
CA MSE F 61 -36.80 -19.54 -21.68
C MSE F 61 -36.98 -21.04 -21.62
O MSE F 61 -38.09 -21.53 -21.71
CB MSE F 61 -37.27 -18.90 -20.39
CG MSE F 61 -36.99 -17.44 -20.36
SE MSE F 61 -36.06 -16.87 -18.76
CE MSE F 61 -34.40 -17.92 -18.81
N VAL F 62 -35.87 -21.75 -21.44
CA VAL F 62 -35.82 -23.21 -21.42
C VAL F 62 -35.35 -23.68 -20.07
N GLY F 63 -36.05 -24.68 -19.53
CA GLY F 63 -35.72 -25.26 -18.23
C GLY F 63 -35.46 -24.21 -17.16
N GLN F 64 -34.37 -24.37 -16.38
CA GLN F 64 -34.01 -23.47 -15.30
C GLN F 64 -35.27 -23.09 -14.49
N LEU F 65 -36.11 -24.12 -14.22
CA LEU F 65 -37.42 -23.99 -13.62
C LEU F 65 -37.58 -23.30 -12.28
N ALA F 66 -36.89 -23.77 -11.23
CA ALA F 66 -37.05 -23.20 -9.89
C ALA F 66 -36.64 -21.75 -9.82
N ALA F 67 -35.50 -21.39 -10.45
CA ALA F 67 -34.99 -20.02 -10.45
C ALA F 67 -35.96 -19.08 -11.16
N ARG F 68 -36.59 -19.57 -12.25
CA ARG F 68 -37.57 -18.84 -13.04
C ARG F 68 -38.81 -18.60 -12.18
N ARG F 69 -39.31 -19.64 -11.50
CA ARG F 69 -40.46 -19.50 -10.61
C ARG F 69 -40.15 -18.47 -9.53
N ALA F 70 -38.93 -18.58 -8.90
CA ALA F 70 -38.44 -17.70 -7.84
C ALA F 70 -38.35 -16.28 -8.31
N ALA F 71 -37.89 -16.07 -9.56
CA ALA F 71 -37.82 -14.76 -10.19
C ALA F 71 -39.24 -14.15 -10.35
N GLY F 72 -40.24 -15.01 -10.57
CA GLY F 72 -41.65 -14.64 -10.72
C GLY F 72 -42.26 -14.14 -9.43
N VAL F 73 -41.86 -14.76 -8.29
CA VAL F 73 -42.33 -14.38 -6.94
C VAL F 73 -41.78 -12.99 -6.60
N VAL F 74 -40.54 -12.71 -7.07
CA VAL F 74 -39.85 -11.42 -6.92
C VAL F 74 -40.61 -10.36 -7.71
N LEU F 75 -41.12 -10.71 -8.91
CA LEU F 75 -41.89 -9.77 -9.71
C LEU F 75 -43.13 -9.34 -9.00
N GLU F 76 -43.85 -10.31 -8.38
CA GLU F 76 -45.04 -10.04 -7.57
C GLU F 76 -44.74 -9.08 -6.44
N MSE F 77 -43.52 -9.15 -5.91
CA MSE F 77 -43.10 -8.27 -4.86
C MSE F 77 -42.84 -6.87 -5.36
O MSE F 77 -43.11 -5.91 -4.63
CB MSE F 77 -41.90 -8.83 -4.15
CG MSE F 77 -42.25 -9.99 -3.28
SE MSE F 77 -40.74 -10.59 -2.27
CE MSE F 77 -40.49 -12.28 -3.24
N ILE F 78 -42.30 -6.74 -6.59
CA ILE F 78 -42.00 -5.44 -7.20
C ILE F 78 -43.35 -4.77 -7.47
N ARG F 79 -44.29 -5.54 -8.06
CA ARG F 79 -45.64 -5.12 -8.42
C ARG F 79 -46.50 -4.71 -7.21
N GLU F 80 -46.48 -5.51 -6.12
CA GLU F 80 -47.26 -5.21 -4.90
C GLU F 80 -46.63 -4.05 -4.11
N GLY F 81 -45.38 -3.71 -4.47
CA GLY F 81 -44.59 -2.67 -3.82
C GLY F 81 -44.02 -3.14 -2.49
N LYS F 82 -43.66 -4.42 -2.44
CA LYS F 82 -43.11 -5.08 -1.25
C LYS F 82 -41.60 -5.40 -1.41
N ILE F 83 -40.91 -4.68 -2.31
CA ILE F 83 -39.48 -4.88 -2.57
C ILE F 83 -38.59 -3.79 -1.93
N ALA F 84 -39.21 -2.79 -1.26
CA ALA F 84 -38.48 -1.70 -0.60
C ALA F 84 -37.47 -2.22 0.43
N GLY F 85 -36.24 -1.73 0.29
CA GLY F 85 -35.10 -2.11 1.14
C GLY F 85 -34.52 -3.50 0.89
N ARG F 86 -34.91 -4.13 -0.25
CA ARG F 86 -34.46 -5.46 -0.62
C ARG F 86 -33.86 -5.45 -2.02
N ALA F 87 -33.15 -6.53 -2.36
CA ALA F 87 -32.55 -6.74 -3.67
C ALA F 87 -32.49 -8.24 -4.01
N VAL F 88 -32.03 -8.55 -5.20
CA VAL F 88 -31.96 -9.93 -5.63
C VAL F 88 -30.52 -10.30 -5.90
N LEU F 89 -30.17 -11.55 -5.57
CA LEU F 89 -28.90 -12.16 -5.87
C LEU F 89 -29.22 -13.44 -6.58
N ILE F 90 -28.76 -13.56 -7.84
CA ILE F 90 -28.89 -14.79 -8.64
C ILE F 90 -27.51 -15.44 -8.48
N ALA F 91 -27.44 -16.52 -7.70
CA ALA F 91 -26.18 -17.18 -7.41
C ALA F 91 -26.15 -18.46 -8.21
N GLY F 92 -25.11 -18.61 -9.02
CA GLY F 92 -24.98 -19.78 -9.89
C GLY F 92 -23.75 -19.77 -10.75
N GLN F 93 -23.36 -20.95 -11.23
CA GLN F 93 -22.19 -21.14 -12.08
C GLN F 93 -22.35 -20.38 -13.41
N PRO F 94 -21.25 -20.02 -14.13
CA PRO F 94 -21.42 -19.26 -15.37
C PRO F 94 -22.20 -20.03 -16.43
N GLY F 95 -23.02 -19.31 -17.19
CA GLY F 95 -23.82 -19.87 -18.28
C GLY F 95 -25.03 -20.67 -17.82
N THR F 96 -25.62 -20.26 -16.67
CA THR F 96 -26.82 -20.87 -16.10
C THR F 96 -28.05 -19.93 -16.21
N GLY F 97 -27.95 -18.92 -17.07
CA GLY F 97 -29.03 -17.98 -17.31
C GLY F 97 -29.29 -16.96 -16.23
N LYS F 98 -28.26 -16.57 -15.45
CA LYS F 98 -28.40 -15.53 -14.42
C LYS F 98 -28.81 -14.22 -15.11
N THR F 99 -28.07 -13.81 -16.17
CA THR F 99 -28.39 -12.62 -16.97
C THR F 99 -29.73 -12.81 -17.68
N ALA F 100 -29.98 -14.02 -18.26
CA ALA F 100 -31.21 -14.36 -18.97
C ALA F 100 -32.45 -14.21 -18.06
N ILE F 101 -32.38 -14.68 -16.79
CA ILE F 101 -33.46 -14.54 -15.80
C ILE F 101 -33.71 -13.06 -15.49
N ALA F 102 -32.63 -12.28 -15.29
CA ALA F 102 -32.67 -10.84 -15.04
C ALA F 102 -33.30 -10.10 -16.19
N MSE F 103 -33.02 -10.58 -17.41
CA MSE F 103 -33.57 -10.08 -18.67
C MSE F 103 -35.08 -10.36 -18.76
O MSE F 103 -35.84 -9.45 -19.07
CB MSE F 103 -32.80 -10.66 -19.86
CG MSE F 103 -33.26 -10.10 -21.20
SE MSE F 103 -32.68 -8.25 -21.50
CE MSE F 103 -30.74 -8.61 -21.72
N GLY F 104 -35.49 -11.61 -18.46
CA GLY F 104 -36.87 -12.06 -18.47
C GLY F 104 -37.76 -11.30 -17.51
N MSE F 105 -37.20 -10.92 -16.33
CA MSE F 105 -37.85 -10.13 -15.29
C MSE F 105 -38.13 -8.71 -15.78
O MSE F 105 -39.21 -8.17 -15.53
CB MSE F 105 -36.96 -10.04 -14.05
CG MSE F 105 -36.92 -11.29 -13.23
SE MSE F 105 -36.08 -10.92 -11.50
CE MSE F 105 -34.35 -11.63 -11.85
N ALA F 106 -37.14 -8.12 -16.47
CA ALA F 106 -37.22 -6.78 -17.03
C ALA F 106 -38.27 -6.71 -18.16
N GLN F 107 -38.34 -7.76 -19.01
CA GLN F 107 -39.28 -7.89 -20.12
C GLN F 107 -40.66 -8.03 -19.53
N ALA F 108 -40.79 -8.88 -18.49
CA ALA F 108 -42.04 -9.16 -17.80
C ALA F 108 -42.62 -7.96 -17.02
N LEU F 109 -41.77 -7.02 -16.59
CA LEU F 109 -42.18 -5.84 -15.83
C LEU F 109 -42.89 -4.80 -16.68
N GLY F 110 -42.54 -4.76 -17.97
CA GLY F 110 -43.11 -3.81 -18.92
C GLY F 110 -42.28 -3.71 -20.19
N PRO F 111 -42.90 -3.27 -21.31
CA PRO F 111 -42.14 -3.18 -22.58
C PRO F 111 -41.16 -2.01 -22.61
N ASP F 112 -41.41 -0.99 -21.78
CA ASP F 112 -40.64 0.25 -21.69
C ASP F 112 -39.71 0.32 -20.46
N THR F 113 -39.85 -0.63 -19.49
CA THR F 113 -39.07 -0.69 -18.25
C THR F 113 -37.57 -0.67 -18.52
N PRO F 114 -36.81 0.29 -17.92
CA PRO F 114 -35.37 0.38 -18.21
C PRO F 114 -34.54 -0.75 -17.62
N PHE F 115 -33.85 -1.50 -18.48
CA PHE F 115 -32.95 -2.58 -18.05
C PHE F 115 -31.51 -2.20 -18.39
N THR F 116 -30.63 -2.27 -17.37
CA THR F 116 -29.21 -1.96 -17.47
C THR F 116 -28.43 -3.11 -16.88
N ALA F 117 -27.60 -3.76 -17.69
CA ALA F 117 -26.76 -4.85 -17.23
C ALA F 117 -25.31 -4.42 -17.33
N ILE F 118 -24.59 -4.49 -16.20
CA ILE F 118 -23.20 -4.08 -16.12
C ILE F 118 -22.39 -5.14 -15.40
N ALA F 119 -21.08 -5.15 -15.63
CA ALA F 119 -20.19 -6.07 -14.94
C ALA F 119 -19.63 -5.34 -13.72
N GLY F 120 -19.29 -6.08 -12.67
CA GLY F 120 -18.70 -5.49 -11.48
C GLY F 120 -17.42 -4.77 -11.82
N SER F 121 -16.58 -5.40 -12.65
CA SER F 121 -15.30 -4.85 -13.12
C SER F 121 -15.42 -3.56 -13.96
N GLU F 122 -16.57 -3.31 -14.62
CA GLU F 122 -16.86 -2.13 -15.45
C GLU F 122 -16.81 -0.79 -14.71
N ILE F 123 -16.96 -0.78 -13.38
CA ILE F 123 -16.93 0.43 -12.55
C ILE F 123 -15.51 0.93 -12.24
N PHE F 124 -14.51 0.06 -12.50
CA PHE F 124 -13.09 0.33 -12.31
C PHE F 124 -12.61 0.94 -13.61
N SER F 125 -12.82 2.25 -13.77
CA SER F 125 -12.52 2.97 -15.00
C SER F 125 -11.42 3.99 -14.88
N LEU F 126 -10.70 4.22 -15.98
CA LEU F 126 -9.64 5.21 -16.04
C LEU F 126 -10.23 6.63 -16.06
N GLU F 127 -11.33 6.81 -16.81
CA GLU F 127 -12.04 8.08 -17.00
C GLU F 127 -13.28 8.24 -16.08
N MSE F 128 -13.36 7.50 -14.94
CA MSE F 128 -14.55 7.55 -14.07
C MSE F 128 -14.41 6.99 -12.67
O MSE F 128 -13.87 5.89 -12.47
CB MSE F 128 -15.67 6.81 -14.77
CG MSE F 128 -17.01 7.36 -14.46
SE MSE F 128 -18.27 6.55 -15.67
CE MSE F 128 -17.91 7.71 -17.27
N SER F 129 -15.03 7.71 -11.70
CA SER F 129 -15.10 7.33 -10.30
C SER F 129 -16.02 6.10 -10.17
N LYS F 130 -15.69 5.13 -9.30
CA LYS F 130 -16.47 3.91 -9.05
C LYS F 130 -17.94 4.25 -8.85
N THR F 131 -18.20 5.29 -8.03
CA THR F 131 -19.53 5.77 -7.70
C THR F 131 -20.20 6.44 -8.88
N GLU F 132 -19.45 7.30 -9.62
CA GLU F 132 -19.93 7.99 -10.82
C GLU F 132 -20.30 6.96 -11.91
N ALA F 133 -19.54 5.85 -11.97
CA ALA F 133 -19.80 4.72 -12.86
C ALA F 133 -21.11 4.05 -12.46
N LEU F 134 -21.31 3.89 -11.13
CA LEU F 134 -22.50 3.31 -10.53
C LEU F 134 -23.69 4.26 -10.58
N THR F 135 -23.44 5.59 -10.46
CA THR F 135 -24.48 6.61 -10.54
C THR F 135 -25.09 6.52 -11.94
N GLN F 136 -24.22 6.47 -12.99
CA GLN F 136 -24.65 6.34 -14.38
C GLN F 136 -25.46 5.07 -14.58
N ALA F 137 -25.01 3.94 -14.00
CA ALA F 137 -25.67 2.63 -14.06
C ALA F 137 -27.06 2.70 -13.46
N PHE F 138 -27.23 3.46 -12.36
CA PHE F 138 -28.51 3.65 -11.67
C PHE F 138 -29.46 4.53 -12.48
N ARG F 139 -28.98 5.71 -12.94
CA ARG F 139 -29.76 6.68 -13.74
C ARG F 139 -30.15 6.13 -15.13
N ARG F 140 -29.46 5.08 -15.59
CA ARG F 140 -29.77 4.40 -16.85
C ARG F 140 -31.01 3.52 -16.63
N SER F 141 -31.17 3.00 -15.39
CA SER F 141 -32.28 2.12 -14.99
C SER F 141 -33.50 2.89 -14.45
N ILE F 142 -33.46 4.23 -14.40
CA ILE F 142 -34.60 5.04 -13.95
C ILE F 142 -35.13 5.83 -15.15
N GLY F 143 -36.35 5.51 -15.57
CA GLY F 143 -37.00 6.14 -16.72
C GLY F 143 -37.92 7.30 -16.40
N VAL F 144 -38.15 8.16 -17.43
CA VAL F 144 -39.02 9.33 -17.41
C VAL F 144 -39.93 9.28 -18.64
N ARG F 145 -41.26 9.26 -18.44
CA ARG F 145 -42.27 9.21 -19.52
C ARG F 145 -42.69 10.60 -20.00
N ILE F 146 -42.87 10.76 -21.33
CA ILE F 146 -43.26 12.05 -21.91
C ILE F 146 -44.40 11.88 -22.92
N HIS F 155 -43.04 8.00 -25.42
CA HIS F 155 -41.57 8.02 -25.42
C HIS F 155 -40.99 8.10 -24.00
N THR F 156 -40.28 7.04 -23.59
CA THR F 156 -39.64 6.96 -22.27
C THR F 156 -38.15 7.22 -22.41
N VAL F 157 -37.61 8.09 -21.55
CA VAL F 157 -36.21 8.49 -21.57
C VAL F 157 -35.57 8.34 -20.18
N SER F 158 -34.46 7.56 -20.09
CA SER F 158 -33.75 7.33 -18.83
C SER F 158 -33.14 8.62 -18.30
N LEU F 159 -33.05 8.76 -16.96
CA LEU F 159 -32.47 9.93 -16.30
C LEU F 159 -31.07 10.23 -16.83
N HIS F 160 -30.31 9.16 -17.15
CA HIS F 160 -28.96 9.24 -17.68
C HIS F 160 -28.92 9.91 -19.04
N GLU F 161 -29.87 9.56 -19.94
CA GLU F 161 -29.95 10.17 -21.28
C GLU F 161 -30.16 11.68 -21.16
N ILE F 162 -31.04 12.11 -20.21
CA ILE F 162 -31.36 13.49 -19.88
C ILE F 162 -30.07 14.23 -19.42
N ASP F 163 -29.17 13.51 -18.71
CA ASP F 163 -27.89 14.06 -18.25
C ASP F 163 -26.96 14.29 -19.43
N VAL F 164 -26.82 13.28 -20.33
CA VAL F 164 -25.96 13.32 -21.53
C VAL F 164 -26.40 14.44 -22.47
N ILE F 165 -27.74 14.61 -22.65
CA ILE F 165 -28.36 15.66 -23.46
C ILE F 165 -27.93 17.04 -22.93
N ASN F 166 -28.09 17.28 -21.62
CA ASN F 166 -27.70 18.54 -21.01
C ASN F 166 -26.24 18.52 -20.46
N SER F 167 -25.31 17.85 -21.20
CA SER F 167 -23.88 17.78 -20.89
C SER F 167 -22.99 17.86 -22.16
N ARG F 168 -22.41 16.72 -22.62
CA ARG F 168 -21.54 16.65 -23.80
C ARG F 168 -22.31 16.85 -25.10
N GLU F 182 -17.66 11.20 -17.17
CA GLU F 182 -18.25 11.71 -15.92
C GLU F 182 -19.12 12.96 -16.14
N ILE F 183 -20.31 12.98 -15.51
CA ILE F 183 -21.30 14.07 -15.61
C ILE F 183 -21.19 15.03 -14.40
N LYS F 184 -21.31 16.36 -14.65
CA LYS F 184 -21.23 17.44 -13.65
C LYS F 184 -22.27 17.32 -12.55
N SER F 185 -21.83 17.48 -11.29
CA SER F 185 -22.63 17.40 -10.04
C SER F 185 -23.78 18.40 -10.02
N GLU F 186 -23.55 19.61 -10.62
CA GLU F 186 -24.51 20.69 -10.74
C GLU F 186 -25.59 20.35 -11.77
N VAL F 187 -25.19 19.71 -12.89
CA VAL F 187 -26.07 19.29 -14.00
C VAL F 187 -27.13 18.30 -13.50
N ARG F 188 -26.71 17.27 -12.72
CA ARG F 188 -27.59 16.25 -12.13
C ARG F 188 -28.56 16.90 -11.15
N GLU F 189 -28.05 17.83 -10.33
CA GLU F 189 -28.79 18.59 -9.32
C GLU F 189 -29.95 19.41 -9.95
N GLN F 190 -29.71 19.94 -11.19
CA GLN F 190 -30.69 20.70 -11.97
C GLN F 190 -31.78 19.77 -12.54
N ILE F 191 -31.36 18.63 -13.16
CA ILE F 191 -32.24 17.61 -13.73
C ILE F 191 -33.12 16.98 -12.63
N ASN F 192 -32.54 16.74 -11.44
CA ASN F 192 -33.27 16.19 -10.29
C ASN F 192 -34.39 17.12 -9.84
N ALA F 193 -34.17 18.44 -9.97
CA ALA F 193 -35.14 19.50 -9.64
C ALA F 193 -36.14 19.66 -10.79
N LYS F 194 -35.66 19.50 -12.05
CA LYS F 194 -36.43 19.58 -13.29
C LYS F 194 -37.49 18.47 -13.33
N VAL F 195 -37.05 17.21 -13.13
CA VAL F 195 -37.90 16.01 -13.11
C VAL F 195 -38.88 16.05 -11.93
N ALA F 196 -38.48 16.66 -10.78
CA ALA F 196 -39.32 16.82 -9.59
C ALA F 196 -40.54 17.72 -9.90
N GLU F 197 -40.33 18.76 -10.74
CA GLU F 197 -41.36 19.70 -11.19
C GLU F 197 -42.34 19.00 -12.15
N TRP F 198 -41.80 18.32 -13.21
CA TRP F 198 -42.55 17.56 -14.23
C TRP F 198 -43.47 16.49 -13.61
N ARG F 199 -42.95 15.77 -12.58
CA ARG F 199 -43.63 14.71 -11.83
C ARG F 199 -44.80 15.29 -11.02
N GLU F 200 -44.53 16.36 -10.22
CA GLU F 200 -45.55 17.02 -9.40
C GLU F 200 -46.61 17.73 -10.25
N GLU F 201 -46.26 18.04 -11.52
CA GLU F 201 -47.13 18.65 -12.52
C GLU F 201 -48.09 17.58 -13.05
N GLY F 202 -47.54 16.41 -13.38
CA GLY F 202 -48.26 15.27 -13.93
C GLY F 202 -47.97 15.03 -15.40
N LYS F 203 -47.07 15.84 -15.98
CA LYS F 203 -46.66 15.78 -17.39
C LYS F 203 -45.64 14.66 -17.64
N ALA F 204 -44.99 14.19 -16.55
CA ALA F 204 -44.01 13.11 -16.59
C ALA F 204 -44.23 12.08 -15.48
N GLU F 205 -43.91 10.80 -15.80
CA GLU F 205 -44.05 9.65 -14.90
C GLU F 205 -42.67 9.00 -14.69
N ILE F 206 -42.28 8.80 -13.41
CA ILE F 206 -41.01 8.15 -13.07
C ILE F 206 -41.24 6.64 -13.04
N ILE F 207 -40.57 5.92 -13.95
CA ILE F 207 -40.72 4.47 -14.02
C ILE F 207 -39.43 3.69 -13.69
N PRO F 208 -39.24 3.32 -12.39
CA PRO F 208 -38.01 2.59 -11.99
C PRO F 208 -37.94 1.21 -12.62
N GLY F 209 -36.77 0.90 -13.17
CA GLY F 209 -36.52 -0.35 -13.87
C GLY F 209 -35.63 -1.34 -13.14
N VAL F 210 -34.77 -2.02 -13.89
CA VAL F 210 -33.91 -3.10 -13.40
C VAL F 210 -32.44 -2.78 -13.64
N LEU F 211 -31.63 -2.86 -12.58
CA LEU F 211 -30.19 -2.72 -12.70
C LEU F 211 -29.57 -4.08 -12.33
N PHE F 212 -28.84 -4.65 -13.29
CA PHE F 212 -28.19 -5.95 -13.17
C PHE F 212 -26.67 -5.79 -13.03
N ILE F 213 -26.10 -6.26 -11.92
CA ILE F 213 -24.66 -6.21 -11.73
C ILE F 213 -24.12 -7.63 -11.70
N ASP F 214 -23.50 -8.05 -12.82
CA ASP F 214 -22.87 -9.35 -12.94
C ASP F 214 -21.52 -9.21 -12.29
N GLU F 215 -20.86 -10.34 -11.94
CA GLU F 215 -19.53 -10.34 -11.28
C GLU F 215 -19.56 -9.43 -10.01
N VAL F 216 -20.65 -9.44 -9.23
CA VAL F 216 -20.85 -8.57 -8.06
C VAL F 216 -19.71 -8.58 -7.01
N HIS F 217 -19.05 -9.72 -6.86
CA HIS F 217 -17.90 -9.94 -5.98
C HIS F 217 -16.73 -8.99 -6.29
N MSE F 218 -16.76 -8.32 -7.49
CA MSE F 218 -15.77 -7.34 -7.97
C MSE F 218 -15.79 -6.03 -7.19
O MSE F 218 -14.76 -5.36 -7.09
CB MSE F 218 -16.00 -7.01 -9.45
CG MSE F 218 -15.57 -8.10 -10.42
SE MSE F 218 -13.80 -8.85 -10.02
CE MSE F 218 -12.63 -7.22 -10.23
N LEU F 219 -16.97 -5.68 -6.67
CA LEU F 219 -17.23 -4.47 -5.89
C LEU F 219 -16.55 -4.47 -4.51
N ASP F 220 -16.06 -3.29 -4.09
CA ASP F 220 -15.45 -3.03 -2.80
C ASP F 220 -16.46 -2.38 -1.84
N ILE F 221 -16.14 -2.27 -0.51
CA ILE F 221 -17.08 -1.65 0.44
C ILE F 221 -17.50 -0.26 0.03
N GLU F 222 -16.57 0.53 -0.51
CA GLU F 222 -16.85 1.89 -0.96
C GLU F 222 -18.03 1.90 -1.94
N SER F 223 -18.05 0.94 -2.89
CA SER F 223 -19.12 0.81 -3.87
C SER F 223 -20.33 0.11 -3.29
N PHE F 224 -20.12 -0.82 -2.34
CA PHE F 224 -21.21 -1.52 -1.67
C PHE F 224 -22.04 -0.57 -0.84
N SER F 225 -21.36 0.39 -0.18
CA SER F 225 -21.99 1.44 0.61
C SER F 225 -22.75 2.37 -0.30
N PHE F 226 -22.23 2.62 -1.53
CA PHE F 226 -22.93 3.47 -2.49
C PHE F 226 -24.30 2.88 -2.80
N LEU F 227 -24.36 1.55 -3.11
CA LEU F 227 -25.61 0.88 -3.43
C LEU F 227 -26.63 1.06 -2.32
N ASN F 228 -26.20 1.01 -1.04
CA ASN F 228 -27.12 1.17 0.10
C ASN F 228 -27.76 2.52 0.10
N ARG F 229 -26.96 3.58 -0.09
CA ARG F 229 -27.40 4.97 -0.21
C ARG F 229 -28.31 5.14 -1.42
N ALA F 230 -27.95 4.48 -2.54
CA ALA F 230 -28.67 4.52 -3.81
C ALA F 230 -30.06 3.91 -3.72
N LEU F 231 -30.18 2.77 -3.03
CA LEU F 231 -31.45 2.06 -2.84
C LEU F 231 -32.39 2.77 -1.84
N GLU F 232 -31.88 3.76 -1.08
CA GLU F 232 -32.67 4.56 -0.13
C GLU F 232 -33.65 5.47 -0.89
N SER F 233 -33.31 5.90 -2.13
CA SER F 233 -34.15 6.74 -3.00
C SER F 233 -35.50 6.10 -3.30
N ASP F 234 -36.55 6.94 -3.49
CA ASP F 234 -37.90 6.47 -3.79
C ASP F 234 -38.05 5.97 -5.23
N MSE F 235 -37.21 6.51 -6.14
CA MSE F 235 -37.23 6.10 -7.54
C MSE F 235 -36.13 5.12 -7.89
O MSE F 235 -35.82 4.92 -9.07
CB MSE F 235 -37.25 7.31 -8.50
CG MSE F 235 -36.09 8.27 -8.29
SE MSE F 235 -36.76 10.08 -8.47
CE MSE F 235 -35.73 10.92 -6.99
N ALA F 236 -35.57 4.45 -6.87
CA ALA F 236 -34.53 3.46 -7.03
C ALA F 236 -35.01 2.25 -7.85
N PRO F 237 -34.19 1.76 -8.80
CA PRO F 237 -34.59 0.56 -9.55
C PRO F 237 -34.41 -0.72 -8.72
N VAL F 238 -34.95 -1.85 -9.20
CA VAL F 238 -34.78 -3.13 -8.52
C VAL F 238 -33.36 -3.64 -8.83
N LEU F 239 -32.54 -3.70 -7.81
CA LEU F 239 -31.17 -4.14 -7.98
C LEU F 239 -31.08 -5.67 -8.00
N ILE F 240 -30.65 -6.20 -9.14
CA ILE F 240 -30.41 -7.63 -9.27
C ILE F 240 -28.89 -7.79 -9.42
N MSE F 241 -28.30 -8.67 -8.63
CA MSE F 241 -26.87 -8.90 -8.72
C MSE F 241 -26.61 -10.37 -8.97
O MSE F 241 -27.37 -11.21 -8.46
CB MSE F 241 -26.19 -8.51 -7.42
CG MSE F 241 -26.35 -7.07 -7.04
SE MSE F 241 -25.92 -6.91 -5.14
CE MSE F 241 -27.68 -7.35 -4.43
N ALA F 242 -25.51 -10.68 -9.71
CA ALA F 242 -25.13 -12.07 -9.97
C ALA F 242 -23.69 -12.38 -9.58
N THR F 243 -23.41 -13.64 -9.18
CA THR F 243 -22.09 -14.16 -8.84
C THR F 243 -22.05 -15.69 -8.97
N ASN F 244 -20.85 -16.24 -9.16
CA ASN F 244 -20.58 -17.68 -9.23
C ASN F 244 -19.60 -18.03 -8.11
N ARG F 245 -19.42 -17.10 -7.15
CA ARG F 245 -18.48 -17.24 -6.05
C ARG F 245 -19.16 -17.46 -4.72
N GLY F 246 -18.65 -18.41 -3.95
CA GLY F 246 -19.13 -18.70 -2.62
C GLY F 246 -18.46 -17.71 -1.69
N ILE F 247 -18.01 -18.17 -0.50
CA ILE F 247 -17.29 -17.30 0.43
C ILE F 247 -15.93 -16.77 -0.14
N THR F 248 -15.79 -15.43 -0.20
CA THR F 248 -14.64 -14.70 -0.75
C THR F 248 -14.44 -13.48 0.13
N ARG F 249 -13.21 -12.88 0.11
CA ARG F 249 -13.02 -11.66 0.90
C ARG F 249 -13.77 -10.51 0.22
N ILE F 250 -14.34 -9.61 1.04
CA ILE F 250 -15.03 -8.42 0.58
C ILE F 250 -13.91 -7.48 0.13
N ARG F 251 -13.95 -7.04 -1.14
CA ARG F 251 -12.91 -6.17 -1.68
C ARG F 251 -12.89 -4.89 -0.86
N GLY F 252 -11.68 -4.45 -0.50
CA GLY F 252 -11.48 -3.26 0.33
C GLY F 252 -11.46 -3.58 1.80
N THR F 253 -11.70 -4.86 2.14
CA THR F 253 -11.71 -5.40 3.51
C THR F 253 -10.85 -6.66 3.63
N SER F 254 -10.57 -7.00 4.88
CA SER F 254 -9.80 -8.14 5.33
C SER F 254 -10.77 -9.25 5.75
N TYR F 255 -12.07 -9.08 5.47
CA TYR F 255 -13.12 -10.01 5.89
C TYR F 255 -13.71 -10.79 4.74
N GLN F 256 -14.05 -12.06 5.00
CA GLN F 256 -14.67 -12.97 4.03
C GLN F 256 -16.18 -13.05 4.28
N SER F 257 -16.97 -13.17 3.19
CA SER F 257 -18.43 -13.23 3.32
C SER F 257 -19.00 -13.99 2.14
N PRO F 258 -20.17 -14.71 2.28
CA PRO F 258 -20.77 -15.37 1.11
C PRO F 258 -20.86 -14.39 -0.05
N HIS F 259 -20.40 -14.83 -1.23
CA HIS F 259 -20.43 -14.07 -2.49
C HIS F 259 -19.62 -12.76 -2.45
N GLY F 260 -18.84 -12.57 -1.41
CA GLY F 260 -18.08 -11.34 -1.26
C GLY F 260 -18.93 -10.11 -1.07
N ILE F 261 -20.13 -10.28 -0.48
CA ILE F 261 -21.09 -9.20 -0.22
C ILE F 261 -21.15 -8.93 1.28
N PRO F 262 -21.10 -7.65 1.73
CA PRO F 262 -21.19 -7.37 3.18
C PRO F 262 -22.46 -7.96 3.79
N ILE F 263 -22.33 -8.50 5.02
CA ILE F 263 -23.44 -9.14 5.71
C ILE F 263 -24.70 -8.28 5.85
N ASP F 264 -24.54 -6.96 6.02
CA ASP F 264 -25.66 -6.03 6.12
C ASP F 264 -26.52 -6.00 4.83
N LEU F 265 -25.89 -6.20 3.66
CA LEU F 265 -26.58 -6.23 2.39
C LEU F 265 -27.12 -7.63 2.13
N LEU F 266 -26.36 -8.68 2.51
CA LEU F 266 -26.81 -10.07 2.36
C LEU F 266 -28.10 -10.32 3.16
N ASP F 267 -28.17 -9.77 4.38
CA ASP F 267 -29.34 -9.91 5.25
C ASP F 267 -30.65 -9.33 4.67
N ARG F 268 -30.55 -8.55 3.57
CA ARG F 268 -31.65 -7.90 2.85
C ARG F 268 -31.96 -8.58 1.48
N LEU F 269 -31.25 -9.65 1.10
CA LEU F 269 -31.43 -10.26 -0.23
C LEU F 269 -32.36 -11.44 -0.35
N LEU F 270 -33.00 -11.50 -1.52
CA LEU F 270 -33.80 -12.62 -1.98
C LEU F 270 -32.80 -13.36 -2.89
N ILE F 271 -32.18 -14.40 -2.34
CA ILE F 271 -31.16 -15.13 -3.06
C ILE F 271 -31.78 -16.26 -3.83
N VAL F 272 -31.62 -16.22 -5.15
CA VAL F 272 -32.14 -17.17 -6.14
C VAL F 272 -30.94 -17.99 -6.63
N SER F 273 -31.10 -19.32 -6.66
CA SER F 273 -29.97 -20.11 -7.14
C SER F 273 -30.24 -20.82 -8.44
N THR F 274 -29.34 -20.64 -9.43
CA THR F 274 -29.43 -21.33 -10.72
C THR F 274 -28.59 -22.56 -10.68
N THR F 275 -29.18 -23.65 -11.16
CA THR F 275 -28.61 -24.98 -11.25
C THR F 275 -28.08 -25.22 -12.69
N PRO F 276 -26.99 -26.00 -12.88
CA PRO F 276 -26.47 -26.23 -14.24
C PRO F 276 -27.40 -27.03 -15.16
N TYR F 277 -27.28 -26.78 -16.49
CA TYR F 277 -28.12 -27.42 -17.52
C TYR F 277 -27.77 -28.85 -17.87
N SER F 278 -28.80 -29.60 -18.27
CA SER F 278 -28.67 -30.98 -18.70
C SER F 278 -28.33 -30.96 -20.21
N GLU F 279 -28.09 -32.15 -20.81
CA GLU F 279 -27.82 -32.25 -22.25
C GLU F 279 -29.03 -31.72 -23.04
N LYS F 280 -30.25 -32.06 -22.58
CA LYS F 280 -31.52 -31.65 -23.19
C LYS F 280 -31.68 -30.12 -23.20
N ASP F 281 -31.52 -29.47 -22.02
CA ASP F 281 -31.64 -28.01 -21.86
C ASP F 281 -30.57 -27.24 -22.64
N THR F 282 -29.33 -27.78 -22.69
CA THR F 282 -28.20 -27.19 -23.42
C THR F 282 -28.53 -27.15 -24.90
N LYS F 283 -28.98 -28.31 -25.47
CA LYS F 283 -29.39 -28.44 -26.88
C LYS F 283 -30.45 -27.42 -27.22
N GLN F 284 -31.47 -27.29 -26.35
CA GLN F 284 -32.54 -26.35 -26.54
C GLN F 284 -32.08 -24.90 -26.54
N ILE F 285 -31.06 -24.57 -25.75
CA ILE F 285 -30.54 -23.21 -25.72
C ILE F 285 -29.81 -22.96 -27.03
N LEU F 286 -28.97 -23.95 -27.47
CA LEU F 286 -28.20 -23.87 -28.72
C LEU F 286 -29.13 -23.72 -29.89
N ARG F 287 -30.16 -24.57 -29.93
CA ARG F 287 -31.21 -24.59 -30.95
C ARG F 287 -31.87 -23.21 -31.07
N ILE F 288 -32.16 -22.57 -29.92
CA ILE F 288 -32.75 -21.24 -29.83
C ILE F 288 -31.79 -20.19 -30.37
N ARG F 289 -30.52 -20.25 -29.92
CA ARG F 289 -29.47 -19.33 -30.33
C ARG F 289 -29.16 -19.36 -31.82
N CYS F 290 -29.28 -20.54 -32.45
CA CYS F 290 -29.04 -20.73 -33.87
C CYS F 290 -30.10 -19.98 -34.64
N GLU F 291 -31.36 -20.13 -34.19
CA GLU F 291 -32.53 -19.48 -34.76
C GLU F 291 -32.35 -17.94 -34.75
N GLU F 292 -31.85 -17.41 -33.63
CA GLU F 292 -31.59 -15.97 -33.47
C GLU F 292 -30.45 -15.49 -34.38
N GLU F 293 -29.34 -16.27 -34.45
CA GLU F 293 -28.19 -15.97 -35.30
C GLU F 293 -28.42 -16.38 -36.79
N ASP F 294 -29.62 -16.92 -37.08
CA ASP F 294 -30.07 -17.41 -38.38
C ASP F 294 -29.16 -18.48 -38.97
N VAL F 295 -28.90 -19.53 -38.17
CA VAL F 295 -28.04 -20.65 -38.52
C VAL F 295 -28.82 -21.97 -38.57
N GLU F 296 -28.77 -22.63 -39.74
CA GLU F 296 -29.36 -23.95 -39.97
C GLU F 296 -28.27 -24.97 -39.58
N MSE F 297 -28.66 -25.98 -38.80
CA MSE F 297 -27.71 -26.98 -38.31
C MSE F 297 -28.30 -28.37 -38.32
O MSE F 297 -29.50 -28.53 -38.07
CB MSE F 297 -27.28 -26.57 -36.91
CG MSE F 297 -25.99 -27.19 -36.45
SE MSE F 297 -25.21 -26.15 -35.03
CE MSE F 297 -24.89 -27.50 -33.87
N SER F 298 -27.46 -29.40 -38.59
CA SER F 298 -27.88 -30.80 -38.57
C SER F 298 -28.09 -31.29 -37.14
N GLU F 299 -28.89 -32.36 -36.97
CA GLU F 299 -29.22 -32.94 -35.66
C GLU F 299 -28.01 -33.60 -34.98
N ASP F 300 -27.14 -34.21 -35.82
CA ASP F 300 -25.89 -34.87 -35.41
C ASP F 300 -24.90 -33.81 -34.93
N ALA F 301 -24.93 -32.61 -35.57
CA ALA F 301 -24.10 -31.47 -35.22
C ALA F 301 -24.52 -30.92 -33.88
N TYR F 302 -25.86 -30.75 -33.64
CA TYR F 302 -26.40 -30.26 -32.36
C TYR F 302 -25.95 -31.16 -31.23
N THR F 303 -25.99 -32.48 -31.47
CA THR F 303 -25.55 -33.54 -30.54
C THR F 303 -24.09 -33.29 -30.11
N VAL F 304 -23.19 -33.02 -31.09
CA VAL F 304 -21.77 -32.72 -30.90
C VAL F 304 -21.57 -31.37 -30.18
N LEU F 305 -22.19 -30.29 -30.70
CA LEU F 305 -22.07 -28.96 -30.11
C LEU F 305 -22.54 -28.90 -28.66
N THR F 306 -23.57 -29.68 -28.28
CA THR F 306 -24.02 -29.71 -26.89
C THR F 306 -23.01 -30.42 -26.04
N ARG F 307 -22.38 -31.49 -26.59
CA ARG F 307 -21.38 -32.24 -25.88
C ARG F 307 -20.23 -31.30 -25.60
N ILE F 308 -19.77 -30.56 -26.62
CA ILE F 308 -18.71 -29.54 -26.49
C ILE F 308 -19.13 -28.54 -25.41
N GLY F 309 -20.37 -28.07 -25.47
CA GLY F 309 -20.95 -27.15 -24.50
C GLY F 309 -20.89 -27.62 -23.06
N LEU F 310 -21.28 -28.89 -22.82
CA LEU F 310 -21.26 -29.50 -21.48
C LEU F 310 -19.82 -29.69 -20.96
N GLU F 311 -18.91 -30.17 -21.84
CA GLU F 311 -17.50 -30.42 -21.53
C GLU F 311 -16.70 -29.12 -21.36
N THR F 312 -17.12 -28.05 -22.05
CA THR F 312 -16.46 -26.76 -21.98
C THR F 312 -17.42 -25.79 -21.28
N SER F 313 -18.03 -24.87 -22.04
CA SER F 313 -18.99 -23.89 -21.55
C SER F 313 -20.06 -23.69 -22.60
N LEU F 314 -21.21 -23.15 -22.18
CA LEU F 314 -22.31 -22.84 -23.09
C LEU F 314 -21.88 -21.62 -23.95
N ARG F 315 -21.11 -20.67 -23.34
CA ARG F 315 -20.56 -19.49 -23.99
C ARG F 315 -19.73 -19.92 -25.19
N TYR F 316 -18.82 -20.89 -24.97
CA TYR F 316 -17.93 -21.40 -26.01
C TYR F 316 -18.72 -22.10 -27.07
N ALA F 317 -19.68 -22.99 -26.70
CA ALA F 317 -20.56 -23.69 -27.65
C ALA F 317 -21.31 -22.67 -28.54
N ILE F 318 -21.87 -21.59 -27.94
CA ILE F 318 -22.57 -20.53 -28.66
C ILE F 318 -21.58 -19.78 -29.56
N GLN F 319 -20.39 -19.44 -29.02
CA GLN F 319 -19.32 -18.75 -29.78
C GLN F 319 -19.00 -19.48 -31.09
N LEU F 320 -19.06 -20.83 -31.07
CA LEU F 320 -18.77 -21.68 -32.21
C LEU F 320 -19.79 -21.57 -33.33
N ILE F 321 -21.06 -21.29 -33.03
CA ILE F 321 -22.15 -21.19 -34.03
C ILE F 321 -21.77 -20.30 -35.24
N THR F 322 -21.43 -19.02 -34.96
CA THR F 322 -21.01 -17.98 -35.94
C THR F 322 -19.86 -18.49 -36.80
N ALA F 323 -18.82 -19.05 -36.14
CA ALA F 323 -17.65 -19.59 -36.78
C ALA F 323 -17.97 -20.83 -37.62
N ALA F 324 -18.72 -21.80 -37.05
CA ALA F 324 -19.14 -23.04 -37.74
C ALA F 324 -19.95 -22.76 -38.99
N SER F 325 -20.86 -21.75 -38.95
CA SER F 325 -21.70 -21.35 -40.09
C SER F 325 -20.85 -20.77 -41.21
N LEU F 326 -19.81 -20.00 -40.87
CA LEU F 326 -18.89 -19.41 -41.83
C LEU F 326 -18.13 -20.52 -42.56
N VAL F 327 -17.60 -21.52 -41.81
CA VAL F 327 -16.89 -22.71 -42.33
C VAL F 327 -17.79 -23.43 -43.35
N CYS F 328 -19.09 -23.57 -43.01
CA CYS F 328 -20.14 -24.19 -43.82
C CYS F 328 -20.45 -23.36 -45.09
N ARG F 329 -20.65 -22.03 -44.91
CA ARG F 329 -20.92 -21.05 -45.96
C ARG F 329 -19.76 -21.03 -46.99
N LYS F 330 -18.50 -21.14 -46.51
CA LYS F 330 -17.28 -21.17 -47.31
C LYS F 330 -17.14 -22.43 -48.20
N ARG F 331 -18.04 -23.43 -48.03
CA ARG F 331 -18.02 -24.66 -48.83
C ARG F 331 -19.39 -25.12 -49.42
N LYS F 332 -20.41 -24.21 -49.37
CA LYS F 332 -21.83 -24.33 -49.76
C LYS F 332 -22.61 -24.86 -48.53
N GLY F 333 -22.40 -26.13 -48.20
CA GLY F 333 -22.95 -26.84 -47.04
C GLY F 333 -24.46 -27.00 -46.89
N THR F 334 -25.20 -25.86 -46.90
CA THR F 334 -26.65 -25.67 -46.70
C THR F 334 -27.00 -25.61 -45.20
N GLU F 335 -26.38 -26.48 -44.39
CA GLU F 335 -26.55 -26.57 -42.94
C GLU F 335 -25.25 -27.09 -42.31
N VAL F 336 -24.98 -26.65 -41.08
CA VAL F 336 -23.76 -27.00 -40.33
C VAL F 336 -23.75 -28.49 -39.98
N GLN F 337 -22.71 -29.21 -40.44
CA GLN F 337 -22.50 -30.65 -40.21
C GLN F 337 -21.51 -30.83 -39.05
N VAL F 338 -21.34 -32.09 -38.57
CA VAL F 338 -20.42 -32.45 -37.47
C VAL F 338 -18.98 -32.04 -37.81
N ASP F 339 -18.52 -32.36 -39.02
CA ASP F 339 -17.16 -32.00 -39.41
C ASP F 339 -16.91 -30.50 -39.39
N ASP F 340 -17.99 -29.66 -39.55
CA ASP F 340 -17.91 -28.20 -39.45
C ASP F 340 -17.67 -27.78 -38.01
N ILE F 341 -18.40 -28.40 -37.07
CA ILE F 341 -18.29 -28.17 -35.62
C ILE F 341 -16.92 -28.68 -35.16
N LYS F 342 -16.54 -29.87 -35.62
CA LYS F 342 -15.26 -30.51 -35.30
C LYS F 342 -14.06 -29.66 -35.72
N ARG F 343 -14.10 -29.10 -36.97
CA ARG F 343 -13.05 -28.24 -37.54
C ARG F 343 -12.92 -26.91 -36.79
N VAL F 344 -14.07 -26.27 -36.51
CA VAL F 344 -14.14 -24.99 -35.80
C VAL F 344 -13.68 -25.12 -34.34
N TYR F 345 -13.82 -26.32 -33.73
CA TYR F 345 -13.37 -26.66 -32.39
C TYR F 345 -11.84 -26.73 -32.37
N SER F 346 -11.23 -27.29 -33.44
CA SER F 346 -9.77 -27.44 -33.59
C SER F 346 -9.13 -26.09 -33.82
N LEU F 347 -9.85 -25.20 -34.52
CA LEU F 347 -9.40 -23.86 -34.87
C LEU F 347 -9.34 -22.93 -33.65
N PHE F 348 -10.48 -22.79 -32.93
CA PHE F 348 -10.61 -21.91 -31.79
C PHE F 348 -10.72 -22.62 -30.46
N LEU F 349 -10.03 -22.11 -29.45
CA LEU F 349 -9.91 -22.78 -28.17
C LEU F 349 -10.83 -22.30 -27.07
N ASP F 350 -11.10 -23.18 -26.13
CA ASP F 350 -11.91 -22.88 -24.97
C ASP F 350 -10.93 -22.52 -23.90
N GLU F 351 -11.34 -21.70 -22.95
CA GLU F 351 -10.32 -21.03 -22.14
C GLU F 351 -9.57 -22.08 -21.34
N SER F 352 -10.29 -23.16 -20.94
CA SER F 352 -9.72 -24.30 -20.22
C SER F 352 -8.54 -24.92 -21.00
N ARG F 353 -8.72 -25.15 -22.30
CA ARG F 353 -7.69 -25.70 -23.20
C ARG F 353 -6.56 -24.72 -23.36
N SER F 354 -6.89 -23.43 -23.47
CA SER F 354 -5.99 -22.31 -23.64
C SER F 354 -4.93 -22.18 -22.56
N THR F 355 -5.34 -22.39 -21.31
CA THR F 355 -4.49 -22.32 -20.12
C THR F 355 -3.77 -23.63 -19.89
N GLN F 356 -4.46 -24.80 -20.11
CA GLN F 356 -3.85 -26.13 -19.95
C GLN F 356 -2.60 -26.24 -20.78
N TYR F 357 -2.65 -25.73 -22.05
CA TYR F 357 -1.53 -25.70 -22.97
C TYR F 357 -0.42 -24.81 -22.42
N MSE F 358 -0.79 -23.70 -21.77
CA MSE F 358 0.19 -22.77 -21.20
C MSE F 358 0.87 -23.35 -19.97
O MSE F 358 2.07 -23.14 -19.78
CB MSE F 358 -0.40 -21.38 -20.96
CG MSE F 358 -0.73 -20.62 -22.26
SE MSE F 358 0.76 -20.41 -23.54
CE MSE F 358 0.38 -21.89 -24.81
N LYS F 359 0.11 -24.14 -19.17
CA LYS F 359 0.61 -24.85 -17.99
C LYS F 359 1.61 -25.88 -18.48
N GLU F 360 1.22 -26.71 -19.46
CA GLU F 360 2.07 -27.73 -20.08
C GLU F 360 3.39 -27.14 -20.57
N TYR F 361 3.34 -25.91 -21.14
CA TYR F 361 4.51 -25.20 -21.65
C TYR F 361 5.43 -24.81 -20.53
N GLN F 362 4.94 -24.00 -19.55
CA GLN F 362 5.70 -23.52 -18.40
C GLN F 362 6.32 -24.65 -17.55
N ASP F 363 5.56 -25.76 -17.36
CA ASP F 363 5.96 -26.96 -16.61
C ASP F 363 7.08 -27.74 -17.30
N ALA F 364 7.08 -27.78 -18.64
CA ALA F 364 8.09 -28.47 -19.45
C ALA F 364 9.45 -27.76 -19.39
N PHE F 365 9.43 -26.41 -19.37
CA PHE F 365 10.61 -25.55 -19.29
C PHE F 365 11.20 -25.55 -17.86
N LEU F 366 10.35 -25.86 -16.85
CA LEU F 366 10.71 -25.99 -15.45
C LEU F 366 11.48 -27.32 -15.20
N PHE F 367 11.11 -28.41 -15.90
CA PHE F 367 11.71 -29.73 -15.74
C PHE F 367 13.07 -29.92 -16.44
N ASN F 368 13.15 -29.57 -17.75
CA ASN F 368 14.32 -29.69 -18.63
C ASN F 368 15.61 -29.18 -18.00
PG ATP G . -29.04 -8.41 12.47
O1G ATP G . -27.69 -8.59 11.65
O2G ATP G . -30.16 -9.21 11.65
O3G ATP G . -29.42 -6.87 12.46
PB ATP G . -29.51 -8.53 15.44
O1B ATP G . -28.93 -9.42 16.51
O2B ATP G . -29.24 -7.09 15.79
O3B ATP G . -28.83 -8.92 14.05
PA ATP G . -32.36 -8.01 15.18
O1A ATP G . -32.46 -7.49 13.69
O2A ATP G . -32.60 -6.89 16.21
O3A ATP G . -31.03 -8.81 15.52
O5' ATP G . -33.54 -9.14 15.30
C5' ATP G . -34.08 -9.81 14.14
C4' ATP G . -35.61 -9.63 14.11
O4' ATP G . -36.30 -10.29 15.20
C3' ATP G . -36.20 -8.20 14.04
O3' ATP G . -37.47 -8.19 13.37
C2' ATP G . -36.32 -7.89 15.55
O2' ATP G . -37.24 -6.80 15.80
C1' ATP G . -36.84 -9.23 16.09
N9 ATP G . -36.46 -9.58 17.44
C8 ATP G . -35.22 -9.95 17.84
N7 ATP G . -35.15 -10.25 19.10
C5 ATP G . -36.42 -10.09 19.58
C6 ATP G . -36.99 -10.26 20.87
N6 ATP G . -36.29 -10.67 21.98
N1 ATP G . -38.30 -10.00 21.03
C2 ATP G . -39.03 -9.59 19.96
N3 ATP G . -38.60 -9.39 18.67
C4 ATP G . -37.27 -9.65 18.55
PG ATP H . 24.49 4.02 21.23
O1G ATP H . 23.19 3.37 20.59
O2G ATP H . 24.29 4.04 22.82
O3G ATP H . 24.55 5.50 20.73
PB ATP H . 27.40 3.66 20.46
O1B ATP H . 28.18 2.42 20.05
O2B ATP H . 27.44 4.74 19.40
O3B ATP H . 25.86 3.23 20.69
PA ATP H . 28.32 5.52 22.50
O1A ATP H . 27.00 6.27 22.91
O2A ATP H . 29.29 6.44 21.68
O3A ATP H . 28.14 4.13 21.74
O5' ATP H . 29.02 5.07 23.90
C5' ATP H . 28.28 4.97 25.12
C4' ATP H . 28.91 5.87 26.21
O4' ATP H . 30.24 5.46 26.62
C3' ATP H . 29.02 7.39 25.96
O3' ATP H . 28.94 8.13 27.18
C2' ATP H . 30.38 7.47 25.29
O2' ATP H . 30.90 8.80 25.32
C1' ATP H . 31.19 6.48 26.15
N9 ATP H . 32.26 5.78 25.47
C8 ATP H . 32.11 4.79 24.54
N7 ATP H . 33.24 4.29 24.13
C5 ATP H . 34.18 4.96 24.81
C6 ATP H . 35.62 4.87 24.79
N6 ATP H . 36.32 4.01 24.00
N1 ATP H . 36.32 5.70 25.63
C2 ATP H . 35.64 6.60 26.42
N3 ATP H . 34.28 6.76 26.49
C4 ATP H . 33.61 5.91 25.67
PG ATP I . 7.74 -12.39 -29.36
O1G ATP I . 7.81 -12.17 -27.79
O2G ATP I . 9.26 -12.59 -29.88
O3G ATP I . 7.16 -11.06 -30.00
PB ATP I . 5.78 -13.99 -30.99
O1B ATP I . 5.16 -15.34 -30.75
O2B ATP I . 4.74 -12.91 -31.18
O3B ATP I . 6.68 -13.64 -29.73
PA ATP I . 7.04 -13.27 -33.51
O1A ATP I . 7.94 -12.05 -33.10
O2A ATP I . 5.83 -12.82 -34.38
O3A ATP I . 6.56 -14.20 -32.32
O5' ATP I . 8.02 -14.26 -34.37
C5' ATP I . 9.45 -14.22 -34.26
C4' ATP I . 10.07 -13.98 -35.65
O4' ATP I . 9.86 -15.06 -36.57
C3' ATP I . 9.72 -12.69 -36.42
O3' ATP I . 10.80 -12.26 -37.26
C2' ATP I . 8.49 -13.18 -37.21
O2' ATP I . 8.20 -12.33 -38.34
C1' ATP I . 8.97 -14.57 -37.63
N9 ATP I . 7.93 -15.59 -37.79
C8 ATP I . 7.24 -16.17 -36.77
N7 ATP I . 6.39 -17.07 -37.18
C5 ATP I . 6.53 -17.12 -38.52
C6 ATP I . 5.90 -17.88 -39.52
N6 ATP I . 4.94 -18.84 -39.27
N1 ATP I . 6.29 -17.70 -40.81
C2 ATP I . 7.22 -16.77 -41.10
N3 ATP I . 7.88 -15.97 -40.21
C4 ATP I . 7.48 -16.19 -38.95
PG ATP J . -4.90 1.12 32.15
O1G ATP J . -4.39 0.61 30.76
O2G ATP J . -6.40 0.71 32.38
O3G ATP J . -4.80 2.69 32.22
PB ATP J . -3.06 1.22 34.45
O1B ATP J . -1.90 0.29 34.78
O2B ATP J . -2.56 2.59 34.05
O3B ATP J . -3.90 0.54 33.30
PA ATP J . -4.74 2.51 36.32
O1A ATP J . -5.84 3.07 35.42
O2A ATP J . -3.70 3.59 36.66
O3A ATP J . -3.98 1.31 35.71
O5' ATP J . -5.41 2.03 37.67
C5' ATP J . -6.67 1.44 37.63
C4' ATP J . -7.59 2.07 38.67
O4' ATP J . -7.18 1.64 39.96
C3' ATP J . -7.70 3.60 38.73
O3' ATP J . -8.97 4.09 39.23
C2' ATP J . -6.50 3.92 39.61
O2' ATP J . -6.58 5.23 40.22
C1' ATP J . -6.55 2.78 40.63
N9 ATP J . -5.25 2.36 41.11
C8 ATP J . -4.37 1.55 40.45
N7 ATP J . -3.28 1.35 41.15
C5 ATP J . -3.46 2.03 42.33
C6 ATP J . -2.65 2.18 43.49
N6 ATP J . -1.40 1.60 43.65
N1 ATP J . -3.10 2.93 44.51
C2 ATP J . -4.34 3.51 44.39
N3 ATP J . -5.20 3.45 43.33
C4 ATP J . -4.69 2.68 42.33
PG ATP K . 30.61 -2.68 -10.14
O1G ATP K . 29.16 -3.12 -9.72
O2G ATP K . 31.51 -2.32 -8.89
O3G ATP K . 30.55 -1.38 -11.04
PB ATP K . 31.88 -3.89 -12.51
O1B ATP K . 31.72 -5.30 -13.03
O2B ATP K . 31.21 -2.89 -13.43
O3B ATP K . 31.26 -3.86 -11.05
PA ATP K . 34.20 -2.28 -12.70
O1A ATP K . 33.82 -1.11 -11.74
O2A ATP K . 33.96 -1.95 -14.17
O3A ATP K . 33.39 -3.59 -12.38
O5' ATP K . 35.73 -2.61 -12.51
C5' ATP K . 36.28 -2.49 -11.21
C4' ATP K . 37.57 -1.65 -11.27
O4' ATP K . 38.59 -2.44 -11.89
C3' ATP K . 37.57 -0.30 -12.01
O3' ATP K . 38.52 0.64 -11.52
C2' ATP K . 37.82 -0.78 -13.43
O2' ATP K . 38.28 0.27 -14.28
C1' ATP K . 38.83 -1.90 -13.22
N9 ATP K . 38.70 -2.98 -14.17
C8 ATP K . 37.77 -4.01 -14.15
N7 ATP K . 37.92 -4.83 -15.14
C5 ATP K . 39.00 -4.37 -15.89
C6 ATP K . 39.67 -4.84 -17.08
N6 ATP K . 39.31 -5.97 -17.78
N1 ATP K . 40.73 -4.13 -17.53
C2 ATP K . 41.13 -3.00 -16.85
N3 ATP K . 40.59 -2.45 -15.72
C4 ATP K . 39.52 -3.19 -15.28
PG ATP L . -22.43 -15.29 -17.64
O1G ATP L . -21.36 -15.03 -16.51
O2G ATP L . -21.72 -15.70 -18.98
O3G ATP L . -23.26 -13.99 -17.92
PB ATP L . -25.02 -16.48 -16.94
O1B ATP L . -25.34 -17.46 -15.83
O2B ATP L . -25.59 -15.10 -16.61
O3B ATP L . -23.47 -16.43 -17.08
PA ATP L . -26.31 -16.32 -19.45
O1A ATP L . -25.36 -15.35 -20.19
O2A ATP L . -27.54 -15.59 -18.87
O3A ATP L . -25.60 -17.03 -18.27
O5' ATP L . -26.80 -17.42 -20.48
C5' ATP L . -25.91 -17.86 -21.44
C4' ATP L . -26.56 -17.82 -22.83
O4' ATP L . -27.53 -18.85 -22.90
C3' ATP L . -27.30 -16.55 -23.29
O3' ATP L . -27.33 -16.38 -24.72
C2' ATP L . -28.64 -16.76 -22.64
O2' ATP L . -29.65 -15.96 -23.25
C1' ATP L . -28.84 -18.26 -22.85
N9 ATP L . -29.58 -18.91 -21.77
C8 ATP L . -29.12 -19.28 -20.57
N7 ATP L . -30.05 -19.84 -19.84
C5 ATP L . -31.18 -19.87 -20.60
C6 ATP L . -32.48 -20.36 -20.38
N6 ATP L . -32.90 -20.98 -19.22
N1 ATP L . -33.40 -20.24 -21.38
C2 ATP L . -33.03 -19.64 -22.57
N3 ATP L . -31.82 -19.13 -22.88
C4 ATP L . -30.93 -19.28 -21.84
#